data_7E4E
# 
_entry.id   7E4E 
# 
_audit_conform.dict_name       mmcif_pdbx.dic 
_audit_conform.dict_version    5.391 
_audit_conform.dict_location   http://mmcif.pdb.org/dictionaries/ascii/mmcif_pdbx.dic 
# 
loop_
_database_2.database_id 
_database_2.database_code 
_database_2.pdbx_database_accession 
_database_2.pdbx_DOI 
PDB   7E4E         pdb_00007e4e 10.2210/pdb7e4e/pdb 
WWPDB D_1300020743 ?            ?                   
BMRB  36410        ?            10.13018/BMR36410   
# 
loop_
_pdbx_audit_revision_history.ordinal 
_pdbx_audit_revision_history.data_content_type 
_pdbx_audit_revision_history.major_revision 
_pdbx_audit_revision_history.minor_revision 
_pdbx_audit_revision_history.revision_date 
1 'Structure model' 1 0 2021-04-07 
2 'Structure model' 1 1 2021-04-21 
3 'Structure model' 1 2 2024-05-01 
# 
_pdbx_audit_revision_details.ordinal             1 
_pdbx_audit_revision_details.revision_ordinal    1 
_pdbx_audit_revision_details.data_content_type   'Structure model' 
_pdbx_audit_revision_details.provider            repository 
_pdbx_audit_revision_details.type                'Initial release' 
_pdbx_audit_revision_details.description         ? 
_pdbx_audit_revision_details.details             ? 
# 
loop_
_pdbx_audit_revision_group.ordinal 
_pdbx_audit_revision_group.revision_ordinal 
_pdbx_audit_revision_group.data_content_type 
_pdbx_audit_revision_group.group 
1 2 'Structure model' 'Database references' 
2 3 'Structure model' 'Data collection'     
3 3 'Structure model' 'Database references' 
# 
loop_
_pdbx_audit_revision_category.ordinal 
_pdbx_audit_revision_category.revision_ordinal 
_pdbx_audit_revision_category.data_content_type 
_pdbx_audit_revision_category.category 
1 2 'Structure model' citation        
2 2 'Structure model' citation_author 
3 3 'Structure model' chem_comp_atom  
4 3 'Structure model' chem_comp_bond  
5 3 'Structure model' database_2      
# 
loop_
_pdbx_audit_revision_item.ordinal 
_pdbx_audit_revision_item.revision_ordinal 
_pdbx_audit_revision_item.data_content_type 
_pdbx_audit_revision_item.item 
1  2 'Structure model' '_citation.country'                   
2  2 'Structure model' '_citation.journal_abbrev'            
3  2 'Structure model' '_citation.journal_id_CSD'            
4  2 'Structure model' '_citation.journal_id_ISSN'           
5  2 'Structure model' '_citation.journal_volume'            
6  2 'Structure model' '_citation.pdbx_database_id_DOI'      
7  2 'Structure model' '_citation.pdbx_database_id_PubMed'   
8  2 'Structure model' '_citation.title'                     
9  2 'Structure model' '_citation.year'                      
10 2 'Structure model' '_citation_author.identifier_ORCID'   
11 3 'Structure model' '_database_2.pdbx_DOI'                
12 3 'Structure model' '_database_2.pdbx_database_accession' 
# 
_pdbx_database_status.status_code                     REL 
_pdbx_database_status.status_code_sf                  ? 
_pdbx_database_status.status_code_mr                  REL 
_pdbx_database_status.entry_id                        7E4E 
_pdbx_database_status.recvd_initial_deposition_date   2021-02-11 
_pdbx_database_status.SG_entry                        N 
_pdbx_database_status.deposit_site                    PDBJ 
_pdbx_database_status.process_site                    PDBJ 
_pdbx_database_status.status_code_cs                  REL 
_pdbx_database_status.status_code_nmr_data            ? 
_pdbx_database_status.methods_development_category    ? 
_pdbx_database_status.pdb_format_compatible           Y 
# 
_pdbx_database_related.db_name        BMRB 
_pdbx_database_related.details        'NMR solution structures of DNA minidumbbell containing a N1-methyladenine' 
_pdbx_database_related.db_id          36410 
_pdbx_database_related.content_type   unspecified 
# 
loop_
_audit_author.name 
_audit_author.pdbx_ordinal 
_audit_author.identifier_ORCID 
'Wan, L.'   1 0000-0003-3663-2678 
'Guo, P.'   2 0000-0001-7760-5786 
'Lam, S.L.' 3 0000-0001-5368-706X 
# 
_citation.abstract                  ? 
_citation.abstract_id_CAS           ? 
_citation.book_id_ISBN              ? 
_citation.book_publisher            ? 
_citation.book_publisher_city       ? 
_citation.book_title                ? 
_citation.coordinate_linkage        ? 
_citation.country                   CH 
_citation.database_id_Medline       ? 
_citation.details                   ? 
_citation.id                        primary 
_citation.journal_abbrev            'Int J Mol Sci' 
_citation.journal_id_ASTM           ? 
_citation.journal_id_CSD            ? 
_citation.journal_id_ISSN           1422-0067 
_citation.journal_full              ? 
_citation.journal_issue             ? 
_citation.journal_volume            22 
_citation.language                  ? 
_citation.page_first                ? 
_citation.page_last                 ? 
_citation.title                     
'Effects of Adenine Methylation on the Structure and Thermodynamic Stability of a DNA Minidumbbell.' 
_citation.year                      2021 
_citation.database_id_CSD           ? 
_citation.pdbx_database_id_DOI      10.3390/ijms22073633 
_citation.pdbx_database_id_PubMed   33807305 
_citation.unpublished_flag          ? 
# 
loop_
_citation_author.citation_id 
_citation_author.name 
_citation_author.ordinal 
_citation_author.identifier_ORCID 
primary 'Wan, L.'   1 0000-0003-3663-2678 
primary 'Lam, S.L.' 2 ?                   
primary 'Lee, H.K.' 3 ?                   
primary 'Guo, P.'   4 0000-0001-7760-5786 
# 
loop_
_entity.id 
_entity.type 
_entity.src_method 
_entity.pdbx_description 
_entity.formula_weight 
_entity.pdbx_number_of_molecules 
_entity.pdbx_ec 
_entity.pdbx_mutation 
_entity.pdbx_fragment 
_entity.details 
1 polymer     syn 
;DNA (5'-D(*TP*TP*TP*(MA7)P*TP*TP*TP*A)-3')
;
2421.647 1 ? ? ? ? 
2 non-polymer syn 'SODIUM ION'                                 22.990   6 ? ? ? ? 
# 
_entity_poly.entity_id                      1 
_entity_poly.type                           polydeoxyribonucleotide 
_entity_poly.nstd_linkage                   no 
_entity_poly.nstd_monomer                   yes 
_entity_poly.pdbx_seq_one_letter_code       '(DT)(DT)(DT)(MA7)(DT)(DT)(DT)(DA)' 
_entity_poly.pdbx_seq_one_letter_code_can   TTTATTTA 
_entity_poly.pdbx_strand_id                 A 
_entity_poly.pdbx_target_identifier         ? 
# 
_pdbx_entity_nonpoly.entity_id   2 
_pdbx_entity_nonpoly.name        'SODIUM ION' 
_pdbx_entity_nonpoly.comp_id     NA 
# 
loop_
_entity_poly_seq.entity_id 
_entity_poly_seq.num 
_entity_poly_seq.mon_id 
_entity_poly_seq.hetero 
1 1 DT  n 
1 2 DT  n 
1 3 DT  n 
1 4 MA7 n 
1 5 DT  n 
1 6 DT  n 
1 7 DT  n 
1 8 DA  n 
# 
_pdbx_entity_src_syn.entity_id              1 
_pdbx_entity_src_syn.pdbx_src_id            1 
_pdbx_entity_src_syn.pdbx_alt_source_flag   sample 
_pdbx_entity_src_syn.pdbx_beg_seq_num       1 
_pdbx_entity_src_syn.pdbx_end_seq_num       8 
_pdbx_entity_src_syn.organism_scientific    'Staphylococcus aureus' 
_pdbx_entity_src_syn.organism_common_name   ? 
_pdbx_entity_src_syn.ncbi_taxonomy_id       1280 
_pdbx_entity_src_syn.details                ? 
# 
loop_
_chem_comp.id 
_chem_comp.type 
_chem_comp.mon_nstd_flag 
_chem_comp.name 
_chem_comp.pdbx_synonyms 
_chem_comp.formula 
_chem_comp.formula_weight 
DA  'DNA linking' y "2'-DEOXYADENOSINE-5'-MONOPHOSPHATE"  ? 'C10 H14 N5 O6 P'   331.222 
DT  'DNA linking' y "THYMIDINE-5'-MONOPHOSPHATE"          ? 'C10 H15 N2 O8 P'   322.208 
MA7 'DNA linking' n "1N-METHYLADENOSINE-5'-MONOPHOSPHATE" ? 'C11 H17 N5 O6 P 1' 346.256 
NA  non-polymer   . 'SODIUM ION'                          ? 'Na 1'              22.990  
# 
loop_
_pdbx_poly_seq_scheme.asym_id 
_pdbx_poly_seq_scheme.entity_id 
_pdbx_poly_seq_scheme.seq_id 
_pdbx_poly_seq_scheme.mon_id 
_pdbx_poly_seq_scheme.ndb_seq_num 
_pdbx_poly_seq_scheme.pdb_seq_num 
_pdbx_poly_seq_scheme.auth_seq_num 
_pdbx_poly_seq_scheme.pdb_mon_id 
_pdbx_poly_seq_scheme.auth_mon_id 
_pdbx_poly_seq_scheme.pdb_strand_id 
_pdbx_poly_seq_scheme.pdb_ins_code 
_pdbx_poly_seq_scheme.hetero 
A 1 1 DT  1 1 1 DT  DT  A . n 
A 1 2 DT  2 2 2 DT  DT  A . n 
A 1 3 DT  3 3 3 DT  DT  A . n 
A 1 4 MA7 4 4 4 MA7 MA7 A . n 
A 1 5 DT  5 5 5 DT  DT  A . n 
A 1 6 DT  6 6 6 DT  DT  A . n 
A 1 7 DT  7 7 7 DT  DT  A . n 
A 1 8 DA  8 8 8 DA  DA  A . n 
# 
loop_
_pdbx_nonpoly_scheme.asym_id 
_pdbx_nonpoly_scheme.entity_id 
_pdbx_nonpoly_scheme.mon_id 
_pdbx_nonpoly_scheme.ndb_seq_num 
_pdbx_nonpoly_scheme.pdb_seq_num 
_pdbx_nonpoly_scheme.auth_seq_num 
_pdbx_nonpoly_scheme.pdb_mon_id 
_pdbx_nonpoly_scheme.auth_mon_id 
_pdbx_nonpoly_scheme.pdb_strand_id 
_pdbx_nonpoly_scheme.pdb_ins_code 
B 2 NA 1 101 9  NA NA A . 
C 2 NA 1 102 10 NA NA A . 
D 2 NA 1 103 11 NA NA A . 
E 2 NA 1 104 12 NA NA A . 
F 2 NA 1 105 13 NA NA A . 
G 2 NA 1 106 14 NA NA A . 
# 
_exptl.absorpt_coefficient_mu     ? 
_exptl.absorpt_correction_T_max   ? 
_exptl.absorpt_correction_T_min   ? 
_exptl.absorpt_correction_type    ? 
_exptl.absorpt_process_details    ? 
_exptl.entry_id                   7E4E 
_exptl.crystals_number            ? 
_exptl.details                    ? 
_exptl.method                     'SOLUTION NMR' 
_exptl.method_details             ? 
# 
_struct.entry_id                     7E4E 
_struct.title                        'NMR solution structures of DNA minidumbbell containing a N1-methyladenine' 
_struct.pdbx_model_details           ? 
_struct.pdbx_formula_weight          ? 
_struct.pdbx_formula_weight_method   ? 
_struct.pdbx_model_type_details      ? 
_struct.pdbx_CASP_flag               N 
# 
_struct_keywords.entry_id        7E4E 
_struct_keywords.text            'DNA minidumbbell, N1-methyladenine, methylation, non-B DNA, Hoogsteen base pair, DNA' 
_struct_keywords.pdbx_keywords   DNA 
# 
loop_
_struct_asym.id 
_struct_asym.pdbx_blank_PDB_chainid_flag 
_struct_asym.pdbx_modified 
_struct_asym.entity_id 
_struct_asym.details 
A N N 1 ? 
B N N 2 ? 
C N N 2 ? 
D N N 2 ? 
E N N 2 ? 
F N N 2 ? 
G N N 2 ? 
# 
_struct_ref.id                         1 
_struct_ref.db_name                    PDB 
_struct_ref.db_code                    7E4E 
_struct_ref.pdbx_db_accession          7E4E 
_struct_ref.pdbx_db_isoform            ? 
_struct_ref.entity_id                  1 
_struct_ref.pdbx_seq_one_letter_code   ? 
_struct_ref.pdbx_align_begin           1 
# 
_struct_ref_seq.align_id                      1 
_struct_ref_seq.ref_id                        1 
_struct_ref_seq.pdbx_PDB_id_code              7E4E 
_struct_ref_seq.pdbx_strand_id                A 
_struct_ref_seq.seq_align_beg                 1 
_struct_ref_seq.pdbx_seq_align_beg_ins_code   ? 
_struct_ref_seq.seq_align_end                 8 
_struct_ref_seq.pdbx_seq_align_end_ins_code   ? 
_struct_ref_seq.pdbx_db_accession             7E4E 
_struct_ref_seq.db_align_beg                  1 
_struct_ref_seq.pdbx_db_align_beg_ins_code    ? 
_struct_ref_seq.db_align_end                  8 
_struct_ref_seq.pdbx_db_align_end_ins_code    ? 
_struct_ref_seq.pdbx_auth_seq_align_beg       1 
_struct_ref_seq.pdbx_auth_seq_align_end       8 
# 
_pdbx_struct_assembly.id                   1 
_pdbx_struct_assembly.details              author_defined_assembly 
_pdbx_struct_assembly.method_details       ? 
_pdbx_struct_assembly.oligomeric_details   monomeric 
_pdbx_struct_assembly.oligomeric_count     1 
# 
loop_
_pdbx_struct_assembly_prop.biol_id 
_pdbx_struct_assembly_prop.type 
_pdbx_struct_assembly_prop.value 
_pdbx_struct_assembly_prop.details 
1 'ABSA (A^2)' 1400 ? 
1 MORE         -68  ? 
1 'SSA (A^2)'  1310 ? 
# 
_pdbx_struct_assembly_gen.assembly_id       1 
_pdbx_struct_assembly_gen.oper_expression   1 
_pdbx_struct_assembly_gen.asym_id_list      A,B,C,D,E,F,G 
# 
_pdbx_struct_assembly_auth_evidence.id                     1 
_pdbx_struct_assembly_auth_evidence.assembly_id            1 
_pdbx_struct_assembly_auth_evidence.experimental_support   none 
_pdbx_struct_assembly_auth_evidence.details                ? 
# 
_pdbx_struct_oper_list.id                   1 
_pdbx_struct_oper_list.type                 'identity operation' 
_pdbx_struct_oper_list.name                 1_555 
_pdbx_struct_oper_list.symmetry_operation   ? 
_pdbx_struct_oper_list.matrix[1][1]         1.0000000000 
_pdbx_struct_oper_list.matrix[1][2]         0.0000000000 
_pdbx_struct_oper_list.matrix[1][3]         0.0000000000 
_pdbx_struct_oper_list.vector[1]            0.0000000000 
_pdbx_struct_oper_list.matrix[2][1]         0.0000000000 
_pdbx_struct_oper_list.matrix[2][2]         1.0000000000 
_pdbx_struct_oper_list.matrix[2][3]         0.0000000000 
_pdbx_struct_oper_list.vector[2]            0.0000000000 
_pdbx_struct_oper_list.matrix[3][1]         0.0000000000 
_pdbx_struct_oper_list.matrix[3][2]         0.0000000000 
_pdbx_struct_oper_list.matrix[3][3]         1.0000000000 
_pdbx_struct_oper_list.vector[3]            0.0000000000 
# 
loop_
_struct_conn.id 
_struct_conn.conn_type_id 
_struct_conn.pdbx_leaving_atom_flag 
_struct_conn.pdbx_PDB_id 
_struct_conn.ptnr1_label_asym_id 
_struct_conn.ptnr1_label_comp_id 
_struct_conn.ptnr1_label_seq_id 
_struct_conn.ptnr1_label_atom_id 
_struct_conn.pdbx_ptnr1_label_alt_id 
_struct_conn.pdbx_ptnr1_PDB_ins_code 
_struct_conn.pdbx_ptnr1_standard_comp_id 
_struct_conn.ptnr1_symmetry 
_struct_conn.ptnr2_label_asym_id 
_struct_conn.ptnr2_label_comp_id 
_struct_conn.ptnr2_label_seq_id 
_struct_conn.ptnr2_label_atom_id 
_struct_conn.pdbx_ptnr2_label_alt_id 
_struct_conn.pdbx_ptnr2_PDB_ins_code 
_struct_conn.ptnr1_auth_asym_id 
_struct_conn.ptnr1_auth_comp_id 
_struct_conn.ptnr1_auth_seq_id 
_struct_conn.ptnr2_auth_asym_id 
_struct_conn.ptnr2_auth_comp_id 
_struct_conn.ptnr2_auth_seq_id 
_struct_conn.ptnr2_symmetry 
_struct_conn.pdbx_ptnr3_label_atom_id 
_struct_conn.pdbx_ptnr3_label_seq_id 
_struct_conn.pdbx_ptnr3_label_comp_id 
_struct_conn.pdbx_ptnr3_label_asym_id 
_struct_conn.pdbx_ptnr3_label_alt_id 
_struct_conn.pdbx_ptnr3_PDB_ins_code 
_struct_conn.details 
_struct_conn.pdbx_dist_value 
_struct_conn.pdbx_value_order 
_struct_conn.pdbx_role 
covale1  covale both ? A DT  3 "O3'" ? ? ? 1_555 A MA7 4 P  ? ? A DT  3 A MA7 4   1_555 ? ? ? ? ? ? ?                1.601 ? ? 
covale2  covale both ? A MA7 4 "O3'" ? ? ? 1_555 A DT  5 P  ? ? A MA7 4 A DT  5   1_555 ? ? ? ? ? ? ?                1.636 ? ? 
metalc1  metalc ?    ? A DT  2 OP1   ? ? ? 1_555 C NA  . NA ? ? A DT  2 A NA  102 1_555 ? ? ? ? ? ? ?                2.172 ? ? 
metalc2  metalc ?    ? A DT  2 "O5'" ? ? ? 1_555 C NA  . NA ? ? A DT  2 A NA  102 1_555 ? ? ? ? ? ? ?                2.486 ? ? 
metalc3  metalc ?    ? A DT  2 "O4'" ? ? ? 1_555 C NA  . NA ? ? A DT  2 A NA  102 1_555 ? ? ? ? ? ? ?                2.334 ? ? 
metalc4  metalc ?    ? A DT  2 O4    ? ? ? 1_555 G NA  . NA ? ? A DT  2 A NA  106 1_555 ? ? ? ? ? ? ?                2.278 ? ? 
metalc5  metalc ?    ? A DT  3 OP1   ? ? ? 1_555 F NA  . NA ? ? A DT  3 A NA  105 1_555 ? ? ? ? ? ? ?                2.189 ? ? 
metalc6  metalc ?    ? A MA7 4 OP1   ? ? ? 1_555 D NA  . NA ? ? A MA7 4 A NA  103 1_555 ? ? ? ? ? ? ?                2.182 ? ? 
metalc7  metalc ?    ? A MA7 4 "O4'" ? ? ? 1_555 D NA  . NA ? ? A MA7 4 A NA  103 1_555 ? ? ? ? ? ? ?                2.426 ? ? 
metalc8  metalc ?    ? A MA7 4 OP1   ? ? ? 1_555 F NA  . NA ? ? A MA7 4 A NA  105 1_555 ? ? ? ? ? ? ?                2.498 ? ? 
metalc9  metalc ?    ? A MA7 4 OP2   ? ? ? 1_555 F NA  . NA ? ? A MA7 4 A NA  105 1_555 ? ? ? ? ? ? ?                2.291 ? ? 
metalc10 metalc ?    ? A DT  5 OP1   ? ? ? 1_555 D NA  . NA ? ? A DT  5 A NA  103 1_555 ? ? ? ? ? ? ?                2.163 ? ? 
metalc11 metalc ?    ? A DT  6 OP1   ? ? ? 1_555 G NA  . NA ? ? A DT  6 A NA  106 1_555 ? ? ? ? ? ? ?                2.172 ? ? 
metalc12 metalc ?    ? A DT  6 "O4'" ? ? ? 1_555 G NA  . NA ? ? A DT  6 A NA  106 1_555 ? ? ? ? ? ? ?                2.365 ? ? 
metalc13 metalc ?    ? A DT  7 OP1   ? ? ? 1_555 B NA  . NA ? ? A DT  7 A NA  101 1_555 ? ? ? ? ? ? ?                2.169 ? ? 
metalc14 metalc ?    ? A DT  7 "O3'" ? ? ? 1_555 E NA  . NA ? ? A DT  7 A NA  104 1_555 ? ? ? ? ? ? ?                2.367 ? ? 
metalc15 metalc ?    ? A DA  8 OP1   ? ? ? 1_555 B NA  . NA ? ? A DA  8 A NA  101 1_555 ? ? ? ? ? ? ?                2.193 ? ? 
metalc16 metalc ?    ? A DA  8 OP2   ? ? ? 1_555 E NA  . NA ? ? A DA  8 A NA  104 1_555 ? ? ? ? ? ? ?                2.224 ? ? 
hydrog1  hydrog ?    ? A DT  1 N3    ? ? ? 1_555 A MA7 4 N7 ? ? A DT  1 A MA7 4   1_555 ? ? ? ? ? ? HOOGSTEEN        ?     ? ? 
hydrog2  hydrog ?    ? A DT  1 O4    ? ? ? 1_555 A MA7 4 N6 ? ? A DT  1 A MA7 4   1_555 ? ? ? ? ? ? HOOGSTEEN        ?     ? ? 
hydrog3  hydrog ?    ? A MA7 4 N6    ? ? ? 1_555 A DA  8 N1 ? ? A MA7 4 A DA  8   1_555 ? ? ? ? ? ? 'MA7-DA MISPAIR' ?     ? ? 
hydrog4  hydrog ?    ? A DT  5 N3    ? ? ? 1_555 A DA  8 N1 ? ? A DT  5 A DA  8   1_555 ? ? ? ? ? ? WATSON-CRICK     ?     ? ? 
hydrog5  hydrog ?    ? A DT  5 O4    ? ? ? 1_555 A DA  8 N6 ? ? A DT  5 A DA  8   1_555 ? ? ? ? ? ? WATSON-CRICK     ?     ? ? 
# 
loop_
_struct_conn_type.id 
_struct_conn_type.criteria 
_struct_conn_type.reference 
covale ? ? 
metalc ? ? 
hydrog ? ? 
# 
loop_
_pdbx_struct_conn_angle.id 
_pdbx_struct_conn_angle.ptnr1_label_atom_id 
_pdbx_struct_conn_angle.ptnr1_label_alt_id 
_pdbx_struct_conn_angle.ptnr1_label_asym_id 
_pdbx_struct_conn_angle.ptnr1_label_comp_id 
_pdbx_struct_conn_angle.ptnr1_label_seq_id 
_pdbx_struct_conn_angle.ptnr1_auth_atom_id 
_pdbx_struct_conn_angle.ptnr1_auth_asym_id 
_pdbx_struct_conn_angle.ptnr1_auth_comp_id 
_pdbx_struct_conn_angle.ptnr1_auth_seq_id 
_pdbx_struct_conn_angle.ptnr1_PDB_ins_code 
_pdbx_struct_conn_angle.ptnr1_symmetry 
_pdbx_struct_conn_angle.ptnr2_label_atom_id 
_pdbx_struct_conn_angle.ptnr2_label_alt_id 
_pdbx_struct_conn_angle.ptnr2_label_asym_id 
_pdbx_struct_conn_angle.ptnr2_label_comp_id 
_pdbx_struct_conn_angle.ptnr2_label_seq_id 
_pdbx_struct_conn_angle.ptnr2_auth_atom_id 
_pdbx_struct_conn_angle.ptnr2_auth_asym_id 
_pdbx_struct_conn_angle.ptnr2_auth_comp_id 
_pdbx_struct_conn_angle.ptnr2_auth_seq_id 
_pdbx_struct_conn_angle.ptnr2_PDB_ins_code 
_pdbx_struct_conn_angle.ptnr2_symmetry 
_pdbx_struct_conn_angle.ptnr3_label_atom_id 
_pdbx_struct_conn_angle.ptnr3_label_alt_id 
_pdbx_struct_conn_angle.ptnr3_label_asym_id 
_pdbx_struct_conn_angle.ptnr3_label_comp_id 
_pdbx_struct_conn_angle.ptnr3_label_seq_id 
_pdbx_struct_conn_angle.ptnr3_auth_atom_id 
_pdbx_struct_conn_angle.ptnr3_auth_asym_id 
_pdbx_struct_conn_angle.ptnr3_auth_comp_id 
_pdbx_struct_conn_angle.ptnr3_auth_seq_id 
_pdbx_struct_conn_angle.ptnr3_PDB_ins_code 
_pdbx_struct_conn_angle.ptnr3_symmetry 
_pdbx_struct_conn_angle.value 
_pdbx_struct_conn_angle.value_esd 
1  OP1   ? A DT  2 ? A DT  2 ? 1_555 NA ? C NA . ? A NA 102 ? 1_555 "O5'" ? A DT  2 ? A DT  2 ? 1_555 61.9  ? 
2  OP1   ? A DT  2 ? A DT  2 ? 1_555 NA ? C NA . ? A NA 102 ? 1_555 "O4'" ? A DT  2 ? A DT  2 ? 1_555 129.6 ? 
3  "O5'" ? A DT  2 ? A DT  2 ? 1_555 NA ? C NA . ? A NA 102 ? 1_555 "O4'" ? A DT  2 ? A DT  2 ? 1_555 67.8  ? 
4  O4    ? A DT  2 ? A DT  2 ? 1_555 NA ? G NA . ? A NA 106 ? 1_555 OP1   ? A DT  6 ? A DT  6 ? 1_555 134.1 ? 
5  O4    ? A DT  2 ? A DT  2 ? 1_555 NA ? G NA . ? A NA 106 ? 1_555 "O4'" ? A DT  6 ? A DT  6 ? 1_555 108.8 ? 
6  OP1   ? A DT  6 ? A DT  6 ? 1_555 NA ? G NA . ? A NA 106 ? 1_555 "O4'" ? A DT  6 ? A DT  6 ? 1_555 87.4  ? 
7  OP1   ? A DT  3 ? A DT  3 ? 1_555 NA ? F NA . ? A NA 105 ? 1_555 OP1   ? A MA7 4 ? A MA7 4 ? 1_555 103.1 ? 
8  OP1   ? A DT  3 ? A DT  3 ? 1_555 NA ? F NA . ? A NA 105 ? 1_555 OP2   ? A MA7 4 ? A MA7 4 ? 1_555 143.4 ? 
9  OP1   ? A MA7 4 ? A MA7 4 ? 1_555 NA ? F NA . ? A NA 105 ? 1_555 OP2   ? A MA7 4 ? A MA7 4 ? 1_555 62.2  ? 
10 OP1   ? A MA7 4 ? A MA7 4 ? 1_555 NA ? D NA . ? A NA 103 ? 1_555 "O4'" ? A MA7 4 ? A MA7 4 ? 1_555 74.6  ? 
11 OP1   ? A MA7 4 ? A MA7 4 ? 1_555 NA ? D NA . ? A NA 103 ? 1_555 OP1   ? A DT  5 ? A DT  5 ? 1_555 136.5 ? 
12 "O4'" ? A MA7 4 ? A MA7 4 ? 1_555 NA ? D NA . ? A NA 103 ? 1_555 OP1   ? A DT  5 ? A DT  5 ? 1_555 85.3  ? 
13 OP1   ? A DT  7 ? A DT  7 ? 1_555 NA ? B NA . ? A NA 101 ? 1_555 OP1   ? A DA  8 ? A DA  8 ? 1_555 133.1 ? 
14 "O3'" ? A DT  7 ? A DT  7 ? 1_555 NA ? E NA . ? A NA 104 ? 1_555 OP2   ? A DA  8 ? A DA  8 ? 1_555 63.4  ? 
# 
loop_
_pdbx_validate_rmsd_angle.id 
_pdbx_validate_rmsd_angle.PDB_model_num 
_pdbx_validate_rmsd_angle.auth_atom_id_1 
_pdbx_validate_rmsd_angle.auth_asym_id_1 
_pdbx_validate_rmsd_angle.auth_comp_id_1 
_pdbx_validate_rmsd_angle.auth_seq_id_1 
_pdbx_validate_rmsd_angle.PDB_ins_code_1 
_pdbx_validate_rmsd_angle.label_alt_id_1 
_pdbx_validate_rmsd_angle.auth_atom_id_2 
_pdbx_validate_rmsd_angle.auth_asym_id_2 
_pdbx_validate_rmsd_angle.auth_comp_id_2 
_pdbx_validate_rmsd_angle.auth_seq_id_2 
_pdbx_validate_rmsd_angle.PDB_ins_code_2 
_pdbx_validate_rmsd_angle.label_alt_id_2 
_pdbx_validate_rmsd_angle.auth_atom_id_3 
_pdbx_validate_rmsd_angle.auth_asym_id_3 
_pdbx_validate_rmsd_angle.auth_comp_id_3 
_pdbx_validate_rmsd_angle.auth_seq_id_3 
_pdbx_validate_rmsd_angle.PDB_ins_code_3 
_pdbx_validate_rmsd_angle.label_alt_id_3 
_pdbx_validate_rmsd_angle.angle_value 
_pdbx_validate_rmsd_angle.angle_target_value 
_pdbx_validate_rmsd_angle.angle_deviation 
_pdbx_validate_rmsd_angle.angle_standard_deviation 
_pdbx_validate_rmsd_angle.linker_flag 
1  1 "O4'" A DT 1 ? ? "C1'" A DT 1 ? ? N1    A DT 1 ? ? 110.87 108.30 2.57  0.30 N 
2  1 C6    A DT 2 ? ? C5    A DT 2 ? ? C7    A DT 2 ? ? 119.15 122.90 -3.75 0.60 N 
3  1 C6    A DT 3 ? ? C5    A DT 3 ? ? C7    A DT 3 ? ? 119.18 122.90 -3.72 0.60 N 
4  1 "C4'" A DT 6 ? ? "C3'" A DT 6 ? ? "C2'" A DT 6 ? ? 97.74  102.20 -4.46 0.70 N 
5  1 "O4'" A DT 6 ? ? "C1'" A DT 6 ? ? "C2'" A DT 6 ? ? 100.99 105.90 -4.91 0.80 N 
6  1 "O4'" A DT 6 ? ? "C1'" A DT 6 ? ? N1    A DT 6 ? ? 114.08 108.30 5.78  0.30 N 
7  1 "O4'" A DT 7 ? ? "C1'" A DT 7 ? ? N1    A DT 7 ? ? 110.69 108.30 2.39  0.30 N 
8  1 C6    A DT 7 ? ? C5    A DT 7 ? ? C7    A DT 7 ? ? 118.99 122.90 -3.91 0.60 N 
9  1 C4    A DA 8 ? ? C5    A DA 8 ? ? C6    A DA 8 ? ? 113.29 117.00 -3.71 0.50 N 
10 1 N1    A DA 8 ? ? C6    A DA 8 ? ? N6    A DA 8 ? ? 111.03 118.60 -7.57 0.60 N 
11 2 "O4'" A DT 1 ? ? "C1'" A DT 1 ? ? N1    A DT 1 ? ? 111.55 108.30 3.25  0.30 N 
12 2 N3    A DT 2 ? ? C2    A DT 2 ? ? O2    A DT 2 ? ? 118.59 122.30 -3.71 0.60 N 
13 2 C6    A DT 2 ? ? C5    A DT 2 ? ? C7    A DT 2 ? ? 119.29 122.90 -3.61 0.60 N 
14 2 C6    A DT 3 ? ? C5    A DT 3 ? ? C7    A DT 3 ? ? 119.09 122.90 -3.81 0.60 N 
15 2 "C4'" A DT 6 ? ? "C3'" A DT 6 ? ? "C2'" A DT 6 ? ? 97.92  102.20 -4.28 0.70 N 
16 2 "O4'" A DT 6 ? ? "C1'" A DT 6 ? ? N1    A DT 6 ? ? 113.86 108.30 5.56  0.30 N 
17 2 "O4'" A DT 7 ? ? "C1'" A DT 7 ? ? N1    A DT 7 ? ? 110.43 108.30 2.13  0.30 N 
18 2 C6    A DT 7 ? ? C5    A DT 7 ? ? C7    A DT 7 ? ? 119.08 122.90 -3.82 0.60 N 
19 2 C4    A DA 8 ? ? C5    A DA 8 ? ? C6    A DA 8 ? ? 113.43 117.00 -3.57 0.50 N 
20 2 N1    A DA 8 ? ? C6    A DA 8 ? ? N6    A DA 8 ? ? 111.34 118.60 -7.26 0.60 N 
21 3 C6    A DT 3 ? ? C5    A DT 3 ? ? C7    A DT 3 ? ? 119.17 122.90 -3.73 0.60 N 
22 3 "O4'" A DT 6 ? ? "C1'" A DT 6 ? ? N1    A DT 6 ? ? 113.30 108.30 5.00  0.30 N 
23 3 C6    A DT 7 ? ? C5    A DT 7 ? ? C7    A DT 7 ? ? 119.29 122.90 -3.61 0.60 N 
24 3 "O4'" A DA 8 ? ? "C1'" A DA 8 ? ? N9    A DA 8 ? ? 110.34 108.30 2.04  0.30 N 
25 3 N1    A DA 8 ? ? C6    A DA 8 ? ? N6    A DA 8 ? ? 112.45 118.60 -6.15 0.60 N 
26 4 "O4'" A DT 1 ? ? "C1'" A DT 1 ? ? N1    A DT 1 ? ? 111.29 108.30 2.99  0.30 N 
27 4 "O4'" A DT 3 ? ? "C1'" A DT 3 ? ? N1    A DT 3 ? ? 110.66 108.30 2.36  0.30 N 
28 4 C6    A DT 3 ? ? C5    A DT 3 ? ? C7    A DT 3 ? ? 119.21 122.90 -3.69 0.60 N 
29 4 "C4'" A DT 6 ? ? "C3'" A DT 6 ? ? "C2'" A DT 6 ? ? 97.04  102.20 -5.16 0.70 N 
30 4 "O4'" A DT 6 ? ? "C1'" A DT 6 ? ? N1    A DT 6 ? ? 112.47 108.30 4.17  0.30 N 
31 4 "O5'" A DT 7 ? ? "C5'" A DT 7 ? ? "C4'" A DT 7 ? ? 104.55 109.40 -4.85 0.80 N 
32 4 "O4'" A DT 7 ? ? "C1'" A DT 7 ? ? N1    A DT 7 ? ? 110.58 108.30 2.28  0.30 N 
33 4 C6    A DT 7 ? ? C5    A DT 7 ? ? C7    A DT 7 ? ? 119.18 122.90 -3.72 0.60 N 
34 4 C4    A DA 8 ? ? C5    A DA 8 ? ? C6    A DA 8 ? ? 113.39 117.00 -3.61 0.50 N 
35 4 N1    A DA 8 ? ? C6    A DA 8 ? ? N6    A DA 8 ? ? 111.35 118.60 -7.25 0.60 N 
36 5 "O4'" A DT 1 ? ? "C1'" A DT 1 ? ? N1    A DT 1 ? ? 112.39 108.30 4.09  0.30 N 
37 5 "O4'" A DT 3 ? ? "C1'" A DT 3 ? ? N1    A DT 3 ? ? 110.36 108.30 2.06  0.30 N 
38 5 C6    A DT 3 ? ? C5    A DT 3 ? ? C7    A DT 3 ? ? 119.02 122.90 -3.88 0.60 N 
39 5 C6    A DT 5 ? ? C5    A DT 5 ? ? C7    A DT 5 ? ? 119.29 122.90 -3.61 0.60 N 
40 5 "C4'" A DT 6 ? ? "C3'" A DT 6 ? ? "C2'" A DT 6 ? ? 96.80  102.20 -5.40 0.70 N 
41 5 "O4'" A DT 6 ? ? "C1'" A DT 6 ? ? N1    A DT 6 ? ? 113.37 108.30 5.07  0.30 N 
42 5 "O4'" A DT 7 ? ? "C1'" A DT 7 ? ? N1    A DT 7 ? ? 110.52 108.30 2.22  0.30 N 
43 5 C6    A DT 7 ? ? C5    A DT 7 ? ? C7    A DT 7 ? ? 119.11 122.90 -3.79 0.60 N 
44 5 C4    A DA 8 ? ? C5    A DA 8 ? ? C6    A DA 8 ? ? 113.25 117.00 -3.75 0.50 N 
45 5 N1    A DA 8 ? ? C6    A DA 8 ? ? N6    A DA 8 ? ? 111.05 118.60 -7.55 0.60 N 
# 
loop_
_pdbx_validate_planes.id 
_pdbx_validate_planes.PDB_model_num 
_pdbx_validate_planes.auth_comp_id 
_pdbx_validate_planes.auth_asym_id 
_pdbx_validate_planes.auth_seq_id 
_pdbx_validate_planes.PDB_ins_code 
_pdbx_validate_planes.label_alt_id 
_pdbx_validate_planes.rmsd 
_pdbx_validate_planes.type 
1 1 DT A 6 ? ? 0.065 'SIDE CHAIN' 
2 1 DA A 8 ? ? 0.066 'SIDE CHAIN' 
3 4 DT A 6 ? ? 0.078 'SIDE CHAIN' 
4 5 DT A 6 ? ? 0.075 'SIDE CHAIN' 
# 
_pdbx_entry_details.entry_id                 7E4E 
_pdbx_entry_details.has_ligand_of_interest   Y 
_pdbx_entry_details.compound_details         ? 
_pdbx_entry_details.source_details           ? 
_pdbx_entry_details.nonpolymer_details       ? 
_pdbx_entry_details.sequence_details         ? 
# 
_pdbx_nmr_ensemble.entry_id                                      7E4E 
_pdbx_nmr_ensemble.conformers_calculated_total_number            100 
_pdbx_nmr_ensemble.conformers_submitted_total_number             5 
_pdbx_nmr_ensemble.conformer_selection_criteria                  'structures with the least restraint violations' 
_pdbx_nmr_ensemble.representative_conformer                      ? 
_pdbx_nmr_ensemble.average_constraints_per_residue               ? 
_pdbx_nmr_ensemble.average_constraint_violations_per_residue     ? 
_pdbx_nmr_ensemble.maximum_distance_constraint_violation         ? 
_pdbx_nmr_ensemble.average_distance_constraint_violation         ? 
_pdbx_nmr_ensemble.maximum_upper_distance_constraint_violation   ? 
_pdbx_nmr_ensemble.maximum_lower_distance_constraint_violation   ? 
_pdbx_nmr_ensemble.distance_constraint_violation_method          ? 
_pdbx_nmr_ensemble.maximum_torsion_angle_constraint_violation    ? 
_pdbx_nmr_ensemble.average_torsion_angle_constraint_violation    ? 
_pdbx_nmr_ensemble.torsion_angle_constraint_violation_method     ? 
# 
_pdbx_nmr_representative.entry_id             7E4E 
_pdbx_nmr_representative.conformer_id         1 
_pdbx_nmr_representative.selection_criteria   'fewest violations' 
# 
_pdbx_nmr_sample_details.solution_id      1 
_pdbx_nmr_sample_details.contents         
;0.5 mM NA DNA (5'-D(*TP*TP*TP*(MA7)P*TP*TP*TP*A)-3'), 10 mM NA sodium phosphate, 0.02 mM NA DSS, 99.96% D2O
;
_pdbx_nmr_sample_details.solvent_system   '99.96% D2O' 
_pdbx_nmr_sample_details.label            1 
_pdbx_nmr_sample_details.type             solution 
_pdbx_nmr_sample_details.details          ? 
# 
loop_
_pdbx_nmr_exptl_sample.solution_id 
_pdbx_nmr_exptl_sample.component 
_pdbx_nmr_exptl_sample.concentration 
_pdbx_nmr_exptl_sample.concentration_range 
_pdbx_nmr_exptl_sample.concentration_units 
_pdbx_nmr_exptl_sample.isotopic_labeling 
1 
;DNA (5'-D(*TP*TP*TP*(MA7)P*TP*TP*TP*A)-3')
;
0.5  ? mM NA 
1 'sodium phosphate'                           10   ? mM NA 
1 DSS                                          0.02 ? mM NA 
# 
_pdbx_nmr_exptl_sample_conditions.conditions_id          1 
_pdbx_nmr_exptl_sample_conditions.temperature            278 
_pdbx_nmr_exptl_sample_conditions.pressure_units         atm 
_pdbx_nmr_exptl_sample_conditions.pressure               1 
_pdbx_nmr_exptl_sample_conditions.pH                     7.0 
_pdbx_nmr_exptl_sample_conditions.ionic_strength         10 
_pdbx_nmr_exptl_sample_conditions.details                ? 
_pdbx_nmr_exptl_sample_conditions.ionic_strength_err     ? 
_pdbx_nmr_exptl_sample_conditions.ionic_strength_units   mM 
_pdbx_nmr_exptl_sample_conditions.label                  1 
_pdbx_nmr_exptl_sample_conditions.pH_err                 0.1 
_pdbx_nmr_exptl_sample_conditions.pH_units               pH 
_pdbx_nmr_exptl_sample_conditions.pressure_err           ? 
_pdbx_nmr_exptl_sample_conditions.temperature_err        ? 
_pdbx_nmr_exptl_sample_conditions.temperature_units      K 
# 
loop_
_pdbx_nmr_exptl.experiment_id 
_pdbx_nmr_exptl.conditions_id 
_pdbx_nmr_exptl.solution_id 
_pdbx_nmr_exptl.type 
_pdbx_nmr_exptl.spectrometer_id 
_pdbx_nmr_exptl.sample_state 
1 1 1 '2D 1H-1H NOESY' 1 isotropic 
2 1 1 '2D DQF-COSY'    1 isotropic 
3 1 1 '2D 1H-1H TOCSY' 1 isotropic 
# 
_pdbx_nmr_refine.entry_id           7E4E 
_pdbx_nmr_refine.method             'simulated annealing' 
_pdbx_nmr_refine.details            ? 
_pdbx_nmr_refine.software_ordinal   2 
# 
loop_
_pdbx_nmr_software.ordinal 
_pdbx_nmr_software.classification 
_pdbx_nmr_software.name 
_pdbx_nmr_software.version 
_pdbx_nmr_software.authors 
1 'chemical shift assignment' TopSpin ? 'Bruker Biospin'                                                           
2 'structure calculation'     Amber   ? 'Case, Darden, Cheatham III, Simmerling, Wang, Duke, Luo, ... and Kollman' 
# 
loop_
_chem_comp_atom.comp_id 
_chem_comp_atom.atom_id 
_chem_comp_atom.type_symbol 
_chem_comp_atom.pdbx_aromatic_flag 
_chem_comp_atom.pdbx_stereo_config 
_chem_comp_atom.pdbx_ordinal 
DA  OP3    O  N N 1   
DA  P      P  N N 2   
DA  OP1    O  N N 3   
DA  OP2    O  N N 4   
DA  "O5'"  O  N N 5   
DA  "C5'"  C  N N 6   
DA  "C4'"  C  N R 7   
DA  "O4'"  O  N N 8   
DA  "C3'"  C  N S 9   
DA  "O3'"  O  N N 10  
DA  "C2'"  C  N N 11  
DA  "C1'"  C  N R 12  
DA  N9     N  Y N 13  
DA  C8     C  Y N 14  
DA  N7     N  Y N 15  
DA  C5     C  Y N 16  
DA  C6     C  Y N 17  
DA  N6     N  N N 18  
DA  N1     N  Y N 19  
DA  C2     C  Y N 20  
DA  N3     N  Y N 21  
DA  C4     C  Y N 22  
DA  HOP3   H  N N 23  
DA  HOP2   H  N N 24  
DA  "H5'"  H  N N 25  
DA  "H5''" H  N N 26  
DA  "H4'"  H  N N 27  
DA  "H3'"  H  N N 28  
DA  "HO3'" H  N N 29  
DA  "H2'"  H  N N 30  
DA  "H2''" H  N N 31  
DA  "H1'"  H  N N 32  
DA  H8     H  N N 33  
DA  H61    H  N N 34  
DA  H62    H  N N 35  
DA  H2     H  N N 36  
DT  OP3    O  N N 37  
DT  P      P  N N 38  
DT  OP1    O  N N 39  
DT  OP2    O  N N 40  
DT  "O5'"  O  N N 41  
DT  "C5'"  C  N N 42  
DT  "C4'"  C  N R 43  
DT  "O4'"  O  N N 44  
DT  "C3'"  C  N S 45  
DT  "O3'"  O  N N 46  
DT  "C2'"  C  N N 47  
DT  "C1'"  C  N R 48  
DT  N1     N  N N 49  
DT  C2     C  N N 50  
DT  O2     O  N N 51  
DT  N3     N  N N 52  
DT  C4     C  N N 53  
DT  O4     O  N N 54  
DT  C5     C  N N 55  
DT  C7     C  N N 56  
DT  C6     C  N N 57  
DT  HOP3   H  N N 58  
DT  HOP2   H  N N 59  
DT  "H5'"  H  N N 60  
DT  "H5''" H  N N 61  
DT  "H4'"  H  N N 62  
DT  "H3'"  H  N N 63  
DT  "HO3'" H  N N 64  
DT  "H2'"  H  N N 65  
DT  "H2''" H  N N 66  
DT  "H1'"  H  N N 67  
DT  H3     H  N N 68  
DT  H71    H  N N 69  
DT  H72    H  N N 70  
DT  H73    H  N N 71  
DT  H6     H  N N 72  
MA7 C2     C  Y N 73  
MA7 C4     C  Y N 74  
MA7 C5     C  Y N 75  
MA7 C6     C  Y N 76  
MA7 C8     C  Y N 77  
MA7 P      P  N N 78  
MA7 OP1    O  N N 79  
MA7 OP2    O  N N 80  
MA7 "O5'"  O  N N 81  
MA7 N9     N  Y N 82  
MA7 N3     N  Y N 83  
MA7 N1     N  Y N 84  
MA7 N6     N  N N 85  
MA7 N7     N  Y N 86  
MA7 CN     C  N N 87  
MA7 "C2'"  C  N N 88  
MA7 "C5'"  C  N N 89  
MA7 "C4'"  C  N R 90  
MA7 "O4'"  O  N N 91  
MA7 "C1'"  C  N R 92  
MA7 "C3'"  C  N S 93  
MA7 "O3'"  O  N N 94  
MA7 OP3    O  N N 95  
MA7 H2     H  N N 96  
MA7 H8     H  N N 97  
MA7 HOP2   H  N N 98  
MA7 H61    H  N N 99  
MA7 H62    H  N N 100 
MA7 HN1    H  N N 101 
MA7 HN2    H  N N 102 
MA7 HN3    H  N N 103 
MA7 "H2'"  H  N N 104 
MA7 "H2''" H  N N 105 
MA7 "H5'"  H  N N 106 
MA7 "H5''" H  N N 107 
MA7 "H4'"  H  N N 108 
MA7 "H1'"  H  N N 109 
MA7 "H3'"  H  N N 110 
MA7 "HO3'" H  N N 111 
MA7 HOP3   H  N N 112 
NA  NA     NA N N 113 
# 
loop_
_chem_comp_bond.comp_id 
_chem_comp_bond.atom_id_1 
_chem_comp_bond.atom_id_2 
_chem_comp_bond.value_order 
_chem_comp_bond.pdbx_aromatic_flag 
_chem_comp_bond.pdbx_stereo_config 
_chem_comp_bond.pdbx_ordinal 
DA  OP3   P      sing N N 1   
DA  OP3   HOP3   sing N N 2   
DA  P     OP1    doub N N 3   
DA  P     OP2    sing N N 4   
DA  P     "O5'"  sing N N 5   
DA  OP2   HOP2   sing N N 6   
DA  "O5'" "C5'"  sing N N 7   
DA  "C5'" "C4'"  sing N N 8   
DA  "C5'" "H5'"  sing N N 9   
DA  "C5'" "H5''" sing N N 10  
DA  "C4'" "O4'"  sing N N 11  
DA  "C4'" "C3'"  sing N N 12  
DA  "C4'" "H4'"  sing N N 13  
DA  "O4'" "C1'"  sing N N 14  
DA  "C3'" "O3'"  sing N N 15  
DA  "C3'" "C2'"  sing N N 16  
DA  "C3'" "H3'"  sing N N 17  
DA  "O3'" "HO3'" sing N N 18  
DA  "C2'" "C1'"  sing N N 19  
DA  "C2'" "H2'"  sing N N 20  
DA  "C2'" "H2''" sing N N 21  
DA  "C1'" N9     sing N N 22  
DA  "C1'" "H1'"  sing N N 23  
DA  N9    C8     sing Y N 24  
DA  N9    C4     sing Y N 25  
DA  C8    N7     doub Y N 26  
DA  C8    H8     sing N N 27  
DA  N7    C5     sing Y N 28  
DA  C5    C6     sing Y N 29  
DA  C5    C4     doub Y N 30  
DA  C6    N6     sing N N 31  
DA  C6    N1     doub Y N 32  
DA  N6    H61    sing N N 33  
DA  N6    H62    sing N N 34  
DA  N1    C2     sing Y N 35  
DA  C2    N3     doub Y N 36  
DA  C2    H2     sing N N 37  
DA  N3    C4     sing Y N 38  
DT  OP3   P      sing N N 39  
DT  OP3   HOP3   sing N N 40  
DT  P     OP1    doub N N 41  
DT  P     OP2    sing N N 42  
DT  P     "O5'"  sing N N 43  
DT  OP2   HOP2   sing N N 44  
DT  "O5'" "C5'"  sing N N 45  
DT  "C5'" "C4'"  sing N N 46  
DT  "C5'" "H5'"  sing N N 47  
DT  "C5'" "H5''" sing N N 48  
DT  "C4'" "O4'"  sing N N 49  
DT  "C4'" "C3'"  sing N N 50  
DT  "C4'" "H4'"  sing N N 51  
DT  "O4'" "C1'"  sing N N 52  
DT  "C3'" "O3'"  sing N N 53  
DT  "C3'" "C2'"  sing N N 54  
DT  "C3'" "H3'"  sing N N 55  
DT  "O3'" "HO3'" sing N N 56  
DT  "C2'" "C1'"  sing N N 57  
DT  "C2'" "H2'"  sing N N 58  
DT  "C2'" "H2''" sing N N 59  
DT  "C1'" N1     sing N N 60  
DT  "C1'" "H1'"  sing N N 61  
DT  N1    C2     sing N N 62  
DT  N1    C6     sing N N 63  
DT  C2    O2     doub N N 64  
DT  C2    N3     sing N N 65  
DT  N3    C4     sing N N 66  
DT  N3    H3     sing N N 67  
DT  C4    O4     doub N N 68  
DT  C4    C5     sing N N 69  
DT  C5    C7     sing N N 70  
DT  C5    C6     doub N N 71  
DT  C7    H71    sing N N 72  
DT  C7    H72    sing N N 73  
DT  C7    H73    sing N N 74  
DT  C6    H6     sing N N 75  
MA7 C2    N3     doub Y N 76  
MA7 C2    N1     sing Y N 77  
MA7 C2    H2     sing N N 78  
MA7 C4    C5     doub Y N 79  
MA7 C4    N9     sing Y N 80  
MA7 C4    N3     sing Y N 81  
MA7 C5    C6     sing Y N 82  
MA7 C5    N7     sing Y N 83  
MA7 C6    N1     doub Y N 84  
MA7 C6    N6     sing N N 85  
MA7 C8    N9     sing Y N 86  
MA7 C8    N7     doub Y N 87  
MA7 C8    H8     sing N N 88  
MA7 P     OP1    doub N N 89  
MA7 P     OP2    sing N N 90  
MA7 P     "O5'"  sing N N 91  
MA7 P     OP3    sing N N 92  
MA7 OP2   HOP2   sing N N 93  
MA7 "O5'" "C5'"  sing N N 94  
MA7 N9    "C1'"  sing N N 95  
MA7 N1    CN     sing N N 96  
MA7 N6    H61    sing N N 97  
MA7 N6    H62    sing N N 98  
MA7 CN    HN1    sing N N 99  
MA7 CN    HN2    sing N N 100 
MA7 CN    HN3    sing N N 101 
MA7 "C2'" "C1'"  sing N N 102 
MA7 "C2'" "C3'"  sing N N 103 
MA7 "C2'" "H2'"  sing N N 104 
MA7 "C2'" "H2''" sing N N 105 
MA7 "C5'" "C4'"  sing N N 106 
MA7 "C5'" "H5'"  sing N N 107 
MA7 "C5'" "H5''" sing N N 108 
MA7 "C4'" "O4'"  sing N N 109 
MA7 "C4'" "C3'"  sing N N 110 
MA7 "C4'" "H4'"  sing N N 111 
MA7 "O4'" "C1'"  sing N N 112 
MA7 "C1'" "H1'"  sing N N 113 
MA7 "C3'" "O3'"  sing N N 114 
MA7 "C3'" "H3'"  sing N N 115 
MA7 "O3'" "HO3'" sing N N 116 
MA7 OP3   HOP3   sing N N 117 
# 
_ndb_struct_conf_na.entry_id   7E4E 
_ndb_struct_conf_na.feature    'double helix' 
# 
loop_
_ndb_struct_na_base_pair.model_number 
_ndb_struct_na_base_pair.i_label_asym_id 
_ndb_struct_na_base_pair.i_label_comp_id 
_ndb_struct_na_base_pair.i_label_seq_id 
_ndb_struct_na_base_pair.i_symmetry 
_ndb_struct_na_base_pair.j_label_asym_id 
_ndb_struct_na_base_pair.j_label_comp_id 
_ndb_struct_na_base_pair.j_label_seq_id 
_ndb_struct_na_base_pair.j_symmetry 
_ndb_struct_na_base_pair.shear 
_ndb_struct_na_base_pair.stretch 
_ndb_struct_na_base_pair.stagger 
_ndb_struct_na_base_pair.buckle 
_ndb_struct_na_base_pair.propeller 
_ndb_struct_na_base_pair.opening 
_ndb_struct_na_base_pair.pair_number 
_ndb_struct_na_base_pair.pair_name 
_ndb_struct_na_base_pair.i_auth_asym_id 
_ndb_struct_na_base_pair.i_auth_seq_id 
_ndb_struct_na_base_pair.i_PDB_ins_code 
_ndb_struct_na_base_pair.j_auth_asym_id 
_ndb_struct_na_base_pair.j_auth_seq_id 
_ndb_struct_na_base_pair.j_PDB_ins_code 
_ndb_struct_na_base_pair.hbond_type_28 
_ndb_struct_na_base_pair.hbond_type_12 
1 A DT 1 1_555 A MA7 4 1_555 0.880  3.558  -0.897 -8.845 -4.320 80.438  1 A_DT1:MA74_A A 1 ? A 4 ? 23 3 
1 A DA 8 1_555 A DT  5 1_555 -0.332 -0.176 -0.601 26.327 21.398 -19.420 2 A_DA8:DT5_A  A 8 ? A 5 ? 20 1 
# 
_ndb_struct_na_base_pair_step.model_number        1 
_ndb_struct_na_base_pair_step.i_label_asym_id_1   A 
_ndb_struct_na_base_pair_step.i_label_comp_id_1   DT 
_ndb_struct_na_base_pair_step.i_label_seq_id_1    1 
_ndb_struct_na_base_pair_step.i_symmetry_1        1_555 
_ndb_struct_na_base_pair_step.j_label_asym_id_1   A 
_ndb_struct_na_base_pair_step.j_label_comp_id_1   MA7 
_ndb_struct_na_base_pair_step.j_label_seq_id_1    4 
_ndb_struct_na_base_pair_step.j_symmetry_1        1_555 
_ndb_struct_na_base_pair_step.i_label_asym_id_2   A 
_ndb_struct_na_base_pair_step.i_label_comp_id_2   DA 
_ndb_struct_na_base_pair_step.i_label_seq_id_2    8 
_ndb_struct_na_base_pair_step.i_symmetry_2        1_555 
_ndb_struct_na_base_pair_step.j_label_asym_id_2   A 
_ndb_struct_na_base_pair_step.j_label_comp_id_2   DT 
_ndb_struct_na_base_pair_step.j_label_seq_id_2    5 
_ndb_struct_na_base_pair_step.j_symmetry_2        1_555 
_ndb_struct_na_base_pair_step.shift               -0.411 
_ndb_struct_na_base_pair_step.slide               2.008 
_ndb_struct_na_base_pair_step.rise                3.078 
_ndb_struct_na_base_pair_step.tilt                -2.641 
_ndb_struct_na_base_pair_step.roll                5.225 
_ndb_struct_na_base_pair_step.twist               61.683 
_ndb_struct_na_base_pair_step.x_displacement      1.718 
_ndb_struct_na_base_pair_step.y_displacement      0.282 
_ndb_struct_na_base_pair_step.helical_rise        3.236 
_ndb_struct_na_base_pair_step.inclination         5.083 
_ndb_struct_na_base_pair_step.tip                 2.570 
_ndb_struct_na_base_pair_step.helical_twist       61.933 
_ndb_struct_na_base_pair_step.step_number         1 
_ndb_struct_na_base_pair_step.step_name           AA_DT1DA8:DT5MA74_AA 
_ndb_struct_na_base_pair_step.i_auth_asym_id_1    A 
_ndb_struct_na_base_pair_step.i_auth_seq_id_1     1 
_ndb_struct_na_base_pair_step.i_PDB_ins_code_1    ? 
_ndb_struct_na_base_pair_step.j_auth_asym_id_1    A 
_ndb_struct_na_base_pair_step.j_auth_seq_id_1     4 
_ndb_struct_na_base_pair_step.j_PDB_ins_code_1    ? 
_ndb_struct_na_base_pair_step.i_auth_asym_id_2    A 
_ndb_struct_na_base_pair_step.i_auth_seq_id_2     8 
_ndb_struct_na_base_pair_step.i_PDB_ins_code_2    ? 
_ndb_struct_na_base_pair_step.j_auth_asym_id_2    A 
_ndb_struct_na_base_pair_step.j_auth_seq_id_2     5 
_ndb_struct_na_base_pair_step.j_PDB_ins_code_2    ? 
# 
_pdbx_entity_instance_feature.ordinal        1 
_pdbx_entity_instance_feature.comp_id        MA7 
_pdbx_entity_instance_feature.asym_id        ? 
_pdbx_entity_instance_feature.seq_num        ? 
_pdbx_entity_instance_feature.auth_comp_id   MA7 
_pdbx_entity_instance_feature.auth_asym_id   ? 
_pdbx_entity_instance_feature.auth_seq_num   ? 
_pdbx_entity_instance_feature.feature_type   'SUBJECT OF INVESTIGATION' 
_pdbx_entity_instance_feature.details        ? 
# 
_pdbx_nmr_spectrometer.spectrometer_id   1 
_pdbx_nmr_spectrometer.model             AVANCE 
_pdbx_nmr_spectrometer.type              ? 
_pdbx_nmr_spectrometer.manufacturer      Bruker 
_pdbx_nmr_spectrometer.field_strength    500 
_pdbx_nmr_spectrometer.details           ? 
# 
_atom_sites.entry_id                    7E4E 
_atom_sites.Cartn_transf_matrix[1][1]   ? 
_atom_sites.Cartn_transf_matrix[1][2]   ? 
_atom_sites.Cartn_transf_matrix[1][3]   ? 
_atom_sites.Cartn_transf_matrix[2][1]   ? 
_atom_sites.Cartn_transf_matrix[2][2]   ? 
_atom_sites.Cartn_transf_matrix[2][3]   ? 
_atom_sites.Cartn_transf_matrix[3][1]   ? 
_atom_sites.Cartn_transf_matrix[3][2]   ? 
_atom_sites.Cartn_transf_matrix[3][3]   ? 
_atom_sites.Cartn_transf_vector[1]      ? 
_atom_sites.Cartn_transf_vector[2]      ? 
_atom_sites.Cartn_transf_vector[3]      ? 
_atom_sites.fract_transf_matrix[1][1]   1.000000 
_atom_sites.fract_transf_matrix[1][2]   0.000000 
_atom_sites.fract_transf_matrix[1][3]   0.000000 
_atom_sites.fract_transf_matrix[2][1]   0.000000 
_atom_sites.fract_transf_matrix[2][2]   1.000000 
_atom_sites.fract_transf_matrix[2][3]   0.000000 
_atom_sites.fract_transf_matrix[3][1]   0.000000 
_atom_sites.fract_transf_matrix[3][2]   0.000000 
_atom_sites.fract_transf_matrix[3][3]   1.000000 
_atom_sites.fract_transf_vector[1]      0.00000 
_atom_sites.fract_transf_vector[2]      0.00000 
_atom_sites.fract_transf_vector[3]      0.00000 
_atom_sites.solution_primary            ? 
_atom_sites.solution_secondary          ? 
_atom_sites.solution_hydrogens          ? 
_atom_sites.special_details             ? 
# 
loop_
_atom_type.symbol 
C  
H  
N  
NA 
O  
P  
# 
loop_
_atom_site.group_PDB 
_atom_site.id 
_atom_site.type_symbol 
_atom_site.label_atom_id 
_atom_site.label_alt_id 
_atom_site.label_comp_id 
_atom_site.label_asym_id 
_atom_site.label_entity_id 
_atom_site.label_seq_id 
_atom_site.pdbx_PDB_ins_code 
_atom_site.Cartn_x 
_atom_site.Cartn_y 
_atom_site.Cartn_z 
_atom_site.occupancy 
_atom_site.B_iso_or_equiv 
_atom_site.pdbx_formal_charge 
_atom_site.auth_seq_id 
_atom_site.auth_comp_id 
_atom_site.auth_asym_id 
_atom_site.auth_atom_id 
_atom_site.pdbx_PDB_model_num 
ATOM   1    O  "O5'"  . DT  A 1 1 ? 2.234  7.083  -2.528 1.00 0.00 ? 1   DT  A "O5'"  1 
ATOM   2    C  "C5'"  . DT  A 1 1 ? 3.249  6.234  -3.050 1.00 0.00 ? 1   DT  A "C5'"  1 
ATOM   3    C  "C4'"  . DT  A 1 1 ? 2.716  4.871  -3.505 1.00 0.00 ? 1   DT  A "C4'"  1 
ATOM   4    O  "O4'"  . DT  A 1 1 ? 2.085  4.224  -2.407 1.00 0.00 ? 1   DT  A "O4'"  1 
ATOM   5    C  "C3'"  . DT  A 1 1 ? 1.694  4.987  -4.641 1.00 0.00 ? 1   DT  A "C3'"  1 
ATOM   6    O  "O3'"  . DT  A 1 1 ? 1.944  3.941  -5.570 1.00 0.00 ? 1   DT  A "O3'"  1 
ATOM   7    C  "C2'"  . DT  A 1 1 ? 0.365  4.830  -3.913 1.00 0.00 ? 1   DT  A "C2'"  1 
ATOM   8    C  "C1'"  . DT  A 1 1 ? 0.768  3.878  -2.790 1.00 0.00 ? 1   DT  A "C1'"  1 
ATOM   9    N  N1     . DT  A 1 1 ? -0.148 3.907  -1.621 1.00 0.00 ? 1   DT  A N1     1 
ATOM   10   C  C2     . DT  A 1 1 ? -0.865 2.744  -1.340 1.00 0.00 ? 1   DT  A C2     1 
ATOM   11   O  O2     . DT  A 1 1 ? -0.794 1.742  -2.034 1.00 0.00 ? 1   DT  A O2     1 
ATOM   12   N  N3     . DT  A 1 1 ? -1.649 2.734  -0.210 1.00 0.00 ? 1   DT  A N3     1 
ATOM   13   C  C4     . DT  A 1 1 ? -1.716 3.765  0.704  1.00 0.00 ? 1   DT  A C4     1 
ATOM   14   O  O4     . DT  A 1 1 ? -2.368 3.596  1.726  1.00 0.00 ? 1   DT  A O4     1 
ATOM   15   C  C5     . DT  A 1 1 ? -0.967 4.968  0.344  1.00 0.00 ? 1   DT  A C5     1 
ATOM   16   C  C7     . DT  A 1 1 ? -0.985 6.174  1.266  1.00 0.00 ? 1   DT  A C7     1 
ATOM   17   C  C6     . DT  A 1 1 ? -0.230 5.009  -0.798 1.00 0.00 ? 1   DT  A C6     1 
ATOM   18   H  "H5'"  . DT  A 1 1 ? 3.997  6.045  -2.289 1.00 0.00 ? 1   DT  A "H5'"  1 
ATOM   19   H  "H5''" . DT  A 1 1 ? 3.735  6.721  -3.898 1.00 0.00 ? 1   DT  A "H5''" 1 
ATOM   20   H  "H4'"  . DT  A 1 1 ? 3.554  4.265  -3.848 1.00 0.00 ? 1   DT  A "H4'"  1 
ATOM   21   H  "H3'"  . DT  A 1 1 ? 1.761  5.960  -5.132 1.00 0.00 ? 1   DT  A "H3'"  1 
ATOM   22   H  "H2'"  . DT  A 1 1 ? 0.047  5.793  -3.513 1.00 0.00 ? 1   DT  A "H2'"  1 
ATOM   23   H  "H2''" . DT  A 1 1 ? -0.410 4.404  -4.550 1.00 0.00 ? 1   DT  A "H2''" 1 
ATOM   24   H  "H1'"  . DT  A 1 1 ? 0.805  2.874  -3.210 1.00 0.00 ? 1   DT  A "H1'"  1 
ATOM   25   H  H3     . DT  A 1 1 ? -2.137 1.875  -0.003 1.00 0.00 ? 1   DT  A H3     1 
ATOM   26   H  H71    . DT  A 1 1 ? -0.356 6.975  0.879  1.00 0.00 ? 1   DT  A H71    1 
ATOM   27   H  H72    . DT  A 1 1 ? -0.628 5.876  2.253  1.00 0.00 ? 1   DT  A H72    1 
ATOM   28   H  H73    . DT  A 1 1 ? -2.009 6.536  1.365  1.00 0.00 ? 1   DT  A H73    1 
ATOM   29   H  H6     . DT  A 1 1 ? 0.332  5.896  -1.060 1.00 0.00 ? 1   DT  A H6     1 
ATOM   30   H  "HO5'" . DT  A 1 1 ? 2.605  7.954  -2.356 1.00 0.00 ? 1   DT  A "HO5'" 1 
ATOM   31   P  P      . DT  A 1 2 ? 1.286  3.935  -7.036 1.00 0.00 ? 2   DT  A P      1 
ATOM   32   O  OP1    . DT  A 1 2 ? 2.144  3.144  -7.947 1.00 0.00 ? 2   DT  A OP1    1 
ATOM   33   O  OP2    . DT  A 1 2 ? 0.814  5.281  -7.401 1.00 0.00 ? 2   DT  A OP2    1 
ATOM   34   O  "O5'"  . DT  A 1 2 ? 0.027  2.983  -6.805 1.00 0.00 ? 2   DT  A "O5'"  1 
ATOM   35   C  "C5'"  . DT  A 1 2 ? -1.072 2.910  -7.703 1.00 0.00 ? 2   DT  A "C5'"  1 
ATOM   36   C  "C4'"  . DT  A 1 2 ? -1.866 1.608  -7.462 1.00 0.00 ? 2   DT  A "C4'"  1 
ATOM   37   O  "O4'"  . DT  A 1 2 ? -0.931 0.532  -7.361 1.00 0.00 ? 2   DT  A "O4'"  1 
ATOM   38   C  "C3'"  . DT  A 1 2 ? -2.648 1.590  -6.147 1.00 0.00 ? 2   DT  A "C3'"  1 
ATOM   39   O  "O3'"  . DT  A 1 2 ? -3.698 0.632  -6.265 1.00 0.00 ? 2   DT  A "O3'"  1 
ATOM   40   C  "C2'"  . DT  A 1 2 ? -1.577 1.114  -5.170 1.00 0.00 ? 2   DT  A "C2'"  1 
ATOM   41   C  "C1'"  . DT  A 1 2 ? -0.932 0.024  -6.026 1.00 0.00 ? 2   DT  A "C1'"  1 
ATOM   42   N  N1     . DT  A 1 2 ? 0.447  -0.427 -5.667 1.00 0.00 ? 2   DT  A N1     1 
ATOM   43   C  C2     . DT  A 1 2 ? 0.755  -1.759 -5.964 1.00 0.00 ? 2   DT  A C2     1 
ATOM   44   O  O2     . DT  A 1 2 ? -0.016 -2.528 -6.525 1.00 0.00 ? 2   DT  A O2     1 
ATOM   45   N  N3     . DT  A 1 2 ? 2.012  -2.210 -5.622 1.00 0.00 ? 2   DT  A N3     1 
ATOM   46   C  C4     . DT  A 1 2 ? 2.976  -1.489 -4.956 1.00 0.00 ? 2   DT  A C4     1 
ATOM   47   O  O4     . DT  A 1 2 ? 4.004  -2.073 -4.608 1.00 0.00 ? 2   DT  A O4     1 
ATOM   48   C  C5     . DT  A 1 2 ? 2.615  -0.094 -4.702 1.00 0.00 ? 2   DT  A C5     1 
ATOM   49   C  C7     . DT  A 1 2 ? 3.610  0.839  -4.036 1.00 0.00 ? 2   DT  A C7     1 
ATOM   50   C  C6     . DT  A 1 2 ? 1.377  0.377  -5.026 1.00 0.00 ? 2   DT  A C6     1 
ATOM   51   H  "H5'"  . DT  A 1 2 ? -0.717 2.925  -8.733 1.00 0.00 ? 2   DT  A "H5'"  1 
ATOM   52   H  "H5''" . DT  A 1 2 ? -1.720 3.776  -7.556 1.00 0.00 ? 2   DT  A "H5''" 1 
ATOM   53   H  "H4'"  . DT  A 1 2 ? -2.557 1.444  -8.291 1.00 0.00 ? 2   DT  A "H4'"  1 
ATOM   54   H  "H3'"  . DT  A 1 2 ? -3.033 2.580  -5.894 1.00 0.00 ? 2   DT  A "H3'"  1 
ATOM   55   H  "H2'"  . DT  A 1 2 ? -0.909 1.927  -4.909 1.00 0.00 ? 2   DT  A "H2'"  1 
ATOM   56   H  "H2''" . DT  A 1 2 ? -1.985 0.713  -4.260 1.00 0.00 ? 2   DT  A "H2''" 1 
ATOM   57   H  "H1'"  . DT  A 1 2 ? -1.626 -0.824 -5.957 1.00 0.00 ? 2   DT  A "H1'"  1 
ATOM   58   H  H3     . DT  A 1 2 ? 2.211  -3.169 -5.844 1.00 0.00 ? 2   DT  A H3     1 
ATOM   59   H  H71    . DT  A 1 2 ? 4.084  0.338  -3.194 1.00 0.00 ? 2   DT  A H71    1 
ATOM   60   H  H72    . DT  A 1 2 ? 3.123  1.747  -3.680 1.00 0.00 ? 2   DT  A H72    1 
ATOM   61   H  H73    . DT  A 1 2 ? 4.389  1.104  -4.752 1.00 0.00 ? 2   DT  A H73    1 
ATOM   62   H  H6     . DT  A 1 2 ? 1.119  1.391  -4.755 1.00 0.00 ? 2   DT  A H6     1 
ATOM   63   P  P      . DT  A 1 3 ? -5.060 0.777  -5.425 1.00 0.00 ? 3   DT  A P      1 
ATOM   64   O  OP1    . DT  A 1 3 ? -5.894 -0.448 -5.570 1.00 0.00 ? 3   DT  A OP1    1 
ATOM   65   O  OP2    . DT  A 1 3 ? -5.644 2.101  -5.696 1.00 0.00 ? 3   DT  A OP2    1 
ATOM   66   O  "O5'"  . DT  A 1 3 ? -4.493 0.804  -3.931 1.00 0.00 ? 3   DT  A "O5'"  1 
ATOM   67   C  "C5'"  . DT  A 1 3 ? -4.157 -0.374 -3.219 1.00 0.00 ? 3   DT  A "C5'"  1 
ATOM   68   C  "C4'"  . DT  A 1 3 ? -4.850 -0.346 -1.865 1.00 0.00 ? 3   DT  A "C4'"  1 
ATOM   69   O  "O4'"  . DT  A 1 3 ? -4.347 0.708  -1.061 1.00 0.00 ? 3   DT  A "O4'"  1 
ATOM   70   C  "C3'"  . DT  A 1 3 ? -6.346 -0.129 -2.047 1.00 0.00 ? 3   DT  A "C3'"  1 
ATOM   71   O  "O3'"  . DT  A 1 3 ? -7.112 -1.090 -1.364 1.00 0.00 ? 3   DT  A "O3'"  1 
ATOM   72   C  "C2'"  . DT  A 1 3 ? -6.602 1.284  -1.555 1.00 0.00 ? 3   DT  A "C2'"  1 
ATOM   73   C  "C1'"  . DT  A 1 3 ? -5.407 1.549  -0.642 1.00 0.00 ? 3   DT  A "C1'"  1 
ATOM   74   N  N1     . DT  A 1 3 ? -4.971 2.966  -0.718 1.00 0.00 ? 3   DT  A N1     1 
ATOM   75   C  C2     . DT  A 1 3 ? -5.213 3.794  0.382  1.00 0.00 ? 3   DT  A C2     1 
ATOM   76   O  O2     . DT  A 1 3 ? -5.742 3.404  1.420  1.00 0.00 ? 3   DT  A O2     1 
ATOM   77   N  N3     . DT  A 1 3 ? -4.827 5.113  0.257  1.00 0.00 ? 3   DT  A N3     1 
ATOM   78   C  C4     . DT  A 1 3 ? -4.215 5.676  -0.846 1.00 0.00 ? 3   DT  A C4     1 
ATOM   79   O  O4     . DT  A 1 3 ? -3.896 6.859  -0.796 1.00 0.00 ? 3   DT  A O4     1 
ATOM   80   C  C5     . DT  A 1 3 ? -4.003 4.759  -1.963 1.00 0.00 ? 3   DT  A C5     1 
ATOM   81   C  C7     . DT  A 1 3 ? -3.349 5.247  -3.244 1.00 0.00 ? 3   DT  A C7     1 
ATOM   82   C  C6     . DT  A 1 3 ? -4.379 3.456  -1.866 1.00 0.00 ? 3   DT  A C6     1 
ATOM   83   H  "H5'"  . DT  A 1 3 ? -3.089 -0.430 -3.051 1.00 0.00 ? 3   DT  A "H5'"  1 
ATOM   84   H  "H5''" . DT  A 1 3 ? -4.465 -1.266 -3.762 1.00 0.00 ? 3   DT  A "H5''" 1 
ATOM   85   H  "H4'"  . DT  A 1 3 ? -4.675 -1.306 -1.401 1.00 0.00 ? 3   DT  A "H4'"  1 
ATOM   86   H  "H3'"  . DT  A 1 3 ? -6.566 -0.183 -3.101 1.00 0.00 ? 3   DT  A "H3'"  1 
ATOM   87   H  "H2'"  . DT  A 1 3 ? -6.588 1.946  -2.423 1.00 0.00 ? 3   DT  A "H2'"  1 
ATOM   88   H  "H2''" . DT  A 1 3 ? -7.549 1.362  -1.019 1.00 0.00 ? 3   DT  A "H2''" 1 
ATOM   89   H  "H1'"  . DT  A 1 3 ? -5.677 1.267  0.379  1.00 0.00 ? 3   DT  A "H1'"  1 
ATOM   90   H  H3     . DT  A 1 3 ? -4.971 5.705  1.052  1.00 0.00 ? 3   DT  A H3     1 
ATOM   91   H  H71    . DT  A 1 3 ? -3.976 6.016  -3.696 1.00 0.00 ? 3   DT  A H71    1 
ATOM   92   H  H72    . DT  A 1 3 ? -3.214 4.430  -3.955 1.00 0.00 ? 3   DT  A H72    1 
ATOM   93   H  H73    . DT  A 1 3 ? -2.383 5.690  -3.009 1.00 0.00 ? 3   DT  A H73    1 
ATOM   94   H  H6     . DT  A 1 3 ? -4.204 2.781  -2.696 1.00 0.00 ? 3   DT  A H6     1 
HETATM 95   C  C2     . MA7 A 1 4 ? -5.283 -1.402 3.448  1.00 0.00 ? 4   MA7 A C2     1 
HETATM 96   C  C4     . MA7 A 1 4 ? -4.003 -1.646 1.666  1.00 0.00 ? 4   MA7 A C4     1 
HETATM 97   C  C5     . MA7 A 1 4 ? -3.344 -0.455 1.860  1.00 0.00 ? 4   MA7 A C5     1 
HETATM 98   C  C6     . MA7 A 1 4 ? -3.783 0.308  2.985  1.00 0.00 ? 4   MA7 A C6     1 
HETATM 99   C  C8     . MA7 A 1 4 ? -2.445 -1.422 0.197  1.00 0.00 ? 4   MA7 A C8     1 
HETATM 100  P  P      . MA7 A 1 4 ? -7.511 -2.456 -2.096 1.00 0.00 ? 4   MA7 A P      1 
HETATM 101  O  OP1    . MA7 A 1 4 ? -6.352 -2.925 -2.894 1.00 0.00 ? 4   MA7 A OP1    1 
HETATM 102  O  OP2    . MA7 A 1 4 ? -8.717 -2.178 -2.899 1.00 0.00 ? 4   MA7 A OP2    1 
HETATM 103  O  "O5'"  . MA7 A 1 4 ? -7.805 -3.459 -0.866 1.00 0.00 ? 4   MA7 A "O5'"  1 
HETATM 104  N  N9     . MA7 A 1 4 ? -3.400 -2.264 0.611  1.00 0.00 ? 4   MA7 A N9     1 
HETATM 105  N  N3     . MA7 A 1 4 ? -4.999 -2.166 2.418  1.00 0.00 ? 4   MA7 A N3     1 
HETATM 106  N  N1     . MA7 A 1 4 ? -4.755 -0.221 3.787  1.00 0.00 ? 4   MA7 A N1     1 
HETATM 107  N  N6     . MA7 A 1 4 ? -3.259 1.505  3.286  1.00 0.00 ? 4   MA7 A N6     1 
HETATM 108  N  N7     . MA7 A 1 4 ? -2.347 -0.304 0.881  1.00 0.00 ? 4   MA7 A N7     1 
HETATM 109  C  CN     . MA7 A 1 4 ? -5.228 0.470  5.024  1.00 0.00 ? 4   MA7 A CN     1 
HETATM 110  C  "C2'"  . MA7 A 1 4 ? -3.660 -4.647 1.185  1.00 0.00 ? 4   MA7 A "C2'"  1 
HETATM 111  C  "C5'"  . MA7 A 1 4 ? -6.889 -3.650 0.216  1.00 0.00 ? 4   MA7 A "C5'"  1 
HETATM 112  C  "C4'"  . MA7 A 1 4 ? -5.687 -4.496 -0.223 1.00 0.00 ? 4   MA7 A "C4'"  1 
HETATM 113  O  "O4'"  . MA7 A 1 4 ? -4.663 -3.712 -0.807 1.00 0.00 ? 4   MA7 A "O4'"  1 
HETATM 114  C  "C1'"  . MA7 A 1 4 ? -3.560 -3.619 0.079  1.00 0.00 ? 4   MA7 A "C1'"  1 
HETATM 115  C  "C3'"  . MA7 A 1 4 ? -4.941 -5.330 0.817  1.00 0.00 ? 4   MA7 A "C3'"  1 
HETATM 116  O  "O3'"  . MA7 A 1 4 ? -4.687 -6.676 0.415  1.00 0.00 ? 4   MA7 A "O3'"  1 
HETATM 117  H  H2     . MA7 A 1 4 ? -6.033 -1.852 4.066  1.00 0.00 ? 4   MA7 A H2     1 
HETATM 118  H  H8     . MA7 A 1 4 ? -1.902 -1.786 -0.654 1.00 0.00 ? 4   MA7 A H8     1 
HETATM 119  H  H61    . MA7 A 1 4 ? -3.593 2.040  4.069  1.00 0.00 ? 4   MA7 A H61    1 
HETATM 120  H  H62    . MA7 A 1 4 ? -2.579 1.955  2.666  1.00 0.00 ? 4   MA7 A H62    1 
HETATM 121  H  HN1    . MA7 A 1 4 ? -5.648 1.445  4.771  1.00 0.00 ? 4   MA7 A HN1    1 
HETATM 122  H  HN2    . MA7 A 1 4 ? -4.395 0.594  5.719  1.00 0.00 ? 4   MA7 A HN2    1 
HETATM 123  H  HN3    . MA7 A 1 4 ? -6.000 -0.111 5.532  1.00 0.00 ? 4   MA7 A HN3    1 
HETATM 124  H  "H2'"  . MA7 A 1 4 ? -3.754 -4.218 2.176  1.00 0.00 ? 4   MA7 A "H2'"  1 
HETATM 125  H  "H2''" . MA7 A 1 4 ? -2.818 -5.327 1.208  1.00 0.00 ? 4   MA7 A "H2''" 1 
HETATM 126  H  "H5'"  . MA7 A 1 4 ? -7.415 -4.172 1.015  1.00 0.00 ? 4   MA7 A "H5'"  1 
HETATM 127  H  "H5''" . MA7 A 1 4 ? -6.560 -2.681 0.587  1.00 0.00 ? 4   MA7 A "H5''" 1 
HETATM 128  H  "H4'"  . MA7 A 1 4 ? -6.124 -5.186 -0.926 1.00 0.00 ? 4   MA7 A "H4'"  1 
HETATM 129  H  "H1'"  . MA7 A 1 4 ? -2.666 -3.859 -0.480 1.00 0.00 ? 4   MA7 A "H1'"  1 
HETATM 130  H  "H3'"  . MA7 A 1 4 ? -5.479 -5.242 1.729  1.00 0.00 ? 4   MA7 A "H3'"  1 
ATOM   131  P  P      . DT  A 1 5 ? -3.955 -7.101 -0.985 1.00 0.00 ? 5   DT  A P      1 
ATOM   132  O  OP1    . DT  A 1 5 ? -4.725 -6.536 -2.120 1.00 0.00 ? 5   DT  A OP1    1 
ATOM   133  O  OP2    . DT  A 1 5 ? -3.690 -8.550 -0.936 1.00 0.00 ? 5   DT  A OP2    1 
ATOM   134  O  "O5'"  . DT  A 1 5 ? -2.540 -6.330 -0.992 1.00 0.00 ? 5   DT  A "O5'"  1 
ATOM   135  C  "C5'"  . DT  A 1 5 ? -1.379 -6.883 -0.395 1.00 0.00 ? 5   DT  A "C5'"  1 
ATOM   136  C  "C4'"  . DT  A 1 5 ? -0.228 -5.881 -0.460 1.00 0.00 ? 5   DT  A "C4'"  1 
ATOM   137  O  "O4'"  . DT  A 1 5 ? -0.525 -4.681 0.244  1.00 0.00 ? 5   DT  A "O4'"  1 
ATOM   138  C  "C3'"  . DT  A 1 5 ? 1.158  -6.341 0.017  1.00 0.00 ? 5   DT  A "C3'"  1 
ATOM   139  O  "O3'"  . DT  A 1 5 ? 2.051  -5.776 -0.938 1.00 0.00 ? 5   DT  A "O3'"  1 
ATOM   140  C  "C2'"  . DT  A 1 5 ? 1.291  -5.648 1.377  1.00 0.00 ? 5   DT  A "C2'"  1 
ATOM   141  C  "C1'"  . DT  A 1 5 ? 0.583  -4.331 1.052  1.00 0.00 ? 5   DT  A "C1'"  1 
ATOM   142  N  N1     . DT  A 1 5 ? 0.088  -3.504 2.194  1.00 0.00 ? 5   DT  A N1     1 
ATOM   143  C  C2     . DT  A 1 5 ? 0.371  -2.138 2.151  1.00 0.00 ? 5   DT  A C2     1 
ATOM   144  O  O2     . DT  A 1 5 ? 1.004  -1.603 1.251  1.00 0.00 ? 5   DT  A O2     1 
ATOM   145  N  N3     . DT  A 1 5 ? -0.143 -1.362 3.158  1.00 0.00 ? 5   DT  A N3     1 
ATOM   146  C  C4     . DT  A 1 5 ? -1.061 -1.746 4.098  1.00 0.00 ? 5   DT  A C4     1 
ATOM   147  O  O4     . DT  A 1 5 ? -1.512 -0.881 4.852  1.00 0.00 ? 5   DT  A O4     1 
ATOM   148  C  C5     . DT  A 1 5 ? -1.389 -3.172 4.053  1.00 0.00 ? 5   DT  A C5     1 
ATOM   149  C  C7     . DT  A 1 5 ? -2.411 -3.743 5.020  1.00 0.00 ? 5   DT  A C7     1 
ATOM   150  C  C6     . DT  A 1 5 ? -0.790 -3.997 3.145  1.00 0.00 ? 5   DT  A C6     1 
ATOM   151  H  "H5'"  . DT  A 1 5 ? -1.092 -7.726 -0.999 1.00 0.00 ? 5   DT  A "H5'"  1 
ATOM   152  H  "H5''" . DT  A 1 5 ? -1.591 -7.205 0.624  1.00 0.00 ? 5   DT  A "H5''" 1 
ATOM   153  H  "H4'"  . DT  A 1 5 ? -0.143 -5.673 -1.518 1.00 0.00 ? 5   DT  A "H4'"  1 
ATOM   154  H  "H3'"  . DT  A 1 5 ? 1.246  -7.428 0.070  1.00 0.00 ? 5   DT  A "H3'"  1 
ATOM   155  H  "H2'"  . DT  A 1 5 ? 0.779  -6.204 2.162  1.00 0.00 ? 5   DT  A "H2'"  1 
ATOM   156  H  "H2''" . DT  A 1 5 ? 2.333  -5.493 1.648  1.00 0.00 ? 5   DT  A "H2''" 1 
ATOM   157  H  "H1'"  . DT  A 1 5 ? 1.301  -3.754 0.449  1.00 0.00 ? 5   DT  A "H1'"  1 
ATOM   158  H  H3     . DT  A 1 5 ? 0.044  -0.368 3.104  1.00 0.00 ? 5   DT  A H3     1 
ATOM   159  H  H71    . DT  A 1 5 ? -2.133 -3.483 6.041  1.00 0.00 ? 5   DT  A H71    1 
ATOM   160  H  H72    . DT  A 1 5 ? -3.388 -3.307 4.813  1.00 0.00 ? 5   DT  A H72    1 
ATOM   161  H  H73    . DT  A 1 5 ? -2.470 -4.828 4.934  1.00 0.00 ? 5   DT  A H73    1 
ATOM   162  H  H6     . DT  A 1 5 ? -1.038 -5.048 3.139  1.00 0.00 ? 5   DT  A H6     1 
ATOM   163  P  P      . DT  A 1 6 ? 3.539  -6.301 -1.243 1.00 0.00 ? 6   DT  A P      1 
ATOM   164  O  OP1    . DT  A 1 6 ? 3.988  -5.561 -2.453 1.00 0.00 ? 6   DT  A OP1    1 
ATOM   165  O  OP2    . DT  A 1 6 ? 3.553  -7.773 -1.217 1.00 0.00 ? 6   DT  A OP2    1 
ATOM   166  O  "O5'"  . DT  A 1 6 ? 4.385  -5.734 0.000  1.00 0.00 ? 6   DT  A "O5'"  1 
ATOM   167  C  "C5'"  . DT  A 1 6 ? 5.689  -5.197 -0.169 1.00 0.00 ? 6   DT  A "C5'"  1 
ATOM   168  C  "C4'"  . DT  A 1 6 ? 5.744  -3.663 -0.060 1.00 0.00 ? 6   DT  A "C4'"  1 
ATOM   169  O  "O4'"  . DT  A 1 6 ? 5.036  -2.940 -1.081 1.00 0.00 ? 6   DT  A "O4'"  1 
ATOM   170  C  "C3'"  . DT  A 1 6 ? 5.254  -3.198 1.299  1.00 0.00 ? 6   DT  A "C3'"  1 
ATOM   171  O  "O3'"  . DT  A 1 6 ? 6.129  -2.165 1.734  1.00 0.00 ? 6   DT  A "O3'"  1 
ATOM   172  C  "C2'"  . DT  A 1 6 ? 3.891  -2.704 0.867  1.00 0.00 ? 6   DT  A "C2'"  1 
ATOM   173  C  "C1'"  . DT  A 1 6 ? 4.199  -1.983 -0.431 1.00 0.00 ? 6   DT  A "C1'"  1 
ATOM   174  N  N1     . DT  A 1 6 ? 2.938  -1.683 -1.162 1.00 0.00 ? 6   DT  A N1     1 
ATOM   175  C  C2     . DT  A 1 6 ? 2.395  -0.392 -1.134 1.00 0.00 ? 6   DT  A C2     1 
ATOM   176  O  O2     . DT  A 1 6 ? 3.004  0.580  -0.703 1.00 0.00 ? 6   DT  A O2     1 
ATOM   177  N  N3     . DT  A 1 6 ? 1.124  -0.249 -1.673 1.00 0.00 ? 6   DT  A N3     1 
ATOM   178  C  C4     . DT  A 1 6 ? 0.385  -1.251 -2.270 1.00 0.00 ? 6   DT  A C4     1 
ATOM   179  O  O4     . DT  A 1 6 ? -0.736 -1.023 -2.708 1.00 0.00 ? 6   DT  A O4     1 
ATOM   180  C  C5     . DT  A 1 6 ? 1.038  -2.541 -2.319 1.00 0.00 ? 6   DT  A C5     1 
ATOM   181  C  C7     . DT  A 1 6 ? 0.333  -3.693 -3.003 1.00 0.00 ? 6   DT  A C7     1 
ATOM   182  C  C6     . DT  A 1 6 ? 2.256  -2.711 -1.746 1.00 0.00 ? 6   DT  A C6     1 
ATOM   183  H  "H5'"  . DT  A 1 6 ? 6.113  -5.516 -1.118 1.00 0.00 ? 6   DT  A "H5'"  1 
ATOM   184  H  "H5''" . DT  A 1 6 ? 6.321  -5.609 0.619  1.00 0.00 ? 6   DT  A "H5''" 1 
ATOM   185  H  "H4'"  . DT  A 1 6 ? 6.767  -3.360 -0.099 1.00 0.00 ? 6   DT  A "H4'"  1 
ATOM   186  H  "H3'"  . DT  A 1 6 ? 5.191  -4.014 2.023  1.00 0.00 ? 6   DT  A "H3'"  1 
ATOM   187  H  "H2'"  . DT  A 1 6 ? 3.210  -3.525 0.699  1.00 0.00 ? 6   DT  A "H2'"  1 
ATOM   188  H  "H2''" . DT  A 1 6 ? 3.416  -2.057 1.570  1.00 0.00 ? 6   DT  A "H2''" 1 
ATOM   189  H  "H1'"  . DT  A 1 6 ? 4.703  -1.039 -0.199 1.00 0.00 ? 6   DT  A "H1'"  1 
ATOM   190  H  H3     . DT  A 1 6 ? 0.671  0.655  -1.622 1.00 0.00 ? 6   DT  A H3     1 
ATOM   191  H  H71    . DT  A 1 6 ? 0.960  -4.582 -3.026 1.00 0.00 ? 6   DT  A H71    1 
ATOM   192  H  H72    . DT  A 1 6 ? -0.609 -3.880 -2.490 1.00 0.00 ? 6   DT  A H72    1 
ATOM   193  H  H73    . DT  A 1 6 ? 0.076  -3.421 -4.021 1.00 0.00 ? 6   DT  A H73    1 
ATOM   194  H  H6     . DT  A 1 6 ? 2.719  -3.667 -1.682 1.00 0.00 ? 6   DT  A H6     1 
ATOM   195  P  P      . DT  A 1 7 ? 6.100  -1.629 3.240  1.00 0.00 ? 7   DT  A P      1 
ATOM   196  O  OP1    . DT  A 1 7 ? 7.144  -0.590 3.442  1.00 0.00 ? 7   DT  A OP1    1 
ATOM   197  O  OP2    . DT  A 1 7 ? 6.011  -2.778 4.158  1.00 0.00 ? 7   DT  A OP2    1 
ATOM   198  O  "O5'"  . DT  A 1 7 ? 4.680  -0.912 3.254  1.00 0.00 ? 7   DT  A "O5'"  1 
ATOM   199  C  "C5'"  . DT  A 1 7 ? 4.450  0.396  2.766  1.00 0.00 ? 7   DT  A "C5'"  1 
ATOM   200  C  "C4'"  . DT  A 1 7 ? 3.789  1.140  3.925  1.00 0.00 ? 7   DT  A "C4'"  1 
ATOM   201  O  "O4'"  . DT  A 1 7 ? 2.562  0.512  4.273  1.00 0.00 ? 7   DT  A "O4'"  1 
ATOM   202  C  "C3'"  . DT  A 1 7 ? 4.664  1.171  5.189  1.00 0.00 ? 7   DT  A "C3'"  1 
ATOM   203  O  "O3'"  . DT  A 1 7 ? 4.754  2.484  5.698  1.00 0.00 ? 7   DT  A "O3'"  1 
ATOM   204  C  "C2'"  . DT  A 1 7 ? 3.959  0.268  6.183  1.00 0.00 ? 7   DT  A "C2'"  1 
ATOM   205  C  "C1'"  . DT  A 1 7 ? 2.525  0.226  5.662  1.00 0.00 ? 7   DT  A "C1'"  1 
ATOM   206  N  N1     . DT  A 1 7 ? 1.909  -1.102 5.908  1.00 0.00 ? 7   DT  A N1     1 
ATOM   207  C  C2     . DT  A 1 7 ? 0.901  -1.199 6.870  1.00 0.00 ? 7   DT  A C2     1 
ATOM   208  O  O2     . DT  A 1 7 ? 0.465  -0.234 7.493  1.00 0.00 ? 7   DT  A O2     1 
ATOM   209  N  N3     . DT  A 1 7 ? 0.404  -2.463 7.116  1.00 0.00 ? 7   DT  A N3     1 
ATOM   210  C  C4     . DT  A 1 7 ? 0.810  -3.629 6.495  1.00 0.00 ? 7   DT  A C4     1 
ATOM   211  O  O4     . DT  A 1 7 ? 0.251  -4.679 6.793  1.00 0.00 ? 7   DT  A O4     1 
ATOM   212  C  C5     . DT  A 1 7 ? 1.882  -3.459 5.516  1.00 0.00 ? 7   DT  A C5     1 
ATOM   213  C  C7     . DT  A 1 7 ? 2.443  -4.652 4.756  1.00 0.00 ? 7   DT  A C7     1 
ATOM   214  C  C6     . DT  A 1 7 ? 2.386  -2.224 5.266  1.00 0.00 ? 7   DT  A C6     1 
ATOM   215  H  "H5'"  . DT  A 1 7 ? 3.796  0.390  1.883  1.00 0.00 ? 7   DT  A "H5'"  1 
ATOM   216  H  "H5''" . DT  A 1 7 ? 5.383  0.895  2.502  1.00 0.00 ? 7   DT  A "H5''" 1 
ATOM   217  H  "H4'"  . DT  A 1 7 ? 3.610  2.159  3.601  1.00 0.00 ? 7   DT  A "H4'"  1 
ATOM   218  H  "H3'"  . DT  A 1 7 ? 5.655  0.768  4.994  1.00 0.00 ? 7   DT  A "H3'"  1 
ATOM   219  H  "H2'"  . DT  A 1 7 ? 4.420  -0.721 6.154  1.00 0.00 ? 7   DT  A "H2'"  1 
ATOM   220  H  "H2''" . DT  A 1 7 ? 4.002  0.668  7.196  1.00 0.00 ? 7   DT  A "H2''" 1 
ATOM   221  H  "H1'"  . DT  A 1 7 ? 1.947  1.007  6.160  1.00 0.00 ? 7   DT  A "H1'"  1 
ATOM   222  H  H3     . DT  A 1 7 ? -0.325 -2.536 7.799  1.00 0.00 ? 7   DT  A H3     1 
ATOM   223  H  H71    . DT  A 1 7 ? 3.152  -4.339 3.986  1.00 0.00 ? 7   DT  A H71    1 
ATOM   224  H  H72    . DT  A 1 7 ? 1.626  -5.202 4.291  1.00 0.00 ? 7   DT  A H72    1 
ATOM   225  H  H73    . DT  A 1 7 ? 2.946  -5.319 5.455  1.00 0.00 ? 7   DT  A H73    1 
ATOM   226  H  H6     . DT  A 1 7 ? 3.192  -2.108 4.557  1.00 0.00 ? 7   DT  A H6     1 
ATOM   227  P  P      . DA  A 1 8 ? 5.947  3.448  5.235  1.00 0.00 ? 8   DA  A P      1 
ATOM   228  O  OP1    . DA  A 1 8 ? 7.242  2.808  5.553  1.00 0.00 ? 8   DA  A OP1    1 
ATOM   229  O  OP2    . DA  A 1 8 ? 5.540  4.767  5.769  1.00 0.00 ? 8   DA  A OP2    1 
ATOM   230  O  "O5'"  . DA  A 1 8 ? 5.780  3.452  3.652  1.00 0.00 ? 8   DA  A "O5'"  1 
ATOM   231  C  "C5'"  . DA  A 1 8 ? 6.092  4.587  2.872  1.00 0.00 ? 8   DA  A "C5'"  1 
ATOM   232  C  "C4'"  . DA  A 1 8 ? 5.820  4.300  1.387  1.00 0.00 ? 8   DA  A "C4'"  1 
ATOM   233  O  "O4'"  . DA  A 1 8 ? 4.630  3.555  1.163  1.00 0.00 ? 8   DA  A "O4'"  1 
ATOM   234  C  "C3'"  . DA  A 1 8 ? 5.587  5.592  0.607  1.00 0.00 ? 8   DA  A "C3'"  1 
ATOM   235  O  "O3'"  . DA  A 1 8 ? 5.856  5.369  -0.761 1.00 0.00 ? 8   DA  A "O3'"  1 
ATOM   236  C  "C2'"  . DA  A 1 8 ? 4.097  5.843  0.830  1.00 0.00 ? 8   DA  A "C2'"  1 
ATOM   237  C  "C1'"  . DA  A 1 8 ? 3.522  4.431  1.032  1.00 0.00 ? 8   DA  A "C1'"  1 
ATOM   238  N  N9     . DA  A 1 8 ? 2.634  4.242  2.210  1.00 0.00 ? 8   DA  A N9     1 
ATOM   239  C  C8     . DA  A 1 8 ? 2.689  4.789  3.469  1.00 0.00 ? 8   DA  A C8     1 
ATOM   240  N  N7     . DA  A 1 8 ? 1.879  4.242  4.346  1.00 0.00 ? 8   DA  A N7     1 
ATOM   241  C  C5     . DA  A 1 8 ? 1.191  3.281  3.577  1.00 0.00 ? 8   DA  A C5     1 
ATOM   242  C  C6     . DA  A 1 8 ? 0.220  2.267  3.822  1.00 0.00 ? 8   DA  A C6     1 
ATOM   243  N  N6     . DA  A 1 8 ? -0.360 1.945  4.971  1.00 0.00 ? 8   DA  A N6     1 
ATOM   244  N  N1     . DA  A 1 8 ? -0.121 1.415  2.859  1.00 0.00 ? 8   DA  A N1     1 
ATOM   245  C  C2     . DA  A 1 8 ? 0.455  1.522  1.672  1.00 0.00 ? 8   DA  A C2     1 
ATOM   246  N  N3     . DA  A 1 8 ? 1.319  2.439  1.277  1.00 0.00 ? 8   DA  A N3     1 
ATOM   247  C  C4     . DA  A 1 8 ? 1.657  3.285  2.283  1.00 0.00 ? 8   DA  A C4     1 
ATOM   248  H  "H5'"  . DA  A 1 8 ? 7.146  4.842  3.001  1.00 0.00 ? 8   DA  A "H5'"  1 
ATOM   249  H  "H5''" . DA  A 1 8 ? 5.497  5.434  3.210  1.00 0.00 ? 8   DA  A "H5''" 1 
ATOM   250  H  "H4'"  . DA  A 1 8 ? 6.674  3.757  0.982  1.00 0.00 ? 8   DA  A "H4'"  1 
ATOM   251  H  "H3'"  . DA  A 1 8 ? 6.192  6.417  0.987  1.00 0.00 ? 8   DA  A "H3'"  1 
ATOM   252  H  "HO3'" . DA  A 1 8 ? 5.424  4.545  -1.015 1.00 0.00 ? 8   DA  A "HO3'" 1 
ATOM   253  H  "H2'"  . DA  A 1 8 ? 3.955  6.464  1.714  1.00 0.00 ? 8   DA  A "H2'"  1 
ATOM   254  H  "H2''" . DA  A 1 8 ? 3.648  6.335  -0.031 1.00 0.00 ? 8   DA  A "H2''" 1 
ATOM   255  H  "H1'"  . DA  A 1 8 ? 2.962  4.135  0.138  1.00 0.00 ? 8   DA  A "H1'"  1 
ATOM   256  H  H8     . DA  A 1 8 ? 3.399  5.560  3.720  1.00 0.00 ? 8   DA  A H8     1 
ATOM   257  H  H61    . DA  A 1 8 ? -0.898 1.080  4.976  1.00 0.00 ? 8   DA  A H61    1 
ATOM   258  H  H62    . DA  A 1 8 ? -0.184 2.466  5.809  1.00 0.00 ? 8   DA  A H62    1 
ATOM   259  H  H2     . DA  A 1 8 ? 0.192  0.766  0.948  1.00 0.00 ? 8   DA  A H2     1 
HETATM 260  NA NA     . NA  B 2 . ? 8.060  1.087  4.467  1.00 0.00 ? 101 NA  A NA     1 
HETATM 261  NA NA     . NA  C 2 . ? 1.152  1.224  -8.154 1.00 0.00 ? 102 NA  A NA     1 
HETATM 262  NA NA     . NA  D 2 . ? -4.957 -4.596 -3.047 1.00 0.00 ? 103 NA  A NA     1 
HETATM 263  NA NA     . NA  E 2 . ? 3.414  4.350  6.271  1.00 0.00 ? 104 NA  A NA     1 
HETATM 264  NA NA     . NA  F 2 . ? -7.481 -1.729 -4.775 1.00 0.00 ? 105 NA  A NA     1 
HETATM 265  NA NA     . NA  G 2 . ? 4.829  -3.744 -3.296 1.00 0.00 ? 106 NA  A NA     1 
ATOM   266  O  "O5'"  . DT  A 1 1 ? 3.995  6.706  -4.231 1.00 0.00 ? 1   DT  A "O5'"  2 
ATOM   267  C  "C5'"  . DT  A 1 1 ? 3.217  6.226  -3.151 1.00 0.00 ? 1   DT  A "C5'"  2 
ATOM   268  C  "C4'"  . DT  A 1 1 ? 2.654  4.842  -3.457 1.00 0.00 ? 1   DT  A "C4'"  2 
ATOM   269  O  "O4'"  . DT  A 1 1 ? 2.012  4.361  -2.286 1.00 0.00 ? 1   DT  A "O4'"  2 
ATOM   270  C  "C3'"  . DT  A 1 1 ? 1.625  4.857  -4.593 1.00 0.00 ? 1   DT  A "C3'"  2 
ATOM   271  O  "O3'"  . DT  A 1 1 ? 1.827  3.698  -5.390 1.00 0.00 ? 1   DT  A "O3'"  2 
ATOM   272  C  "C2'"  . DT  A 1 1 ? 0.307  4.784  -3.826 1.00 0.00 ? 1   DT  A "C2'"  2 
ATOM   273  C  "C1'"  . DT  A 1 1 ? 0.731  3.899  -2.659 1.00 0.00 ? 1   DT  A "C1'"  2 
ATOM   274  N  N1     . DT  A 1 1 ? -0.209 3.899  -1.504 1.00 0.00 ? 1   DT  A N1     2 
ATOM   275  C  C2     . DT  A 1 1 ? -0.860 2.700  -1.208 1.00 0.00 ? 1   DT  A C2     2 
ATOM   276  O  O2     . DT  A 1 1 ? -0.735 1.692  -1.888 1.00 0.00 ? 1   DT  A O2     2 
ATOM   277  N  N3     . DT  A 1 1 ? -1.653 2.663  -0.085 1.00 0.00 ? 1   DT  A N3     2 
ATOM   278  C  C4     . DT  A 1 1 ? -1.803 3.704  0.805  1.00 0.00 ? 1   DT  A C4     2 
ATOM   279  O  O4     . DT  A 1 1 ? -2.462 3.522  1.822  1.00 0.00 ? 1   DT  A O4     2 
ATOM   280  C  C5     . DT  A 1 1 ? -1.128 4.945  0.426  1.00 0.00 ? 1   DT  A C5     2 
ATOM   281  C  C7     . DT  A 1 1 ? -1.253 6.174  1.309  1.00 0.00 ? 1   DT  A C7     2 
ATOM   282  C  C6     . DT  A 1 1 ? -0.376 5.008  -0.707 1.00 0.00 ? 1   DT  A C6     2 
ATOM   283  H  "H5'"  . DT  A 1 1 ? 2.401  6.918  -2.939 1.00 0.00 ? 1   DT  A "H5'"  2 
ATOM   284  H  "H5''" . DT  A 1 1 ? 3.839  6.129  -2.269 1.00 0.00 ? 1   DT  A "H5''" 2 
ATOM   285  H  "H4'"  . DT  A 1 1 ? 3.477  4.178  -3.726 1.00 0.00 ? 1   DT  A "H4'"  2 
ATOM   286  H  "H3'"  . DT  A 1 1 ? 1.702  5.768  -5.192 1.00 0.00 ? 1   DT  A "H3'"  2 
ATOM   287  H  "H2'"  . DT  A 1 1 ? -0.018 5.765  -3.479 1.00 0.00 ? 1   DT  A "H2'"  2 
ATOM   288  H  "H2''" . DT  A 1 1 ? -0.484 4.319  -4.409 1.00 0.00 ? 1   DT  A "H2''" 2 
ATOM   289  H  "H1'"  . DT  A 1 1 ? 0.820  2.880  -3.041 1.00 0.00 ? 1   DT  A "H1'"  2 
ATOM   290  H  H3     . DT  A 1 1 ? -2.106 1.783  0.121  1.00 0.00 ? 1   DT  A H3     2 
ATOM   291  H  H71    . DT  A 1 1 ? -0.713 7.021  0.888  1.00 0.00 ? 1   DT  A H71    2 
ATOM   292  H  H72    . DT  A 1 1 ? -2.307 6.436  1.411  1.00 0.00 ? 1   DT  A H72    2 
ATOM   293  H  H73    . DT  A 1 1 ? -0.861 5.945  2.300  1.00 0.00 ? 1   DT  A H73    2 
ATOM   294  H  H6     . DT  A 1 1 ? 0.123  5.927  -0.980 1.00 0.00 ? 1   DT  A H6     2 
ATOM   295  H  "HO5'" . DT  A 1 1 ? 4.493  7.481  -3.952 1.00 0.00 ? 1   DT  A "HO5'" 2 
ATOM   296  P  P      . DT  A 1 2 ? 1.314  3.604  -6.907 1.00 0.00 ? 2   DT  A P      2 
ATOM   297  O  OP1    . DT  A 1 2 ? 1.869  2.371  -7.504 1.00 0.00 ? 2   DT  A OP1    2 
ATOM   298  O  OP2    . DT  A 1 2 ? 1.678  4.835  -7.635 1.00 0.00 ? 2   DT  A OP2    2 
ATOM   299  O  "O5'"  . DT  A 1 2 ? -0.281 3.496  -6.803 1.00 0.00 ? 2   DT  A "O5'"  2 
ATOM   300  C  "C5'"  . DT  A 1 2 ? -1.091 2.966  -7.838 1.00 0.00 ? 2   DT  A "C5'"  2 
ATOM   301  C  "C4'"  . DT  A 1 2 ? -1.796 1.643  -7.482 1.00 0.00 ? 2   DT  A "C4'"  2 
ATOM   302  O  "O4'"  . DT  A 1 2 ? -0.837 0.610  -7.334 1.00 0.00 ? 2   DT  A "O4'"  2 
ATOM   303  C  "C3'"  . DT  A 1 2 ? -2.587 1.703  -6.168 1.00 0.00 ? 2   DT  A "C3'"  2 
ATOM   304  O  "O3'"  . DT  A 1 2 ? -3.661 0.766  -6.237 1.00 0.00 ? 2   DT  A "O3'"  2 
ATOM   305  C  "C2'"  . DT  A 1 2 ? -1.518 1.235  -5.185 1.00 0.00 ? 2   DT  A "C2'"  2 
ATOM   306  C  "C1'"  . DT  A 1 2 ? -0.911 0.105  -6.012 1.00 0.00 ? 2   DT  A "C1'"  2 
ATOM   307  N  N1     . DT  A 1 2 ? 0.425  -0.420 -5.618 1.00 0.00 ? 2   DT  A N1     2 
ATOM   308  C  C2     . DT  A 1 2 ? 0.674  -1.765 -5.906 1.00 0.00 ? 2   DT  A C2     2 
ATOM   309  O  O2     . DT  A 1 2 ? -0.142 -2.526 -6.417 1.00 0.00 ? 2   DT  A O2     2 
ATOM   310  N  N3     . DT  A 1 2 ? 1.915  -2.260 -5.567 1.00 0.00 ? 2   DT  A N3     2 
ATOM   311  C  C4     . DT  A 1 2 ? 2.910  -1.566 -4.911 1.00 0.00 ? 2   DT  A C4     2 
ATOM   312  O  O4     . DT  A 1 2 ? 3.919  -2.186 -4.566 1.00 0.00 ? 2   DT  A O4     2 
ATOM   313  C  C5     . DT  A 1 2 ? 2.598  -0.158 -4.660 1.00 0.00 ? 2   DT  A C5     2 
ATOM   314  C  C7     . DT  A 1 2 ? 3.633  0.747  -4.015 1.00 0.00 ? 2   DT  A C7     2 
ATOM   315  C  C6     . DT  A 1 2 ? 1.376  0.352  -4.984 1.00 0.00 ? 2   DT  A C6     2 
ATOM   316  H  "H5'"  . DT  A 1 2 ? -0.513 2.831  -8.753 1.00 0.00 ? 2   DT  A "H5'"  2 
ATOM   317  H  "H5''" . DT  A 1 2 ? -1.863 3.702  -8.023 1.00 0.00 ? 2   DT  A "H5''" 2 
ATOM   318  H  "H4'"  . DT  A 1 2 ? -2.481 1.384  -8.291 1.00 0.00 ? 2   DT  A "H4'"  2 
ATOM   319  H  "H3'"  . DT  A 1 2 ? -2.941 2.714  -5.954 1.00 0.00 ? 2   DT  A "H3'"  2 
ATOM   320  H  "H2'"  . DT  A 1 2 ? -0.811 2.023  -4.950 1.00 0.00 ? 2   DT  A "H2'"  2 
ATOM   321  H  "H2''" . DT  A 1 2 ? -1.928 0.865  -4.258 1.00 0.00 ? 2   DT  A "H2''" 2 
ATOM   322  H  "H1'"  . DT  A 1 2 ? -1.640 -0.707 -5.953 1.00 0.00 ? 2   DT  A "H1'"  2 
ATOM   323  H  H3     . DT  A 1 2 ? 2.077  -3.224 -5.785 1.00 0.00 ? 2   DT  A H3     2 
ATOM   324  H  H71    . DT  A 1 2 ? 4.072  0.253  -3.149 1.00 0.00 ? 2   DT  A H71    2 
ATOM   325  H  H72    . DT  A 1 2 ? 4.431  0.939  -4.733 1.00 0.00 ? 2   DT  A H72    2 
ATOM   326  H  H73    . DT  A 1 2 ? 3.188  1.691  -3.705 1.00 0.00 ? 2   DT  A H73    2 
ATOM   327  H  H6     . DT  A 1 2 ? 1.142  1.383  -4.762 1.00 0.00 ? 2   DT  A H6     2 
ATOM   328  P  P      . DT  A 1 3 ? -4.990 0.925  -5.345 1.00 0.00 ? 3   DT  A P      2 
ATOM   329  O  OP1    . DT  A 1 3 ? -5.835 -0.294 -5.480 1.00 0.00 ? 3   DT  A OP1    2 
ATOM   330  O  OP2    . DT  A 1 3 ? -5.577 2.251  -5.606 1.00 0.00 ? 3   DT  A OP2    2 
ATOM   331  O  "O5'"  . DT  A 1 3 ? -4.408 0.949  -3.848 1.00 0.00 ? 3   DT  A "O5'"  2 
ATOM   332  C  "C5'"  . DT  A 1 3 ? -4.050 -0.225 -3.135 1.00 0.00 ? 3   DT  A "C5'"  2 
ATOM   333  C  "C4'"  . DT  A 1 3 ? -4.822 -0.310 -1.820 1.00 0.00 ? 3   DT  A "C4'"  2 
ATOM   334  O  "O4'"  . DT  A 1 3 ? -4.379 0.686  -0.913 1.00 0.00 ? 3   DT  A "O4'"  2 
ATOM   335  C  "C3'"  . DT  A 1 3 ? -6.308 -0.109 -2.056 1.00 0.00 ? 3   DT  A "C3'"  2 
ATOM   336  O  "O3'"  . DT  A 1 3 ? -7.093 -1.080 -1.407 1.00 0.00 ? 3   DT  A "O3'"  2 
ATOM   337  C  "C2'"  . DT  A 1 3 ? -6.592 1.295  -1.556 1.00 0.00 ? 3   DT  A "C2'"  2 
ATOM   338  C  "C1'"  . DT  A 1 3 ? -5.462 1.527  -0.554 1.00 0.00 ? 3   DT  A "C1'"  2 
ATOM   339  N  N1     . DT  A 1 3 ? -5.024 2.944  -0.570 1.00 0.00 ? 3   DT  A N1     2 
ATOM   340  C  C2     . DT  A 1 3 ? -5.406 3.758  0.503  1.00 0.00 ? 3   DT  A C2     2 
ATOM   341  O  O2     . DT  A 1 3 ? -6.011 3.344  1.488  1.00 0.00 ? 3   DT  A O2     2 
ATOM   342  N  N3     . DT  A 1 3 ? -5.086 5.096  0.406  1.00 0.00 ? 3   DT  A N3     2 
ATOM   343  C  C4     . DT  A 1 3 ? -4.428 5.696  -0.649 1.00 0.00 ? 3   DT  A C4     2 
ATOM   344  O  O4     . DT  A 1 3 ? -4.206 6.901  -0.591 1.00 0.00 ? 3   DT  A O4     2 
ATOM   345  C  C5     . DT  A 1 3 ? -4.051 4.787  -1.732 1.00 0.00 ? 3   DT  A C5     2 
ATOM   346  C  C7     . DT  A 1 3 ? -3.318 5.312  -2.953 1.00 0.00 ? 3   DT  A C7     2 
ATOM   347  C  C6     . DT  A 1 3 ? -4.351 3.463  -1.660 1.00 0.00 ? 3   DT  A C6     2 
ATOM   348  H  "H5'"  . DT  A 1 3 ? -2.994 -0.194 -2.898 1.00 0.00 ? 3   DT  A "H5'"  2 
ATOM   349  H  "H5''" . DT  A 1 3 ? -4.245 -1.120 -3.730 1.00 0.00 ? 3   DT  A "H5''" 2 
ATOM   350  H  "H4'"  . DT  A 1 3 ? -4.671 -1.298 -1.402 1.00 0.00 ? 3   DT  A "H4'"  2 
ATOM   351  H  "H3'"  . DT  A 1 3 ? -6.483 -0.159 -3.118 1.00 0.00 ? 3   DT  A "H3'"  2 
ATOM   352  H  "H2'"  . DT  A 1 3 ? -6.513 1.976  -2.405 1.00 0.00 ? 3   DT  A "H2'"  2 
ATOM   353  H  "H2''" . DT  A 1 3 ? -7.573 1.368  -1.086 1.00 0.00 ? 3   DT  A "H2''" 2 
ATOM   354  H  "H1'"  . DT  A 1 3 ? -5.806 1.224  0.438  1.00 0.00 ? 3   DT  A "H1'"  2 
ATOM   355  H  H3     . DT  A 1 3 ? -5.354 5.683  1.173  1.00 0.00 ? 3   DT  A H3     2 
ATOM   356  H  H71    . DT  A 1 3 ? -2.408 5.819  -2.638 1.00 0.00 ? 3   DT  A H71    2 
ATOM   357  H  H72    . DT  A 1 3 ? -3.069 4.503  -3.642 1.00 0.00 ? 3   DT  A H72    2 
ATOM   358  H  H73    . DT  A 1 3 ? -3.951 6.037  -3.466 1.00 0.00 ? 3   DT  A H73    2 
ATOM   359  H  H6     . DT  A 1 3 ? -4.060 2.795  -2.466 1.00 0.00 ? 3   DT  A H6     2 
HETATM 360  C  C2     . MA7 A 1 4 ? -5.264 -1.407 3.371  1.00 0.00 ? 4   MA7 A C2     2 
HETATM 361  C  C4     . MA7 A 1 4 ? -3.981 -1.674 1.591  1.00 0.00 ? 4   MA7 A C4     2 
HETATM 362  C  C5     . MA7 A 1 4 ? -3.221 -0.561 1.859  1.00 0.00 ? 4   MA7 A C5     2 
HETATM 363  C  C6     . MA7 A 1 4 ? -3.594 0.166  3.026  1.00 0.00 ? 4   MA7 A C6     2 
HETATM 364  C  C8     . MA7 A 1 4 ? -2.380 -1.512 0.158  1.00 0.00 ? 4   MA7 A C8     2 
HETATM 365  P  P      . MA7 A 1 4 ? -7.497 -2.424 -2.174 1.00 0.00 ? 4   MA7 A P      2 
HETATM 366  O  OP1    . MA7 A 1 4 ? -6.337 -2.894 -2.970 1.00 0.00 ? 4   MA7 A OP1    2 
HETATM 367  O  OP2    . MA7 A 1 4 ? -8.691 -2.116 -2.983 1.00 0.00 ? 4   MA7 A OP2    2 
HETATM 368  O  "O5'"  . MA7 A 1 4 ? -7.823 -3.453 -0.973 1.00 0.00 ? 4   MA7 A "O5'"  2 
HETATM 369  N  N9     . MA7 A 1 4 ? -3.394 -2.302 0.532  1.00 0.00 ? 4   MA7 A N9     2 
HETATM 370  N  N3     . MA7 A 1 4 ? -5.033 -2.139 2.302  1.00 0.00 ? 4   MA7 A N3     2 
HETATM 371  N  N1     . MA7 A 1 4 ? -4.629 -0.305 3.784  1.00 0.00 ? 4   MA7 A N1     2 
HETATM 372  N  N6     . MA7 A 1 4 ? -2.924 1.257  3.422  1.00 0.00 ? 4   MA7 A N6     2 
HETATM 373  N  N7     . MA7 A 1 4 ? -2.204 -0.441 0.897  1.00 0.00 ? 4   MA7 A N7     2 
HETATM 374  C  CN     . MA7 A 1 4 ? -5.040 0.352  5.060  1.00 0.00 ? 4   MA7 A CN     2 
HETATM 375  C  "C2'"  . MA7 A 1 4 ? -3.707 -4.661 1.129  1.00 0.00 ? 4   MA7 A "C2'"  2 
HETATM 376  C  "C5'"  . MA7 A 1 4 ? -6.937 -3.665 0.130  1.00 0.00 ? 4   MA7 A "C5'"  2 
HETATM 377  C  "C4'"  . MA7 A 1 4 ? -5.730 -4.510 -0.290 1.00 0.00 ? 4   MA7 A "C4'"  2 
HETATM 378  O  "O4'"  . MA7 A 1 4 ? -4.704 -3.728 -0.872 1.00 0.00 ? 4   MA7 A "O4'"  2 
HETATM 379  C  "C1'"  . MA7 A 1 4 ? -3.593 -3.652 0.006  1.00 0.00 ? 4   MA7 A "C1'"  2 
HETATM 380  C  "C3'"  . MA7 A 1 4 ? -4.993 -5.334 0.766  1.00 0.00 ? 4   MA7 A "C3'"  2 
HETATM 381  O  "O3'"  . MA7 A 1 4 ? -4.752 -6.687 0.381  1.00 0.00 ? 4   MA7 A "O3'"  2 
HETATM 382  H  H2     . MA7 A 1 4 ? -6.057 -1.818 3.961  1.00 0.00 ? 4   MA7 A H2     2 
HETATM 383  H  H8     . MA7 A 1 4 ? -1.844 -1.876 -0.698 1.00 0.00 ? 4   MA7 A H8     2 
HETATM 384  H  H61    . MA7 A 1 4 ? -2.112 1.580  2.893  1.00 0.00 ? 4   MA7 A H61    2 
HETATM 385  H  H62    . MA7 A 1 4 ? -3.198 1.786  4.232  1.00 0.00 ? 4   MA7 A H62    2 
HETATM 386  H  HN1    . MA7 A 1 4 ? -4.217 0.307  5.777  1.00 0.00 ? 4   MA7 A HN1    2 
HETATM 387  H  HN2    . MA7 A 1 4 ? -5.312 1.394  4.875  1.00 0.00 ? 4   MA7 A HN2    2 
HETATM 388  H  HN3    . MA7 A 1 4 ? -5.903 -0.147 5.505  1.00 0.00 ? 4   MA7 A HN3    2 
HETATM 389  H  "H2'"  . MA7 A 1 4 ? -3.789 -4.220 2.116  1.00 0.00 ? 4   MA7 A "H2'"  2 
HETATM 390  H  "H2''" . MA7 A 1 4 ? -2.873 -5.350 1.165  1.00 0.00 ? 4   MA7 A "H2''" 2 
HETATM 391  H  "H5'"  . MA7 A 1 4 ? -7.487 -4.198 0.905  1.00 0.00 ? 4   MA7 A "H5'"  2 
HETATM 392  H  "H5''" . MA7 A 1 4 ? -6.617 -2.705 0.525  1.00 0.00 ? 4   MA7 A "H5''" 2 
HETATM 393  H  "H4'"  . MA7 A 1 4 ? -6.159 -5.207 -0.992 1.00 0.00 ? 4   MA7 A "H4'"  2 
HETATM 394  H  "H1'"  . MA7 A 1 4 ? -2.706 -3.920 -0.555 1.00 0.00 ? 4   MA7 A "H1'"  2 
HETATM 395  H  "H3'"  . MA7 A 1 4 ? -5.529 -5.224 1.676  1.00 0.00 ? 4   MA7 A "H3'"  2 
ATOM   396  P  P      . DT  A 1 5 ? -4.007 -7.135 -1.007 1.00 0.00 ? 5   DT  A P      2 
ATOM   397  O  OP1    . DT  A 1 5 ? -4.743 -6.555 -2.158 1.00 0.00 ? 5   DT  A OP1    2 
ATOM   398  O  OP2    . DT  A 1 5 ? -3.780 -8.589 -0.947 1.00 0.00 ? 5   DT  A OP2    2 
ATOM   399  O  "O5'"  . DT  A 1 5 ? -2.573 -6.401 -0.992 1.00 0.00 ? 5   DT  A "O5'"  2 
ATOM   400  C  "C5'"  . DT  A 1 5 ? -1.444 -6.964 -0.343 1.00 0.00 ? 5   DT  A "C5'"  2 
ATOM   401  C  "C4'"  . DT  A 1 5 ? -0.277 -5.982 -0.422 1.00 0.00 ? 5   DT  A "C4'"  2 
ATOM   402  O  "O4'"  . DT  A 1 5 ? -0.552 -4.767 0.269  1.00 0.00 ? 5   DT  A "O4'"  2 
ATOM   403  C  "C3'"  . DT  A 1 5 ? 1.101  -6.458 0.062  1.00 0.00 ? 5   DT  A "C3'"  2 
ATOM   404  O  "O3'"  . DT  A 1 5 ? 1.992  -5.903 -0.898 1.00 0.00 ? 5   DT  A "O3'"  2 
ATOM   405  C  "C2'"  . DT  A 1 5 ? 1.240  -5.761 1.419  1.00 0.00 ? 5   DT  A "C2'"  2 
ATOM   406  C  "C1'"  . DT  A 1 5 ? 0.557  -4.432 1.086  1.00 0.00 ? 5   DT  A "C1'"  2 
ATOM   407  N  N1     . DT  A 1 5 ? 0.071  -3.604 2.230  1.00 0.00 ? 5   DT  A N1     2 
ATOM   408  C  C2     . DT  A 1 5 ? 0.398  -2.246 2.212  1.00 0.00 ? 5   DT  A C2     2 
ATOM   409  O  O2     . DT  A 1 5 ? 1.033  -1.711 1.313  1.00 0.00 ? 5   DT  A O2     2 
ATOM   410  N  N3     . DT  A 1 5 ? -0.067 -1.478 3.250  1.00 0.00 ? 5   DT  A N3     2 
ATOM   411  C  C4     . DT  A 1 5 ? -0.971 -1.860 4.206  1.00 0.00 ? 5   DT  A C4     2 
ATOM   412  O  O4     . DT  A 1 5 ? -1.372 -1.007 4.998  1.00 0.00 ? 5   DT  A O4     2 
ATOM   413  C  C5     . DT  A 1 5 ? -1.356 -3.271 4.127  1.00 0.00 ? 5   DT  A C5     2 
ATOM   414  C  C7     . DT  A 1 5 ? -2.383 -3.828 5.094  1.00 0.00 ? 5   DT  A C7     2 
ATOM   415  C  C6     . DT  A 1 5 ? -0.816 -4.088 3.177  1.00 0.00 ? 5   DT  A C6     2 
ATOM   416  H  "H5'"  . DT  A 1 5 ? -1.161 -7.839 -0.906 1.00 0.00 ? 5   DT  A "H5'"  2 
ATOM   417  H  "H5''" . DT  A 1 5 ? -1.688 -7.239 0.681  1.00 0.00 ? 5   DT  A "H5''" 2 
ATOM   418  H  "H4'"  . DT  A 1 5 ? -0.192 -5.786 -1.482 1.00 0.00 ? 5   DT  A "H4'"  2 
ATOM   419  H  "H3'"  . DT  A 1 5 ? 1.178  -7.545 0.116  1.00 0.00 ? 5   DT  A "H3'"  2 
ATOM   420  H  "H2'"  . DT  A 1 5 ? 0.718  -6.304 2.206  1.00 0.00 ? 5   DT  A "H2'"  2 
ATOM   421  H  "H2''" . DT  A 1 5 ? 2.285  -5.620 1.695  1.00 0.00 ? 5   DT  A "H2''" 2 
ATOM   422  H  "H1'"  . DT  A 1 5 ? 1.295  -3.870 0.492  1.00 0.00 ? 5   DT  A "H1'"  2 
ATOM   423  H  H3     . DT  A 1 5 ? 0.149  -0.490 3.209  1.00 0.00 ? 5   DT  A H3     2 
ATOM   424  H  H71    . DT  A 1 5 ? -3.322 -3.289 4.975  1.00 0.00 ? 5   DT  A H71    2 
ATOM   425  H  H72    . DT  A 1 5 ? -2.034 -3.684 6.117  1.00 0.00 ? 5   DT  A H72    2 
ATOM   426  H  H73    . DT  A 1 5 ? -2.553 -4.892 4.923  1.00 0.00 ? 5   DT  A H73    2 
ATOM   427  H  H6     . DT  A 1 5 ? -1.118 -5.125 3.136  1.00 0.00 ? 5   DT  A H6     2 
ATOM   428  P  P      . DT  A 1 6 ? 3.483  -6.420 -1.192 1.00 0.00 ? 6   DT  A P      2 
ATOM   429  O  OP1    . DT  A 1 6 ? 3.921  -5.697 -2.416 1.00 0.00 ? 6   DT  A OP1    2 
ATOM   430  O  OP2    . DT  A 1 6 ? 3.512  -7.891 -1.136 1.00 0.00 ? 6   DT  A OP2    2 
ATOM   431  O  "O5'"  . DT  A 1 6 ? 4.328  -5.820 0.037  1.00 0.00 ? 6   DT  A "O5'"  2 
ATOM   432  C  "C5'"  . DT  A 1 6 ? 5.641  -5.312 -0.143 1.00 0.00 ? 6   DT  A "C5'"  2 
ATOM   433  C  "C4'"  . DT  A 1 6 ? 5.727  -3.777 -0.049 1.00 0.00 ? 6   DT  A "C4'"  2 
ATOM   434  O  "O4'"  . DT  A 1 6 ? 5.001  -3.059 -1.057 1.00 0.00 ? 6   DT  A "O4'"  2 
ATOM   435  C  "C3'"  . DT  A 1 6 ? 5.288  -3.272 1.316  1.00 0.00 ? 6   DT  A "C3'"  2 
ATOM   436  O  "O3'"  . DT  A 1 6 ? 6.186  -2.231 1.689  1.00 0.00 ? 6   DT  A "O3'"  2 
ATOM   437  C  "C2'"  . DT  A 1 6 ? 3.912  -2.780 0.923  1.00 0.00 ? 6   DT  A "C2'"  2 
ATOM   438  C  "C1'"  . DT  A 1 6 ? 4.190  -2.088 -0.398 1.00 0.00 ? 6   DT  A "C1'"  2 
ATOM   439  N  N1     . DT  A 1 6 ? 2.916  -1.785 -1.106 1.00 0.00 ? 6   DT  A N1     2 
ATOM   440  C  C2     . DT  A 1 6 ? 2.390  -0.487 -1.093 1.00 0.00 ? 6   DT  A C2     2 
ATOM   441  O  O2     . DT  A 1 6 ? 3.003  0.478  -0.650 1.00 0.00 ? 6   DT  A O2     2 
ATOM   442  N  N3     . DT  A 1 6 ? 1.131  -0.332 -1.653 1.00 0.00 ? 6   DT  A N3     2 
ATOM   443  C  C4     . DT  A 1 6 ? 0.389  -1.327 -2.257 1.00 0.00 ? 6   DT  A C4     2 
ATOM   444  O  O4     . DT  A 1 6 ? -0.717 -1.078 -2.723 1.00 0.00 ? 6   DT  A O4     2 
ATOM   445  C  C5     . DT  A 1 6 ? 1.017  -2.632 -2.269 1.00 0.00 ? 6   DT  A C5     2 
ATOM   446  C  C7     . DT  A 1 6 ? 0.302  -3.784 -2.944 1.00 0.00 ? 6   DT  A C7     2 
ATOM   447  C  C6     . DT  A 1 6 ? 2.222  -2.812 -1.673 1.00 0.00 ? 6   DT  A C6     2 
ATOM   448  H  "H5'"  . DT  A 1 6 ? 6.055  -5.647 -1.091 1.00 0.00 ? 6   DT  A "H5'"  2 
ATOM   449  H  "H5''" . DT  A 1 6 ? 6.269  -5.731 0.645  1.00 0.00 ? 6   DT  A "H5''" 2 
ATOM   450  H  "H4'"  . DT  A 1 6 ? 6.754  -3.499 -0.130 1.00 0.00 ? 6   DT  A "H4'"  2 
ATOM   451  H  "H3'"  . DT  A 1 6 ? 5.250  -4.068 2.065  1.00 0.00 ? 6   DT  A "H3'"  2 
ATOM   452  H  "H2'"  . DT  A 1 6 ? 3.215  -3.597 0.800  1.00 0.00 ? 6   DT  A "H2'"  2 
ATOM   453  H  "H2''" . DT  A 1 6 ? 3.468  -2.107 1.625  1.00 0.00 ? 6   DT  A "H2''" 2 
ATOM   454  H  "H1'"  . DT  A 1 6 ? 4.711  -1.146 -0.198 1.00 0.00 ? 6   DT  A "H1'"  2 
ATOM   455  H  H3     . DT  A 1 6 ? 0.683  0.576  -1.609 1.00 0.00 ? 6   DT  A H3     2 
ATOM   456  H  H71    . DT  A 1 6 ? 0.927  -4.677 -2.959 1.00 0.00 ? 6   DT  A H71    2 
ATOM   457  H  H72    . DT  A 1 6 ? 0.054  -3.518 -3.967 1.00 0.00 ? 6   DT  A H72    2 
ATOM   458  H  H73    . DT  A 1 6 ? -0.642 -3.962 -2.432 1.00 0.00 ? 6   DT  A H73    2 
ATOM   459  H  H6     . DT  A 1 6 ? 2.669  -3.772 -1.580 1.00 0.00 ? 6   DT  A H6     2 
ATOM   460  P  P      . DT  A 1 7 ? 6.222  -1.646 3.180  1.00 0.00 ? 7   DT  A P      2 
ATOM   461  O  OP1    . DT  A 1 7 ? 7.264  -0.591 3.305  1.00 0.00 ? 7   DT  A OP1    2 
ATOM   462  O  OP2    . DT  A 1 7 ? 6.184  -2.766 4.136  1.00 0.00 ? 7   DT  A OP2    2 
ATOM   463  O  "O5'"  . DT  A 1 7 ? 4.796  -0.938 3.236  1.00 0.00 ? 7   DT  A "O5'"  2 
ATOM   464  C  "C5'"  . DT  A 1 7 ? 4.538  0.362  2.738  1.00 0.00 ? 7   DT  A "C5'"  2 
ATOM   465  C  "C4'"  . DT  A 1 7 ? 3.913  1.117  3.909  1.00 0.00 ? 7   DT  A "C4'"  2 
ATOM   466  O  "O4'"  . DT  A 1 7 ? 2.706  0.479  4.305  1.00 0.00 ? 7   DT  A "O4'"  2 
ATOM   467  C  "C3'"  . DT  A 1 7 ? 4.825  1.167  5.142  1.00 0.00 ? 7   DT  A "C3'"  2 
ATOM   468  O  "O3'"  . DT  A 1 7 ? 4.896  2.483  5.650  1.00 0.00 ? 7   DT  A "O3'"  2 
ATOM   469  C  "C2'"  . DT  A 1 7 ? 4.172  0.250  6.158  1.00 0.00 ? 7   DT  A "C2'"  2 
ATOM   470  C  "C1'"  . DT  A 1 7 ? 2.718  0.211  5.696  1.00 0.00 ? 7   DT  A "C1'"  2 
ATOM   471  N  N1     . DT  A 1 7 ? 2.093  -1.107 5.975  1.00 0.00 ? 7   DT  A N1     2 
ATOM   472  C  C2     . DT  A 1 7 ? 1.091  -1.178 6.945  1.00 0.00 ? 7   DT  A C2     2 
ATOM   473  O  O2     . DT  A 1 7 ? 0.669  -0.198 7.555  1.00 0.00 ? 7   DT  A O2     2 
ATOM   474  N  N3     . DT  A 1 7 ? 0.578  -2.432 7.212  1.00 0.00 ? 7   DT  A N3     2 
ATOM   475  C  C4     . DT  A 1 7 ? 0.963  -3.612 6.602  1.00 0.00 ? 7   DT  A C4     2 
ATOM   476  O  O4     . DT  A 1 7 ? 0.393  -4.649 6.918  1.00 0.00 ? 7   DT  A O4     2 
ATOM   477  C  C5     . DT  A 1 7 ? 2.028  -3.467 5.611  1.00 0.00 ? 7   DT  A C5     2 
ATOM   478  C  C7     . DT  A 1 7 ? 2.566  -4.679 4.869  1.00 0.00 ? 7   DT  A C7     2 
ATOM   479  C  C6     . DT  A 1 7 ? 2.548  -2.243 5.341  1.00 0.00 ? 7   DT  A C6     2 
ATOM   480  H  "H5'"  . DT  A 1 7 ? 3.850  0.346  1.879  1.00 0.00 ? 7   DT  A "H5'"  2 
ATOM   481  H  "H5''" . DT  A 1 7 ? 5.457  0.867  2.434  1.00 0.00 ? 7   DT  A "H5''" 2 
ATOM   482  H  "H4'"  . DT  A 1 7 ? 3.713  2.128  3.578  1.00 0.00 ? 7   DT  A "H4'"  2 
ATOM   483  H  "H3'"  . DT  A 1 7 ? 5.821  0.790  4.918  1.00 0.00 ? 7   DT  A "H3'"  2 
ATOM   484  H  "H2'"  . DT  A 1 7 ? 4.636  -0.737 6.095  1.00 0.00 ? 7   DT  A "H2'"  2 
ATOM   485  H  "H2''" . DT  A 1 7 ? 4.259  0.639  7.172  1.00 0.00 ? 7   DT  A "H2''" 2 
ATOM   486  H  "H1'"  . DT  A 1 7 ? 2.167  1.002  6.207  1.00 0.00 ? 7   DT  A "H1'"  2 
ATOM   487  H  H3     . DT  A 1 7 ? -0.152 -2.487 7.897  1.00 0.00 ? 7   DT  A H3     2 
ATOM   488  H  H71    . DT  A 1 7 ? 1.749  -5.183 4.359  1.00 0.00 ? 7   DT  A H71    2 
ATOM   489  H  H72    . DT  A 1 7 ? 3.004  -5.374 5.587  1.00 0.00 ? 7   DT  A H72    2 
ATOM   490  H  H73    . DT  A 1 7 ? 3.328  -4.393 4.139  1.00 0.00 ? 7   DT  A H73    2 
ATOM   491  H  H6     . DT  A 1 7 ? 3.342  -2.142 4.617  1.00 0.00 ? 7   DT  A H6     2 
ATOM   492  P  P      . DA  A 1 8 ? 6.040  3.486  5.150  1.00 0.00 ? 8   DA  A P      2 
ATOM   493  O  OP1    . DA  A 1 8 ? 7.363  2.857  5.357  1.00 0.00 ? 8   DA  A OP1    2 
ATOM   494  O  OP2    . DA  A 1 8 ? 5.649  4.773  5.766  1.00 0.00 ? 8   DA  A OP2    2 
ATOM   495  O  "O5'"  . DA  A 1 8 ? 5.773  3.567  3.581  1.00 0.00 ? 8   DA  A "O5'"  2 
ATOM   496  C  "C5'"  . DA  A 1 8 ? 6.076  4.732  2.837  1.00 0.00 ? 8   DA  A "C5'"  2 
ATOM   497  C  "C4'"  . DA  A 1 8 ? 5.770  4.511  1.347  1.00 0.00 ? 8   DA  A "C4'"  2 
ATOM   498  O  "O4'"  . DA  A 1 8 ? 4.628  3.697  1.110  1.00 0.00 ? 8   DA  A "O4'"  2 
ATOM   499  C  "C3'"  . DA  A 1 8 ? 5.431  5.826  0.646  1.00 0.00 ? 8   DA  A "C3'"  2 
ATOM   500  O  "O3'"  . DA  A 1 8 ? 5.710  5.705  -0.732 1.00 0.00 ? 8   DA  A "O3'"  2 
ATOM   501  C  "C2'"  . DA  A 1 8 ? 3.926  5.953  0.886  1.00 0.00 ? 8   DA  A "C2'"  2 
ATOM   502  C  "C1'"  . DA  A 1 8 ? 3.457  4.500  1.063  1.00 0.00 ? 8   DA  A "C1'"  2 
ATOM   503  N  N9     . DA  A 1 8 ? 2.640  4.223  2.275  1.00 0.00 ? 8   DA  A N9     2 
ATOM   504  C  C8     . DA  A 1 8 ? 2.737  4.723  3.549  1.00 0.00 ? 8   DA  A C8     2 
ATOM   505  N  N7     . DA  A 1 8 ? 1.965  4.146  4.440  1.00 0.00 ? 8   DA  A N7     2 
ATOM   506  C  C5     . DA  A 1 8 ? 1.269  3.195  3.667  1.00 0.00 ? 8   DA  A C5     2 
ATOM   507  C  C6     . DA  A 1 8 ? 0.328  2.159  3.924  1.00 0.00 ? 8   DA  A C6     2 
ATOM   508  N  N6     . DA  A 1 8 ? -0.210 1.816  5.088  1.00 0.00 ? 8   DA  A N6     2 
ATOM   509  N  N1     . DA  A 1 8 ? -0.025 1.312  2.959  1.00 0.00 ? 8   DA  A N1     2 
ATOM   510  C  C2     . DA  A 1 8 ? 0.522  1.448  1.758  1.00 0.00 ? 8   DA  A C2     2 
ATOM   511  N  N3     . DA  A 1 8 ? 1.349  2.396  1.352  1.00 0.00 ? 8   DA  A N3     2 
ATOM   512  C  C4     . DA  A 1 8 ? 1.695  3.234  2.361  1.00 0.00 ? 8   DA  A C4     2 
ATOM   513  H  "H5'"  . DA  A 1 8 ? 7.135  4.972  2.948  1.00 0.00 ? 8   DA  A "H5'"  2 
ATOM   514  H  "H5''" . DA  A 1 8 ? 5.501  5.573  3.220  1.00 0.00 ? 8   DA  A "H5''" 2 
ATOM   515  H  "H4'"  . DA  A 1 8 ? 6.643  4.052  0.884  1.00 0.00 ? 8   DA  A "H4'"  2 
ATOM   516  H  "H3'"  . DA  A 1 8 ? 5.978  6.672  1.069  1.00 0.00 ? 8   DA  A "H3'"  2 
ATOM   517  H  "HO3'" . DA  A 1 8 ? 5.342  4.867  -1.038 1.00 0.00 ? 8   DA  A "HO3'" 2 
ATOM   518  H  "H2'"  . DA  A 1 8 ? 3.742  6.546  1.781  1.00 0.00 ? 8   DA  A "H2'"  2 
ATOM   519  H  "H2''" . DA  A 1 8 ? 3.435  6.426  0.036  1.00 0.00 ? 8   DA  A "H2''" 2 
ATOM   520  H  "H1'"  . DA  A 1 8 ? 2.876  4.191  0.187  1.00 0.00 ? 8   DA  A "H1'"  2 
ATOM   521  H  H8     . DA  A 1 8 ? 3.452  5.488  3.799  1.00 0.00 ? 8   DA  A H8     2 
ATOM   522  H  H61    . DA  A 1 8 ? 0.000  2.324  5.927  1.00 0.00 ? 8   DA  A H61    2 
ATOM   523  H  H62    . DA  A 1 8 ? -0.719 0.934  5.114  1.00 0.00 ? 8   DA  A H62    2 
ATOM   524  H  H2     . DA  A 1 8 ? 0.269  0.688  1.036  1.00 0.00 ? 8   DA  A H2     2 
HETATM 525  NA NA     . NA  B 2 . ? -5.024 -4.632 -3.112 1.00 0.00 ? 101 NA  A NA     2 
HETATM 526  NA NA     . NA  C 2 . ? 4.730  -3.867 -3.262 1.00 0.00 ? 102 NA  A NA     2 
HETATM 527  NA NA     . NA  D 2 . ? -7.436 -1.628 -4.827 1.00 0.00 ? 103 NA  A NA     2 
HETATM 528  NA NA     . NA  E 2 . ? 3.549  4.304  6.333  1.00 0.00 ? 104 NA  A NA     2 
HETATM 529  NA NA     . NA  F 2 . ? 2.877  3.585  -9.103 1.00 0.00 ? 105 NA  A NA     2 
HETATM 530  NA NA     . NA  G 2 . ? 8.171  1.134  4.261  1.00 0.00 ? 106 NA  A NA     2 
ATOM   531  O  "O5'"  . DT  A 1 1 ? 4.161  6.315  -2.504 1.00 0.00 ? 1   DT  A "O5'"  3 
ATOM   532  C  "C5'"  . DT  A 1 1 ? 2.837  5.827  -2.383 1.00 0.00 ? 1   DT  A "C5'"  3 
ATOM   533  C  "C4'"  . DT  A 1 1 ? 2.604  4.525  -3.170 1.00 0.00 ? 1   DT  A "C4'"  3 
ATOM   534  O  "O4'"  . DT  A 1 1 ? 1.883  3.641  -2.330 1.00 0.00 ? 1   DT  A "O4'"  3 
ATOM   535  C  "C3'"  . DT  A 1 1 ? 1.733  4.726  -4.419 1.00 0.00 ? 1   DT  A "C3'"  3 
ATOM   536  O  "O3'"  . DT  A 1 1 ? 1.913  3.626  -5.303 1.00 0.00 ? 1   DT  A "O3'"  3 
ATOM   537  C  "C2'"  . DT  A 1 1 ? 0.344  4.735  -3.777 1.00 0.00 ? 1   DT  A "C2'"  3 
ATOM   538  C  "C1'"  . DT  A 1 1 ? 0.521  3.649  -2.715 1.00 0.00 ? 1   DT  A "C1'"  3 
ATOM   539  N  N1     . DT  A 1 1 ? -0.334 3.781  -1.506 1.00 0.00 ? 1   DT  A N1     3 
ATOM   540  C  C2     . DT  A 1 1 ? -1.075 2.659  -1.133 1.00 0.00 ? 1   DT  A C2     3 
ATOM   541  O  O2     . DT  A 1 1 ? -1.073 1.615  -1.769 1.00 0.00 ? 1   DT  A O2     3 
ATOM   542  N  N3     . DT  A 1 1 ? -1.794 2.729  0.035  1.00 0.00 ? 1   DT  A N3     3 
ATOM   543  C  C4     . DT  A 1 1 ? -1.740 3.778  0.929  1.00 0.00 ? 1   DT  A C4     3 
ATOM   544  O  O4     . DT  A 1 1 ? -2.335 3.677  1.994  1.00 0.00 ? 1   DT  A O4     3 
ATOM   545  C  C5     . DT  A 1 1 ? -0.941 4.920  0.495  1.00 0.00 ? 1   DT  A C5     3 
ATOM   546  C  C7     . DT  A 1 1 ? -0.808 6.137  1.393  1.00 0.00 ? 1   DT  A C7     3 
ATOM   547  C  C6     . DT  A 1 1 ? -0.287 4.896  -0.696 1.00 0.00 ? 1   DT  A C6     3 
ATOM   548  H  "H5'"  . DT  A 1 1 ? 2.137  6.597  -2.705 1.00 0.00 ? 1   DT  A "H5'"  3 
ATOM   549  H  "H5''" . DT  A 1 1 ? 2.636  5.615  -1.339 1.00 0.00 ? 1   DT  A "H5''" 3 
ATOM   550  H  "H4'"  . DT  A 1 1 ? 3.564  4.078  -3.429 1.00 0.00 ? 1   DT  A "H4'"  3 
ATOM   551  H  "H3'"  . DT  A 1 1 ? 1.957  5.670  -4.922 1.00 0.00 ? 1   DT  A "H3'"  3 
ATOM   552  H  "H2'"  . DT  A 1 1 ? 0.134  5.705  -3.329 1.00 0.00 ? 1   DT  A "H2'"  3 
ATOM   553  H  "H2''" . DT  A 1 1 ? -0.449 4.478  -4.478 1.00 0.00 ? 1   DT  A "H2''" 3 
ATOM   554  H  "H1'"  . DT  A 1 1 ? 0.322  2.695  -3.203 1.00 0.00 ? 1   DT  A "H1'"  3 
ATOM   555  H  H3     . DT  A 1 1 ? -2.295 1.891  0.289  1.00 0.00 ? 1   DT  A H3     3 
ATOM   556  H  H71    . DT  A 1 1 ? -0.419 5.827  2.364  1.00 0.00 ? 1   DT  A H71    3 
ATOM   557  H  H72    . DT  A 1 1 ? -1.793 6.581  1.545  1.00 0.00 ? 1   DT  A H72    3 
ATOM   558  H  H73    . DT  A 1 1 ? -0.140 6.879  0.958  1.00 0.00 ? 1   DT  A H73    3 
ATOM   559  H  H6     . DT  A 1 1 ? 0.314  5.742  -0.990 1.00 0.00 ? 1   DT  A H6     3 
ATOM   560  H  "HO5'" . DT  A 1 1 ? 4.297  6.674  -3.391 1.00 0.00 ? 1   DT  A "HO5'" 3 
ATOM   561  P  P      . DT  A 1 2 ? 1.373  3.636  -6.818 1.00 0.00 ? 2   DT  A P      3 
ATOM   562  O  OP1    . DT  A 1 2 ? 1.944  2.464  -7.513 1.00 0.00 ? 2   DT  A OP1    3 
ATOM   563  O  OP2    . DT  A 1 2 ? 1.717  4.928  -7.445 1.00 0.00 ? 2   DT  A OP2    3 
ATOM   564  O  "O5'"  . DT  A 1 2 ? -0.223 3.488  -6.731 1.00 0.00 ? 2   DT  A "O5'"  3 
ATOM   565  C  "C5'"  . DT  A 1 2 ? -1.024 3.018  -7.808 1.00 0.00 ? 2   DT  A "C5'"  3 
ATOM   566  C  "C4'"  . DT  A 1 2 ? -1.794 1.715  -7.506 1.00 0.00 ? 2   DT  A "C4'"  3 
ATOM   567  O  "O4'"  . DT  A 1 2 ? -0.880 0.634  -7.390 1.00 0.00 ? 2   DT  A "O4'"  3 
ATOM   568  C  "C3'"  . DT  A 1 2 ? -2.599 1.744  -6.200 1.00 0.00 ? 2   DT  A "C3'"  3 
ATOM   569  O  "O3'"  . DT  A 1 2 ? -3.689 0.828  -6.313 1.00 0.00 ? 2   DT  A "O3'"  3 
ATOM   570  C  "C2'"  . DT  A 1 2 ? -1.549 1.213  -5.225 1.00 0.00 ? 2   DT  A "C2'"  3 
ATOM   571  C  "C1'"  . DT  A 1 2 ? -0.979 0.088  -6.084 1.00 0.00 ? 2   DT  A "C1'"  3 
ATOM   572  N  N1     . DT  A 1 2 ? 0.333  -0.503 -5.705 1.00 0.00 ? 2   DT  A N1     3 
ATOM   573  C  C2     . DT  A 1 2 ? 0.537  -1.849 -6.032 1.00 0.00 ? 2   DT  A C2     3 
ATOM   574  O  O2     . DT  A 1 2 ? -0.313 -2.570 -6.544 1.00 0.00 ? 2   DT  A O2     3 
ATOM   575  N  N3     . DT  A 1 2 ? 1.766  -2.389 -5.721 1.00 0.00 ? 2   DT  A N3     3 
ATOM   576  C  C4     . DT  A 1 2 ? 2.791  -1.742 -5.065 1.00 0.00 ? 2   DT  A C4     3 
ATOM   577  O  O4     . DT  A 1 2 ? 3.790  -2.391 -4.751 1.00 0.00 ? 2   DT  A O4     3 
ATOM   578  C  C5     . DT  A 1 2 ? 2.527  -0.334 -4.771 1.00 0.00 ? 2   DT  A C5     3 
ATOM   579  C  C7     . DT  A 1 2 ? 3.596  0.522  -4.114 1.00 0.00 ? 2   DT  A C7     3 
ATOM   580  C  C6     . DT  A 1 2 ? 1.318  0.219  -5.066 1.00 0.00 ? 2   DT  A C6     3 
ATOM   581  H  "H5'"  . DT  A 1 2 ? -0.416 2.866  -8.699 1.00 0.00 ? 2   DT  A "H5'"  3 
ATOM   582  H  "H5''" . DT  A 1 2 ? -1.753 3.793  -8.020 1.00 0.00 ? 2   DT  A "H5''" 3 
ATOM   583  H  "H4'"  . DT  A 1 2 ? -2.478 1.519  -8.332 1.00 0.00 ? 2   DT  A "H4'"  3 
ATOM   584  H  "H3'"  . DT  A 1 2 ? -2.936 2.751  -5.951 1.00 0.00 ? 2   DT  A "H3'"  3 
ATOM   585  H  "H2'"  . DT  A 1 2 ? -0.818 1.967  -4.965 1.00 0.00 ? 2   DT  A "H2'"  3 
ATOM   586  H  "H2''" . DT  A 1 2 ? -1.974 0.830  -4.312 1.00 0.00 ? 2   DT  A "H2''" 3 
ATOM   587  H  "H1'"  . DT  A 1 2 ? -1.740 -0.696 -6.051 1.00 0.00 ? 2   DT  A "H1'"  3 
ATOM   588  H  H3     . DT  A 1 2 ? 1.898  -3.353 -5.964 1.00 0.00 ? 2   DT  A H3     3 
ATOM   589  H  H71    . DT  A 1 2 ? 4.390  0.714  -4.836 1.00 0.00 ? 2   DT  A H71    3 
ATOM   590  H  H72    . DT  A 1 2 ? 4.030  -0.007 -3.266 1.00 0.00 ? 2   DT  A H72    3 
ATOM   591  H  H73    . DT  A 1 2 ? 3.182  1.471  -3.771 1.00 0.00 ? 2   DT  A H73    3 
ATOM   592  H  H6     . DT  A 1 2 ? 1.123  1.247  -4.815 1.00 0.00 ? 2   DT  A H6     3 
ATOM   593  P  P      . DT  A 1 3 ? -5.008 0.938  -5.397 1.00 0.00 ? 3   DT  A P      3 
ATOM   594  O  OP1    . DT  A 1 3 ? -5.847 -0.279 -5.572 1.00 0.00 ? 3   DT  A OP1    3 
ATOM   595  O  OP2    . DT  A 1 3 ? -5.605 2.272  -5.586 1.00 0.00 ? 3   DT  A OP2    3 
ATOM   596  O  "O5'"  . DT  A 1 3 ? -4.415 0.905  -3.907 1.00 0.00 ? 3   DT  A "O5'"  3 
ATOM   597  C  "C5'"  . DT  A 1 3 ? -4.094 -0.291 -3.218 1.00 0.00 ? 3   DT  A "C5'"  3 
ATOM   598  C  "C4'"  . DT  A 1 3 ? -4.872 -0.363 -1.905 1.00 0.00 ? 3   DT  A "C4'"  3 
ATOM   599  O  "O4'"  . DT  A 1 3 ? -4.434 0.642  -1.009 1.00 0.00 ? 3   DT  A "O4'"  3 
ATOM   600  C  "C3'"  . DT  A 1 3 ? -6.355 -0.152 -2.153 1.00 0.00 ? 3   DT  A "C3'"  3 
ATOM   601  O  "O3'"  . DT  A 1 3 ? -7.145 -1.125 -1.514 1.00 0.00 ? 3   DT  A "O3'"  3 
ATOM   602  C  "C2'"  . DT  A 1 3 ? -6.644 1.253  -1.654 1.00 0.00 ? 3   DT  A "C2'"  3 
ATOM   603  C  "C1'"  . DT  A 1 3 ? -5.514 1.483  -0.650 1.00 0.00 ? 3   DT  A "C1'"  3 
ATOM   604  N  N1     . DT  A 1 3 ? -5.044 2.890  -0.647 1.00 0.00 ? 3   DT  A N1     3 
ATOM   605  C  C2     . DT  A 1 3 ? -5.248 3.649  0.510  1.00 0.00 ? 3   DT  A C2     3 
ATOM   606  O  O2     . DT  A 1 3 ? -5.774 3.209  1.528  1.00 0.00 ? 3   DT  A O2     3 
ATOM   607  N  N3     . DT  A 1 3 ? -4.816 4.959  0.471  1.00 0.00 ? 3   DT  A N3     3 
ATOM   608  C  C4     . DT  A 1 3 ? -4.184 5.571  -0.593 1.00 0.00 ? 3   DT  A C4     3 
ATOM   609  O  O4     . DT  A 1 3 ? -3.806 6.729  -0.463 1.00 0.00 ? 3   DT  A O4     3 
ATOM   610  C  C5     . DT  A 1 3 ? -4.009 4.725  -1.772 1.00 0.00 ? 3   DT  A C5     3 
ATOM   611  C  C7     . DT  A 1 3 ? -3.341 5.276  -3.019 1.00 0.00 ? 3   DT  A C7     3 
ATOM   612  C  C6     . DT  A 1 3 ? -4.428 3.431  -1.761 1.00 0.00 ? 3   DT  A C6     3 
ATOM   613  H  "H5'"  . DT  A 1 3 ? -3.039 -0.294 -2.980 1.00 0.00 ? 3   DT  A "H5'"  3 
ATOM   614  H  "H5''" . DT  A 1 3 ? -4.317 -1.170 -3.825 1.00 0.00 ? 3   DT  A "H5''" 3 
ATOM   615  H  "H4'"  . DT  A 1 3 ? -4.721 -1.346 -1.474 1.00 0.00 ? 3   DT  A "H4'"  3 
ATOM   616  H  "H3'"  . DT  A 1 3 ? -6.520 -0.199 -3.216 1.00 0.00 ? 3   DT  A "H3'"  3 
ATOM   617  H  "H2'"  . DT  A 1 3 ? -6.565 1.936  -2.501 1.00 0.00 ? 3   DT  A "H2'"  3 
ATOM   618  H  "H2''" . DT  A 1 3 ? -7.625 1.324  -1.186 1.00 0.00 ? 3   DT  A "H2''" 3 
ATOM   619  H  "H1'"  . DT  A 1 3 ? -5.862 1.176  0.339  1.00 0.00 ? 3   DT  A "H1'"  3 
ATOM   620  H  H3     . DT  A 1 3 ? -4.913 5.494  1.314  1.00 0.00 ? 3   DT  A H3     3 
ATOM   621  H  H71    . DT  A 1 3 ? -3.923 6.120  -3.391 1.00 0.00 ? 3   DT  A H71    3 
ATOM   622  H  H72    . DT  A 1 3 ? -3.273 4.517  -3.802 1.00 0.00 ? 3   DT  A H72    3 
ATOM   623  H  H73    . DT  A 1 3 ? -2.345 5.634  -2.767 1.00 0.00 ? 3   DT  A H73    3 
ATOM   624  H  H6     . DT  A 1 3 ? -4.260 2.805  -2.633 1.00 0.00 ? 3   DT  A H6     3 
HETATM 625  C  C2     . MA7 A 1 4 ? -5.423 -1.445 3.318  1.00 0.00 ? 4   MA7 A C2     3 
HETATM 626  C  C4     . MA7 A 1 4 ? -4.081 -1.718 1.586  1.00 0.00 ? 4   MA7 A C4     3 
HETATM 627  C  C5     . MA7 A 1 4 ? -3.412 -0.538 1.803  1.00 0.00 ? 4   MA7 A C5     3 
HETATM 628  C  C6     . MA7 A 1 4 ? -3.884 0.240  2.901  1.00 0.00 ? 4   MA7 A C6     3 
HETATM 629  C  C8     . MA7 A 1 4 ? -2.484 -1.510 0.157  1.00 0.00 ? 4   MA7 A C8     3 
HETATM 630  P  P      . MA7 A 1 4 ? -7.495 -2.491 -2.272 1.00 0.00 ? 4   MA7 A P      3 
HETATM 631  O  OP1    . MA7 A 1 4 ? -6.298 -2.943 -3.024 1.00 0.00 ? 4   MA7 A OP1    3 
HETATM 632  O  OP2    . MA7 A 1 4 ? -8.673 -2.219 -3.118 1.00 0.00 ? 4   MA7 A OP2    3 
HETATM 633  O  "O5'"  . MA7 A 1 4 ? -7.829 -3.505 -1.061 1.00 0.00 ? 4   MA7 A "O5'"  3 
HETATM 634  N  N9     . MA7 A 1 4 ? -3.456 -2.342 0.548  1.00 0.00 ? 4   MA7 A N9     3 
HETATM 635  N  N3     . MA7 A 1 4 ? -5.110 -2.222 2.305  1.00 0.00 ? 4   MA7 A N3     3 
HETATM 636  N  N1     . MA7 A 1 4 ? -4.900 -0.264 3.663  1.00 0.00 ? 4   MA7 A N1     3 
HETATM 637  N  N6     . MA7 A 1 4 ? -3.348 1.425  3.223  1.00 0.00 ? 4   MA7 A N6     3 
HETATM 638  N  N7     . MA7 A 1 4 ? -2.383 -0.403 0.857  1.00 0.00 ? 4   MA7 A N7     3 
HETATM 639  C  CN     . MA7 A 1 4 ? -5.422 0.454  4.864  1.00 0.00 ? 4   MA7 A CN     3 
HETATM 640  C  "C2'"  . MA7 A 1 4 ? -3.760 -4.713 1.128  1.00 0.00 ? 4   MA7 A "C2'"  3 
HETATM 641  C  "C5'"  . MA7 A 1 4 ? -6.954 -3.699 0.053  1.00 0.00 ? 4   MA7 A "C5'"  3 
HETATM 642  C  "C4'"  . MA7 A 1 4 ? -5.742 -4.551 -0.346 1.00 0.00 ? 4   MA7 A "C4'"  3 
HETATM 643  O  "O4'"  . MA7 A 1 4 ? -4.697 -3.774 -0.897 1.00 0.00 ? 4   MA7 A "O4'"  3 
HETATM 644  C  "C1'"  . MA7 A 1 4 ? -3.617 -3.696 0.018  1.00 0.00 ? 4   MA7 A "C1'"  3 
HETATM 645  C  "C3'"  . MA7 A 1 4 ? -5.037 -5.384 0.722  1.00 0.00 ? 4   MA7 A "C3'"  3 
HETATM 646  O  "O3'"  . MA7 A 1 4 ? -4.789 -6.734 0.333  1.00 0.00 ? 4   MA7 A "O3'"  3 
HETATM 647  H  H2     . MA7 A 1 4 ? -6.195 -1.887 3.916  1.00 0.00 ? 4   MA7 A H2     3 
HETATM 648  H  H8     . MA7 A 1 4 ? -1.925 -1.870 -0.686 1.00 0.00 ? 4   MA7 A H8     3 
HETATM 649  H  H61    . MA7 A 1 4 ? -2.577 1.830  2.689  1.00 0.00 ? 4   MA7 A H61    3 
HETATM 650  H  H62    . MA7 A 1 4 ? -3.730 1.990  3.963  1.00 0.00 ? 4   MA7 A H62    3 
HETATM 651  H  HN1    . MA7 A 1 4 ? -4.617 0.596  5.589  1.00 0.00 ? 4   MA7 A HN1    3 
HETATM 652  H  HN2    . MA7 A 1 4 ? -5.832 1.422  4.569  1.00 0.00 ? 4   MA7 A HN2    3 
HETATM 653  H  HN3    . MA7 A 1 4 ? -6.216 -0.116 5.353  1.00 0.00 ? 4   MA7 A HN3    3 
HETATM 654  H  "H2'"  . MA7 A 1 4 ? -3.873 -4.281 2.117  1.00 0.00 ? 4   MA7 A "H2'"  3 
HETATM 655  H  "H2''" . MA7 A 1 4 ? -2.929 -5.401 1.183  1.00 0.00 ? 4   MA7 A "H2''" 3 
HETATM 656  H  "H5'"  . MA7 A 1 4 ? -7.511 -4.220 0.832  1.00 0.00 ? 4   MA7 A "H5'"  3 
HETATM 657  H  "H5''" . MA7 A 1 4 ? -6.636 -2.732 0.438  1.00 0.00 ? 4   MA7 A "H5''" 3 
HETATM 658  H  "H4'"  . MA7 A 1 4 ? -6.160 -5.241 -1.062 1.00 0.00 ? 4   MA7 A "H4'"  3 
HETATM 659  H  "H1'"  . MA7 A 1 4 ? -2.712 -3.949 -0.518 1.00 0.00 ? 4   MA7 A "H1'"  3 
HETATM 660  H  "H3'"  . MA7 A 1 4 ? -5.600 -5.277 1.616  1.00 0.00 ? 4   MA7 A "H3'"  3 
ATOM   661  P  P      . DT  A 1 5 ? -4.014 -7.171 -1.040 1.00 0.00 ? 5   DT  A P      3 
ATOM   662  O  OP1    . DT  A 1 5 ? -4.735 -6.599 -2.204 1.00 0.00 ? 5   DT  A OP1    3 
ATOM   663  O  OP2    . DT  A 1 5 ? -3.760 -8.621 -0.979 1.00 0.00 ? 5   DT  A OP2    3 
ATOM   664  O  "O5'"  . DT  A 1 5 ? -2.594 -6.413 -0.999 1.00 0.00 ? 5   DT  A "O5'"  3 
ATOM   665  C  "C5'"  . DT  A 1 5 ? -1.466 -6.951 -0.327 1.00 0.00 ? 5   DT  A "C5'"  3 
ATOM   666  C  "C4'"  . DT  A 1 5 ? -0.317 -5.951 -0.401 1.00 0.00 ? 5   DT  A "C4'"  3 
ATOM   667  O  "O4'"  . DT  A 1 5 ? -0.606 -4.735 0.281  1.00 0.00 ? 5   DT  A "O4'"  3 
ATOM   668  C  "C3'"  . DT  A 1 5 ? 1.054  -6.415 0.101  1.00 0.00 ? 5   DT  A "C3'"  3 
ATOM   669  O  "O3'"  . DT  A 1 5 ? 1.940  -5.867 -0.863 1.00 0.00 ? 5   DT  A "O3'"  3 
ATOM   670  C  "C2'"  . DT  A 1 5 ? 1.188  -5.705 1.452  1.00 0.00 ? 5   DT  A "C2'"  3 
ATOM   671  C  "C1'"  . DT  A 1 5 ? 0.496  -4.388 1.103  1.00 0.00 ? 5   DT  A "C1'"  3 
ATOM   672  N  N1     . DT  A 1 5 ? -0.013 -3.561 2.238  1.00 0.00 ? 5   DT  A N1     3 
ATOM   673  C  C2     . DT  A 1 5 ? 0.299  -2.201 2.218  1.00 0.00 ? 5   DT  A C2     3 
ATOM   674  O  O2     . DT  A 1 5 ? 1.002  -1.679 1.362  1.00 0.00 ? 5   DT  A O2     3 
ATOM   675  N  N3     . DT  A 1 5 ? -0.262 -1.417 3.195  1.00 0.00 ? 5   DT  A N3     3 
ATOM   676  C  C4     . DT  A 1 5 ? -1.210 -1.803 4.108  1.00 0.00 ? 5   DT  A C4     3 
ATOM   677  O  O4     . DT  A 1 5 ? -1.710 -0.944 4.831  1.00 0.00 ? 5   DT  A O4     3 
ATOM   678  C  C5     . DT  A 1 5 ? -1.521 -3.231 4.071  1.00 0.00 ? 5   DT  A C5     3 
ATOM   679  C  C7     . DT  A 1 5 ? -2.543 -3.804 5.036  1.00 0.00 ? 5   DT  A C7     3 
ATOM   680  C  C6     . DT  A 1 5 ? -0.915 -4.052 3.167  1.00 0.00 ? 5   DT  A C6     3 
ATOM   681  H  "H5'"  . DT  A 1 5 ? -1.158 -7.825 -0.876 1.00 0.00 ? 5   DT  A "H5'"  3 
ATOM   682  H  "H5''" . DT  A 1 5 ? -1.710 -7.218 0.701  1.00 0.00 ? 5   DT  A "H5''" 3 
ATOM   683  H  "H4'"  . DT  A 1 5 ? -0.223 -5.763 -1.463 1.00 0.00 ? 5   DT  A "H4'"  3 
ATOM   684  H  "H3'"  . DT  A 1 5 ? 1.136  -7.502 0.168  1.00 0.00 ? 5   DT  A "H3'"  3 
ATOM   685  H  "H2'"  . DT  A 1 5 ? 0.667  -6.239 2.244  1.00 0.00 ? 5   DT  A "H2'"  3 
ATOM   686  H  "H2''" . DT  A 1 5 ? 2.232  -5.551 1.722  1.00 0.00 ? 5   DT  A "H2''" 3 
ATOM   687  H  "H1'"  . DT  A 1 5 ? 1.230  -3.821 0.510  1.00 0.00 ? 5   DT  A "H1'"  3 
ATOM   688  H  H3     . DT  A 1 5 ? -0.103 -0.421 3.110  1.00 0.00 ? 5   DT  A H3     3 
ATOM   689  H  H71    . DT  A 1 5 ? -3.505 -3.312 4.885  1.00 0.00 ? 5   DT  A H71    3 
ATOM   690  H  H72    . DT  A 1 5 ? -2.659 -4.879 4.896  1.00 0.00 ? 5   DT  A H72    3 
ATOM   691  H  H73    . DT  A 1 5 ? -2.215 -3.611 6.058  1.00 0.00 ? 5   DT  A H73    3 
ATOM   692  H  H6     . DT  A 1 5 ? -1.180 -5.098 3.153  1.00 0.00 ? 5   DT  A H6     3 
ATOM   693  P  P      . DT  A 1 6 ? 3.422  -6.395 -1.155 1.00 0.00 ? 6   DT  A P      3 
ATOM   694  O  OP1    . DT  A 1 6 ? 3.850  -5.703 -2.399 1.00 0.00 ? 6   DT  A OP1    3 
ATOM   695  O  OP2    . DT  A 1 6 ? 3.453  -7.864 -1.060 1.00 0.00 ? 6   DT  A OP2    3 
ATOM   696  O  "O5'"  . DT  A 1 6 ? 4.259  -5.757 0.057  1.00 0.00 ? 6   DT  A "O5'"  3 
ATOM   697  C  "C5'"  . DT  A 1 6 ? 5.572  -5.265 -0.141 1.00 0.00 ? 6   DT  A "C5'"  3 
ATOM   698  C  "C4'"  . DT  A 1 6 ? 5.652  -3.733 -0.089 1.00 0.00 ? 6   DT  A "C4'"  3 
ATOM   699  O  "O4'"  . DT  A 1 6 ? 4.903  -3.029 -1.091 1.00 0.00 ? 6   DT  A "O4'"  3 
ATOM   700  C  "C3'"  . DT  A 1 6 ? 5.287  -3.160 1.269  1.00 0.00 ? 6   DT  A "C3'"  3 
ATOM   701  O  "O3'"  . DT  A 1 6 ? 6.266  -2.149 1.455  1.00 0.00 ? 6   DT  A "O3'"  3 
ATOM   702  C  "C2'"  . DT  A 1 6 ? 3.902  -2.640 0.931  1.00 0.00 ? 6   DT  A "C2'"  3 
ATOM   703  C  "C1'"  . DT  A 1 6 ? 4.138  -2.014 -0.434 1.00 0.00 ? 6   DT  A "C1'"  3 
ATOM   704  N  N1     . DT  A 1 6 ? 2.847  -1.720 -1.109 1.00 0.00 ? 6   DT  A N1     3 
ATOM   705  C  C2     . DT  A 1 6 ? 2.327  -0.421 -1.128 1.00 0.00 ? 6   DT  A C2     3 
ATOM   706  O  O2     . DT  A 1 6 ? 2.952  0.551  -0.722 1.00 0.00 ? 6   DT  A O2     3 
ATOM   707  N  N3     . DT  A 1 6 ? 1.066  -0.274 -1.690 1.00 0.00 ? 6   DT  A N3     3 
ATOM   708  C  C4     . DT  A 1 6 ? 0.332  -1.281 -2.289 1.00 0.00 ? 6   DT  A C4     3 
ATOM   709  O  O4     . DT  A 1 6 ? -0.764 -1.047 -2.781 1.00 0.00 ? 6   DT  A O4     3 
ATOM   710  C  C5     . DT  A 1 6 ? 0.958  -2.588 -2.266 1.00 0.00 ? 6   DT  A C5     3 
ATOM   711  C  C7     . DT  A 1 6 ? 0.251  -3.751 -2.930 1.00 0.00 ? 6   DT  A C7     3 
ATOM   712  C  C6     . DT  A 1 6 ? 2.155  -2.757 -1.654 1.00 0.00 ? 6   DT  A C6     3 
ATOM   713  H  "H5'"  . DT  A 1 6 ? 5.982  -5.622 -1.086 1.00 0.00 ? 6   DT  A "H5'"  3 
ATOM   714  H  "H5''" . DT  A 1 6 ? 6.201  -5.665 0.655  1.00 0.00 ? 6   DT  A "H5''" 3 
ATOM   715  H  "H4'"  . DT  A 1 6 ? 6.677  -3.466 -0.213 1.00 0.00 ? 6   DT  A "H4'"  3 
ATOM   716  H  "H3'"  . DT  A 1 6 ? 5.289  -3.907 2.066  1.00 0.00 ? 6   DT  A "H3'"  3 
ATOM   717  H  "H2'"  . DT  A 1 6 ? 3.178  -3.445 0.873  1.00 0.00 ? 6   DT  A "H2'"  3 
ATOM   718  H  "H2''" . DT  A 1 6 ? 3.515  -1.920 1.623  1.00 0.00 ? 6   DT  A "H2''" 3 
ATOM   719  H  "H1'"  . DT  A 1 6 ? 4.690  -1.076 -0.303 1.00 0.00 ? 6   DT  A "H1'"  3 
ATOM   720  H  H3     . DT  A 1 6 ? 0.614  0.630  -1.637 1.00 0.00 ? 6   DT  A H3     3 
ATOM   721  H  H71    . DT  A 1 6 ? 0.003  -3.493 -3.957 1.00 0.00 ? 6   DT  A H71    3 
ATOM   722  H  H72    . DT  A 1 6 ? -0.691 -3.932 -2.417 1.00 0.00 ? 6   DT  A H72    3 
ATOM   723  H  H73    . DT  A 1 6 ? 0.883  -4.639 -2.936 1.00 0.00 ? 6   DT  A H73    3 
ATOM   724  H  H6     . DT  A 1 6 ? 2.609  -3.710 -1.530 1.00 0.00 ? 6   DT  A H6     3 
ATOM   725  P  P      . DT  A 1 7 ? 6.430  -1.314 2.786  1.00 0.00 ? 7   DT  A P      3 
ATOM   726  O  OP1    . DT  A 1 7 ? 7.441  -0.256 2.571  1.00 0.00 ? 7   DT  A OP1    3 
ATOM   727  O  OP2    . DT  A 1 7 ? 6.667  -2.178 3.956  1.00 0.00 ? 7   DT  A OP2    3 
ATOM   728  O  "O5'"  . DT  A 1 7 ? 5.008  -0.640 2.991  1.00 0.00 ? 7   DT  A "O5'"  3 
ATOM   729  C  "C5'"  . DT  A 1 7 ? 4.654  0.645  2.518  1.00 0.00 ? 7   DT  A "C5'"  3 
ATOM   730  C  "C4'"  . DT  A 1 7 ? 4.107  1.404  3.739  1.00 0.00 ? 7   DT  A "C4'"  3 
ATOM   731  O  "O4'"  . DT  A 1 7 ? 2.831  0.876  4.054  1.00 0.00 ? 7   DT  A "O4'"  3 
ATOM   732  C  "C3'"  . DT  A 1 7 ? 4.987  1.296  5.000  1.00 0.00 ? 7   DT  A "C3'"  3 
ATOM   733  O  "O3'"  . DT  A 1 7 ? 5.659  2.494  5.349  1.00 0.00 ? 7   DT  A "O3'"  3 
ATOM   734  C  "C2'"  . DT  A 1 7 ? 4.023  0.925  6.117  1.00 0.00 ? 7   DT  A "C2'"  3 
ATOM   735  C  "C1'"  . DT  A 1 7 ? 2.664  0.739  5.453  1.00 0.00 ? 7   DT  A "C1'"  3 
ATOM   736  N  N1     . DT  A 1 7 ? 2.124  -0.613 5.740  1.00 0.00 ? 7   DT  A N1     3 
ATOM   737  C  C2     . DT  A 1 7 ? 1.027  -0.730 6.598  1.00 0.00 ? 7   DT  A C2     3 
ATOM   738  O  O2     . DT  A 1 7 ? 0.482  0.226  7.143  1.00 0.00 ? 7   DT  A O2     3 
ATOM   739  N  N3     . DT  A 1 7 ? 0.565  -2.007 6.834  1.00 0.00 ? 7   DT  A N3     3 
ATOM   740  C  C4     . DT  A 1 7 ? 1.086  -3.167 6.292  1.00 0.00 ? 7   DT  A C4     3 
ATOM   741  O  O4     . DT  A 1 7 ? 0.536  -4.231 6.551  1.00 0.00 ? 7   DT  A O4     3 
ATOM   742  C  C5     . DT  A 1 7 ? 2.260  -2.974 5.443  1.00 0.00 ? 7   DT  A C5     3 
ATOM   743  C  C7     . DT  A 1 7 ? 2.953  -4.167 4.807  1.00 0.00 ? 7   DT  A C7     3 
ATOM   744  C  C6     . DT  A 1 7 ? 2.742  -1.725 5.212  1.00 0.00 ? 7   DT  A C6     3 
ATOM   745  H  "H5'"  . DT  A 1 7 ? 3.894  0.547  1.723  1.00 0.00 ? 7   DT  A "H5'"  3 
ATOM   746  H  "H5''" . DT  A 1 7 ? 5.513  1.180  2.119  1.00 0.00 ? 7   DT  A "H5''" 3 
ATOM   747  H  "H4'"  . DT  A 1 7 ? 4.009  2.455  3.489  1.00 0.00 ? 7   DT  A "H4'"  3 
ATOM   748  H  "H3'"  . DT  A 1 7 ? 5.706  0.490  4.908  1.00 0.00 ? 7   DT  A "H3'"  3 
ATOM   749  H  "H2'"  . DT  A 1 7 ? 4.363  0.015  6.613  1.00 0.00 ? 7   DT  A "H2'"  3 
ATOM   750  H  "H2''" . DT  A 1 7 ? 3.952  1.717  6.849  1.00 0.00 ? 7   DT  A "H2''" 3 
ATOM   751  H  "H1'"  . DT  A 1 7 ? 1.980  1.514  5.812  1.00 0.00 ? 7   DT  A "H1'"  3 
ATOM   752  H  H3     . DT  A 1 7 ? -0.243 -2.095 7.422  1.00 0.00 ? 7   DT  A H3     3 
ATOM   753  H  H71    . DT  A 1 7 ? 2.243  -4.699 4.175  1.00 0.00 ? 7   DT  A H71    3 
ATOM   754  H  H72    . DT  A 1 7 ? 3.293  -4.845 5.589  1.00 0.00 ? 7   DT  A H72    3 
ATOM   755  H  H73    . DT  A 1 7 ? 3.807  -3.851 4.207  1.00 0.00 ? 7   DT  A H73    3 
ATOM   756  H  H6     . DT  A 1 7 ? 3.623  -1.577 4.598  1.00 0.00 ? 7   DT  A H6     3 
ATOM   757  P  P      . DA  A 1 8 ? 7.102  2.857  4.748  1.00 0.00 ? 8   DA  A P      3 
ATOM   758  O  OP1    . DA  A 1 8 ? 7.919  1.617  4.641  1.00 0.00 ? 8   DA  A OP1    3 
ATOM   759  O  OP2    . DA  A 1 8 ? 7.654  4.043  5.419  1.00 0.00 ? 8   DA  A OP2    3 
ATOM   760  O  "O5'"  . DA  A 1 8 ? 6.778  3.246  3.223  1.00 0.00 ? 8   DA  A "O5'"  3 
ATOM   761  C  "C5'"  . DA  A 1 8 ? 6.235  4.508  2.884  1.00 0.00 ? 8   DA  A "C5'"  3 
ATOM   762  C  "C4'"  . DA  A 1 8 ? 5.800  4.487  1.415  1.00 0.00 ? 8   DA  A "C4'"  3 
ATOM   763  O  "O4'"  . DA  A 1 8 ? 4.627  3.700  1.262  1.00 0.00 ? 8   DA  A "O4'"  3 
ATOM   764  C  "C3'"  . DA  A 1 8 ? 5.460  5.879  0.876  1.00 0.00 ? 8   DA  A "C3'"  3 
ATOM   765  O  "O3'"  . DA  A 1 8 ? 5.837  5.954  -0.490 1.00 0.00 ? 8   DA  A "O3'"  3 
ATOM   766  C  "C2'"  . DA  A 1 8 ? 3.959  5.986  1.120  1.00 0.00 ? 8   DA  A "C2'"  3 
ATOM   767  C  "C1'"  . DA  A 1 8 ? 3.476  4.528  1.191  1.00 0.00 ? 8   DA  A "C1'"  3 
ATOM   768  N  N9     . DA  A 1 8 ? 2.549  4.226  2.319  1.00 0.00 ? 8   DA  A N9     3 
ATOM   769  C  C8     . DA  A 1 8 ? 2.471  4.753  3.589  1.00 0.00 ? 8   DA  A C8     3 
ATOM   770  N  N7     . DA  A 1 8 ? 1.558  4.213  4.351  1.00 0.00 ? 8   DA  A N7     3 
ATOM   771  C  C5     . DA  A 1 8 ? 0.997  3.232  3.531  1.00 0.00 ? 8   DA  A C5     3 
ATOM   772  C  C6     . DA  A 1 8 ? 0.039  2.203  3.707  1.00 0.00 ? 8   DA  A C6     3 
ATOM   773  N  N6     . DA  A 1 8 ? -0.612 1.903  4.822  1.00 0.00 ? 8   DA  A N6     3 
ATOM   774  N  N1     . DA  A 1 8 ? -0.199 1.330  2.730  1.00 0.00 ? 8   DA  A N1     3 
ATOM   775  C  C2     . DA  A 1 8 ? 0.487  1.445  1.599  1.00 0.00 ? 8   DA  A C2     3 
ATOM   776  N  N3     . DA  A 1 8 ? 1.365  2.379  1.272  1.00 0.00 ? 8   DA  A N3     3 
ATOM   777  C  C4     . DA  A 1 8 ? 1.598  3.236  2.298  1.00 0.00 ? 8   DA  A C4     3 
ATOM   778  H  "H5'"  . DA  A 1 8 ? 6.996  5.276  3.038  1.00 0.00 ? 8   DA  A "H5'"  3 
ATOM   779  H  "H5''" . DA  A 1 8 ? 5.378  4.728  3.520  1.00 0.00 ? 8   DA  A "H5''" 3 
ATOM   780  H  "H4'"  . DA  A 1 8 ? 6.607  4.059  0.823  1.00 0.00 ? 8   DA  A "H4'"  3 
ATOM   781  H  "H3'"  . DA  A 1 8 ? 5.994  6.652  1.434  1.00 0.00 ? 8   DA  A "H3'"  3 
ATOM   782  H  "HO3'" . DA  A 1 8 ? 5.075  6.069  -1.105 1.00 0.00 ? 8   DA  A "HO3'" 3 
ATOM   783  H  "H2'"  . DA  A 1 8 ? 3.775  6.510  2.053  1.00 0.00 ? 8   DA  A "H2'"  3 
ATOM   784  H  "H2''" . DA  A 1 8 ? 3.470  6.547  0.328  1.00 0.00 ? 8   DA  A "H2''" 3 
ATOM   785  H  "H1'"  . DA  A 1 8 ? 2.944  4.269  0.270  1.00 0.00 ? 8   DA  A "H1'"  3 
ATOM   786  H  H8     . DA  A 1 8 ? 3.136  5.523  3.942  1.00 0.00 ? 8   DA  A H8     3 
ATOM   787  H  H61    . DA  A 1 8 ? -0.422 2.421  5.665  1.00 0.00 ? 8   DA  A H61    3 
ATOM   788  H  H62    . DA  A 1 8 ? -1.128 1.027  4.843  1.00 0.00 ? 8   DA  A H62    3 
ATOM   789  H  H2     . DA  A 1 8 ? 0.294  0.691  0.851  1.00 0.00 ? 8   DA  A H2     3 
HETATM 790  NA NA     . NA  B 2 . ? 8.019  -0.585 4.888  1.00 0.00 ? 101 NA  A NA     3 
HETATM 791  NA NA     . NA  C 2 . ? -4.933 -4.651 -3.137 1.00 0.00 ? 102 NA  A NA     3 
HETATM 792  NA NA     . NA  D 2 . ? -7.410 -1.664 -4.932 1.00 0.00 ? 103 NA  A NA     3 
HETATM 793  NA NA     . NA  E 2 . ? 8.315  1.723  2.387  1.00 0.00 ? 104 NA  A NA     3 
HETATM 794  NA NA     . NA  F 2 . ? 2.889  3.810  -9.042 1.00 0.00 ? 105 NA  A NA     3 
HETATM 795  NA NA     . NA  G 2 . ? 4.639  -3.901 -3.297 1.00 0.00 ? 106 NA  A NA     3 
ATOM   796  O  "O5'"  . DT  A 1 1 ? 2.113  7.150  -2.662 1.00 0.00 ? 1   DT  A "O5'"  4 
ATOM   797  C  "C5'"  . DT  A 1 1 ? 3.167  6.357  -3.195 1.00 0.00 ? 1   DT  A "C5'"  4 
ATOM   798  C  "C4'"  . DT  A 1 1 ? 2.707  4.967  -3.645 1.00 0.00 ? 1   DT  A "C4'"  4 
ATOM   799  O  "O4'"  . DT  A 1 1 ? 2.152  4.287  -2.528 1.00 0.00 ? 1   DT  A "O4'"  4 
ATOM   800  C  "C3'"  . DT  A 1 1 ? 1.649  5.008  -4.756 1.00 0.00 ? 1   DT  A "C3'"  4 
ATOM   801  O  "O3'"  . DT  A 1 1 ? 1.923  3.967  -5.683 1.00 0.00 ? 1   DT  A "O3'"  4 
ATOM   802  C  "C2'"  . DT  A 1 1 ? 0.360  4.778  -3.982 1.00 0.00 ? 1   DT  A "C2'"  4 
ATOM   803  C  "C1'"  . DT  A 1 1 ? 0.855  3.847  -2.879 1.00 0.00 ? 1   DT  A "C1'"  4 
ATOM   804  N  N1     . DT  A 1 1 ? -0.038 3.807  -1.698 1.00 0.00 ? 1   DT  A N1     4 
ATOM   805  C  C2     . DT  A 1 1 ? -0.688 2.605  -1.409 1.00 0.00 ? 1   DT  A C2     4 
ATOM   806  O  O2     . DT  A 1 1 ? -0.554 1.592  -2.085 1.00 0.00 ? 1   DT  A O2     4 
ATOM   807  N  N3     . DT  A 1 1 ? -1.485 2.578  -0.285 1.00 0.00 ? 1   DT  A N3     4 
ATOM   808  C  C4     . DT  A 1 1 ? -1.550 3.595  0.651  1.00 0.00 ? 1   DT  A C4     4 
ATOM   809  O  O4     . DT  A 1 1 ? -2.178 3.407  1.683  1.00 0.00 ? 1   DT  A O4     4 
ATOM   810  C  C5     . DT  A 1 1 ? -0.833 4.817  0.301  1.00 0.00 ? 1   DT  A C5     4 
ATOM   811  C  C7     . DT  A 1 1 ? -0.825 5.997  1.257  1.00 0.00 ? 1   DT  A C7     4 
ATOM   812  C  C6     . DT  A 1 1 ? -0.141 4.897  -0.864 1.00 0.00 ? 1   DT  A C6     4 
ATOM   813  H  "H5'"  . DT  A 1 1 ? 3.930  6.201  -2.439 1.00 0.00 ? 1   DT  A "H5'"  4 
ATOM   814  H  "H5''" . DT  A 1 1 ? 3.615  6.868  -4.048 1.00 0.00 ? 1   DT  A "H5''" 4 
ATOM   815  H  "H4'"  . DT  A 1 1 ? 3.578  4.420  -4.005 1.00 0.00 ? 1   DT  A "H4'"  4 
ATOM   816  H  "H3'"  . DT  A 1 1 ? 1.642  5.978  -5.259 1.00 0.00 ? 1   DT  A "H3'"  4 
ATOM   817  H  "H2'"  . DT  A 1 1 ? 0.011  5.723  -3.566 1.00 0.00 ? 1   DT  A "H2'"  4 
ATOM   818  H  "H2''" . DT  A 1 1 ? -0.419 4.321  -4.589 1.00 0.00 ? 1   DT  A "H2''" 4 
ATOM   819  H  "H1'"  . DT  A 1 1 ? 0.956  2.848  -3.290 1.00 0.00 ? 1   DT  A "H1'"  4 
ATOM   820  H  H3     . DT  A 1 1 ? -1.955 1.708  -0.079 1.00 0.00 ? 1   DT  A H3     4 
ATOM   821  H  H71    . DT  A 1 1 ? -0.456 5.667  2.230  1.00 0.00 ? 1   DT  A H71    4 
ATOM   822  H  H72    . DT  A 1 1 ? -0.191 6.801  0.886  1.00 0.00 ? 1   DT  A H72    4 
ATOM   823  H  H73    . DT  A 1 1 ? -1.841 6.368  1.388  1.00 0.00 ? 1   DT  A H73    4 
ATOM   824  H  H6     . DT  A 1 1 ? 0.376  5.809  -1.133 1.00 0.00 ? 1   DT  A H6     4 
ATOM   825  H  "HO5'" . DT  A 1 1 ? 2.441  8.038  -2.490 1.00 0.00 ? 1   DT  A "HO5'" 4 
ATOM   826  P  P      . DT  A 1 2 ? 1.209  3.900  -7.122 1.00 0.00 ? 2   DT  A P      4 
ATOM   827  O  OP1    . DT  A 1 2 ? 2.012  3.034  -8.012 1.00 0.00 ? 2   DT  A OP1    4 
ATOM   828  O  OP2    . DT  A 1 2 ? 0.770  5.240  -7.547 1.00 0.00 ? 2   DT  A OP2    4 
ATOM   829  O  "O5'"  . DT  A 1 2 ? -0.077 3.003  -6.807 1.00 0.00 ? 2   DT  A "O5'"  4 
ATOM   830  C  "C5'"  . DT  A 1 2 ? -1.168 2.884  -7.709 1.00 0.00 ? 2   DT  A "C5'"  4 
ATOM   831  C  "C4'"  . DT  A 1 2 ? -2.006 1.636  -7.376 1.00 0.00 ? 2   DT  A "C4'"  4 
ATOM   832  O  "O4'"  . DT  A 1 2 ? -1.118 0.526  -7.244 1.00 0.00 ? 2   DT  A "O4'"  4 
ATOM   833  C  "C3'"  . DT  A 1 2 ? -2.755 1.733  -6.046 1.00 0.00 ? 2   DT  A "C3'"  4 
ATOM   834  O  "O3'"  . DT  A 1 2 ? -3.885 0.875  -6.107 1.00 0.00 ? 2   DT  A "O3'"  4 
ATOM   835  C  "C2'"  . DT  A 1 2 ? -1.720 1.209  -5.058 1.00 0.00 ? 2   DT  A "C2'"  4 
ATOM   836  C  "C1'"  . DT  A 1 2 ? -1.103 0.080  -5.887 1.00 0.00 ? 2   DT  A "C1'"  4 
ATOM   837  N  N1     . DT  A 1 2 ? 0.288  -0.344 -5.546 1.00 0.00 ? 2   DT  A N1     4 
ATOM   838  C  C2     . DT  A 1 2 ? 0.610  -1.687 -5.789 1.00 0.00 ? 2   DT  A C2     4 
ATOM   839  O  O2     . DT  A 1 2 ? -0.173 -2.501 -6.262 1.00 0.00 ? 2   DT  A O2     4 
ATOM   840  N  N3     . DT  A 1 2 ? 1.905  -2.078 -5.525 1.00 0.00 ? 2   DT  A N3     4 
ATOM   841  C  C4     . DT  A 1 2 ? 2.905  -1.279 -5.016 1.00 0.00 ? 2   DT  A C4     4 
ATOM   842  O  O4     . DT  A 1 2 ? 4.009  -1.772 -4.824 1.00 0.00 ? 2   DT  A O4     4 
ATOM   843  C  C5     . DT  A 1 2 ? 2.506  0.102  -4.764 1.00 0.00 ? 2   DT  A C5     4 
ATOM   844  C  C7     . DT  A 1 2 ? 3.520  1.088  -4.212 1.00 0.00 ? 2   DT  A C7     4 
ATOM   845  C  C6     . DT  A 1 2 ? 1.236  0.515  -5.017 1.00 0.00 ? 2   DT  A C6     4 
ATOM   846  H  "H5'"  . DT  A 1 2 ? -0.800 2.802  -8.733 1.00 0.00 ? 2   DT  A "H5'"  4 
ATOM   847  H  "H5''" . DT  A 1 2 ? -1.792 3.779  -7.648 1.00 0.00 ? 2   DT  A "H5''" 4 
ATOM   848  H  "H4'"  . DT  A 1 2 ? -2.725 1.456  -8.177 1.00 0.00 ? 2   DT  A "H4'"  4 
ATOM   849  H  "H3'"  . DT  A 1 2 ? -3.048 2.764  -5.830 1.00 0.00 ? 2   DT  A "H3'"  4 
ATOM   850  H  "H2'"  . DT  A 1 2 ? -1.026 2.002  -4.808 1.00 0.00 ? 2   DT  A "H2'"  4 
ATOM   851  H  "H2''" . DT  A 1 2 ? -2.158 0.834  -4.144 1.00 0.00 ? 2   DT  A "H2''" 4 
ATOM   852  H  "H1'"  . DT  A 1 2 ? -1.788 -0.771 -5.770 1.00 0.00 ? 2   DT  A "H1'"  4 
ATOM   853  H  H3     . DT  A 1 2 ? 2.135  -3.039 -5.696 1.00 0.00 ? 2   DT  A H3     4 
ATOM   854  H  H71    . DT  A 1 2 ? 3.075  2.070  -4.063 1.00 0.00 ? 2   DT  A H71    4 
ATOM   855  H  H72    . DT  A 1 2 ? 4.353  1.173  -4.910 1.00 0.00 ? 2   DT  A H72    4 
ATOM   856  H  H73    . DT  A 1 2 ? 3.909  0.720  -3.263 1.00 0.00 ? 2   DT  A H73    4 
ATOM   857  H  H6     . DT  A 1 2 ? 0.972  1.533  -4.780 1.00 0.00 ? 2   DT  A H6     4 
ATOM   858  P  P      . DT  A 1 3 ? -5.195 1.163  -5.228 1.00 0.00 ? 3   DT  A P      4 
ATOM   859  O  OP1    . DT  A 1 3 ? -6.199 0.096  -5.455 1.00 0.00 ? 3   DT  A OP1    4 
ATOM   860  O  OP2    . DT  A 1 3 ? -5.574 2.576  -5.409 1.00 0.00 ? 3   DT  A OP2    4 
ATOM   861  O  "O5'"  . DT  A 1 3 ? -4.637 1.015  -3.733 1.00 0.00 ? 3   DT  A "O5'"  4 
ATOM   862  C  "C5'"  . DT  A 1 3 ? -4.414 -0.235 -3.092 1.00 0.00 ? 3   DT  A "C5'"  4 
ATOM   863  C  "C4'"  . DT  A 1 3 ? -4.985 -0.167 -1.672 1.00 0.00 ? 3   DT  A "C4'"  4 
ATOM   864  O  "O4'"  . DT  A 1 3 ? -4.370 0.889  -0.943 1.00 0.00 ? 3   DT  A "O4'"  4 
ATOM   865  C  "C3'"  . DT  A 1 3 ? -6.474 0.155  -1.756 1.00 0.00 ? 3   DT  A "C3'"  4 
ATOM   866  O  "O3'"  . DT  A 1 3 ? -7.312 -0.585 -0.890 1.00 0.00 ? 3   DT  A "O3'"  4 
ATOM   867  C  "C2'"  . DT  A 1 3 ? -6.573 1.630  -1.402 1.00 0.00 ? 3   DT  A "C2'"  4 
ATOM   868  C  "C1'"  . DT  A 1 3 ? -5.353 1.813  -0.504 1.00 0.00 ? 3   DT  A "C1'"  4 
ATOM   869  N  N1     . DT  A 1 3 ? -4.832 3.204  -0.569 1.00 0.00 ? 3   DT  A N1     4 
ATOM   870  C  C2     . DT  A 1 3 ? -4.984 4.025  0.554  1.00 0.00 ? 3   DT  A C2     4 
ATOM   871  O  O2     . DT  A 1 3 ? -5.494 3.651  1.609  1.00 0.00 ? 3   DT  A O2     4 
ATOM   872  N  N3     . DT  A 1 3 ? -4.529 5.322  0.434  1.00 0.00 ? 3   DT  A N3     4 
ATOM   873  C  C4     . DT  A 1 3 ? -3.941 5.873  -0.688 1.00 0.00 ? 3   DT  A C4     4 
ATOM   874  O  O4     . DT  A 1 3 ? -3.558 7.037  -0.636 1.00 0.00 ? 3   DT  A O4     4 
ATOM   875  C  C5     . DT  A 1 3 ? -3.832 4.969  -1.829 1.00 0.00 ? 3   DT  A C5     4 
ATOM   876  C  C7     . DT  A 1 3 ? -3.219 5.448  -3.131 1.00 0.00 ? 3   DT  A C7     4 
ATOM   877  C  C6     . DT  A 1 3 ? -4.269 3.686  -1.735 1.00 0.00 ? 3   DT  A C6     4 
ATOM   878  H  "H5'"  . DT  A 1 3 ? -3.352 -0.458 -3.049 1.00 0.00 ? 3   DT  A "H5'"  4 
ATOM   879  H  "H5''" . DT  A 1 3 ? -4.909 -1.042 -3.634 1.00 0.00 ? 3   DT  A "H5''" 4 
ATOM   880  H  "H4'"  . DT  A 1 3 ? -4.832 -1.131 -1.200 1.00 0.00 ? 3   DT  A "H4'"  4 
ATOM   881  H  "H3'"  . DT  A 1 3 ? -6.748 -0.008 -2.784 1.00 0.00 ? 3   DT  A "H3'"  4 
ATOM   882  H  "H2'"  . DT  A 1 3 ? -6.500 2.235  -2.306 1.00 0.00 ? 3   DT  A "H2'"  4 
ATOM   883  H  "H2''" . DT  A 1 3 ? -7.497 1.858  -0.868 1.00 0.00 ? 3   DT  A "H2''" 4 
ATOM   884  H  "H1'"  . DT  A 1 3 ? -5.637 1.556  0.520  1.00 0.00 ? 3   DT  A "H1'"  4 
ATOM   885  H  H3     . DT  A 1 3 ? -4.610 5.911  1.240  1.00 0.00 ? 3   DT  A H3     4 
ATOM   886  H  H71    . DT  A 1 3 ? -3.845 6.233  -3.554 1.00 0.00 ? 3   DT  A H71    4 
ATOM   887  H  H72    . DT  A 1 3 ? -2.235 5.870  -2.930 1.00 0.00 ? 3   DT  A H72    4 
ATOM   888  H  H73    . DT  A 1 3 ? -3.129 4.633  -3.851 1.00 0.00 ? 3   DT  A H73    4 
ATOM   889  H  H6     . DT  A 1 3 ? -4.181 3.023  -2.588 1.00 0.00 ? 3   DT  A H6     4 
HETATM 890  C  C2     . MA7 A 1 4 ? -5.489 -1.545 3.189  1.00 0.00 ? 4   MA7 A C2     4 
HETATM 891  C  C4     . MA7 A 1 4 ? -3.971 -1.849 1.610  1.00 0.00 ? 4   MA7 A C4     4 
HETATM 892  C  C5     . MA7 A 1 4 ? -3.435 -0.592 1.741  1.00 0.00 ? 4   MA7 A C5     4 
HETATM 893  C  C6     . MA7 A 1 4 ? -4.047 0.222  2.744  1.00 0.00 ? 4   MA7 A C6     4 
HETATM 894  C  C8     . MA7 A 1 4 ? -2.460 -1.542 0.105  1.00 0.00 ? 4   MA7 A C8     4 
HETATM 895  P  P      . MA7 A 1 4 ? -8.222 -1.796 -1.446 1.00 0.00 ? 4   MA7 A P      4 
HETATM 896  O  OP1    . MA7 A 1 4 ? -8.623 -1.485 -2.843 1.00 0.00 ? 4   MA7 A OP1    4 
HETATM 897  O  OP2    . MA7 A 1 4 ? -9.236 -2.133 -0.431 1.00 0.00 ? 4   MA7 A OP2    4 
HETATM 898  O  "O5'"  . MA7 A 1 4 ? -7.140 -2.972 -1.496 1.00 0.00 ? 4   MA7 A "O5'"  4 
HETATM 899  N  N9     . MA7 A 1 4 ? -3.286 -2.466 0.608  1.00 0.00 ? 4   MA7 A N9     4 
HETATM 900  N  N3     . MA7 A 1 4 ? -4.996 -2.384 2.313  1.00 0.00 ? 4   MA7 A N3     4 
HETATM 901  N  N1     . MA7 A 1 4 ? -5.095 -0.295 3.458  1.00 0.00 ? 4   MA7 A N1     4 
HETATM 902  N  N6     . MA7 A 1 4 ? -3.664 1.486  2.977  1.00 0.00 ? 4   MA7 A N6     4 
HETATM 903  N  N7     . MA7 A 1 4 ? -2.436 -0.404 0.764  1.00 0.00 ? 4   MA7 A N7     4 
HETATM 904  C  CN     . MA7 A 1 4 ? -5.809 0.490  4.508  1.00 0.00 ? 4   MA7 A CN     4 
HETATM 905  C  "C2'"  . MA7 A 1 4 ? -3.759 -4.872 1.079  1.00 0.00 ? 4   MA7 A "C2'"  4 
HETATM 906  C  "C5'"  . MA7 A 1 4 ? -6.631 -3.511 -0.294 1.00 0.00 ? 4   MA7 A "C5'"  4 
HETATM 907  C  "C4'"  . MA7 A 1 4 ? -5.500 -4.480 -0.619 1.00 0.00 ? 4   MA7 A "C4'"  4 
HETATM 908  O  "O4'"  . MA7 A 1 4 ? -4.347 -3.775 -1.007 1.00 0.00 ? 4   MA7 A "O4'"  4 
HETATM 909  C  "C1'"  . MA7 A 1 4 ? -3.411 -3.808 0.051  1.00 0.00 ? 4   MA7 A "C1'"  4 
HETATM 910  C  "C3'"  . MA7 A 1 4 ? -5.033 -5.416 0.496  1.00 0.00 ? 4   MA7 A "C3'"  4 
HETATM 911  O  "O3'"  . MA7 A 1 4 ? -4.833 -6.776 0.106  1.00 0.00 ? 4   MA7 A "O3'"  4 
HETATM 912  H  H2     . MA7 A 1 4 ? -6.316 -1.987 3.713  1.00 0.00 ? 4   MA7 A H2     4 
HETATM 913  H  H8     . MA7 A 1 4 ? -1.961 -1.868 -0.797 1.00 0.00 ? 4   MA7 A H8     4 
HETATM 914  H  H61    . MA7 A 1 4 ? -4.184 2.080  3.602  1.00 0.00 ? 4   MA7 A H61    4 
HETATM 915  H  H62    . MA7 A 1 4 ? -2.919 1.929  2.429  1.00 0.00 ? 4   MA7 A H62    4 
HETATM 916  H  HN1    . MA7 A 1 4 ? -5.105 0.796  5.285  1.00 0.00 ? 4   MA7 A HN1    4 
HETATM 917  H  HN2    . MA7 A 1 4 ? -6.274 1.373  4.062  1.00 0.00 ? 4   MA7 A HN2    4 
HETATM 918  H  HN3    . MA7 A 1 4 ? -6.594 -0.102 4.981  1.00 0.00 ? 4   MA7 A HN3    4 
HETATM 919  H  "H2'"  . MA7 A 1 4 ? -3.941 -4.497 2.078  1.00 0.00 ? 4   MA7 A "H2'"  4 
HETATM 920  H  "H2''" . MA7 A 1 4 ? -2.987 -5.626 1.171  1.00 0.00 ? 4   MA7 A "H2''" 4 
HETATM 921  H  "H5'"  . MA7 A 1 4 ? -7.429 -4.017 0.250  1.00 0.00 ? 4   MA7 A "H5'"  4 
HETATM 922  H  "H5''" . MA7 A 1 4 ? -6.249 -2.685 0.286  1.00 0.00 ? 4   MA7 A "H5''" 4 
HETATM 923  H  "H4'"  . MA7 A 1 4 ? -5.884 -5.072 -1.423 1.00 0.00 ? 4   MA7 A "H4'"  4 
HETATM 924  H  "H1'"  . MA7 A 1 4 ? -2.460 -4.071 -0.389 1.00 0.00 ? 4   MA7 A "H1'"  4 
HETATM 925  H  "H3'"  . MA7 A 1 4 ? -5.735 -5.301 1.292  1.00 0.00 ? 4   MA7 A "H3'"  4 
ATOM   926  P  P      . DT  A 1 5 ? -3.918 -7.214 -1.161 1.00 0.00 ? 5   DT  A P      4 
ATOM   927  O  OP1    . DT  A 1 5 ? -4.603 -6.820 -2.408 1.00 0.00 ? 5   DT  A OP1    4 
ATOM   928  O  OP2    . DT  A 1 5 ? -3.667 -8.668 -1.072 1.00 0.00 ? 5   DT  A OP2    4 
ATOM   929  O  "O5'"  . DT  A 1 5 ? -2.497 -6.449 -1.075 1.00 0.00 ? 5   DT  A "O5'"  4 
ATOM   930  C  "C5'"  . DT  A 1 5 ? -1.387 -7.017 -0.399 1.00 0.00 ? 5   DT  A "C5'"  4 
ATOM   931  C  "C4'"  . DT  A 1 5 ? -0.178 -6.096 -0.285 1.00 0.00 ? 5   DT  A "C4'"  4 
ATOM   932  O  "O4'"  . DT  A 1 5 ? -0.497 -4.871 0.345  1.00 0.00 ? 5   DT  A "O4'"  4 
ATOM   933  C  "C3'"  . DT  A 1 5 ? 1.030  -6.699 0.445  1.00 0.00 ? 5   DT  A "C3'"  4 
ATOM   934  O  "O3'"  . DT  A 1 5 ? 2.135  -6.658 -0.453 1.00 0.00 ? 5   DT  A "O3'"  4 
ATOM   935  C  "C2'"  . DT  A 1 5 ? 1.187  -5.791 1.670  1.00 0.00 ? 5   DT  A "C2'"  4 
ATOM   936  C  "C1'"  . DT  A 1 5 ? 0.569  -4.488 1.180  1.00 0.00 ? 5   DT  A "C1'"  4 
ATOM   937  N  N1     . DT  A 1 5 ? 0.009  -3.602 2.238  1.00 0.00 ? 5   DT  A N1     4 
ATOM   938  C  C2     . DT  A 1 5 ? 0.332  -2.249 2.162  1.00 0.00 ? 5   DT  A C2     4 
ATOM   939  O  O2     . DT  A 1 5 ? 1.031  -1.765 1.284  1.00 0.00 ? 5   DT  A O2     4 
ATOM   940  N  N3     . DT  A 1 5 ? -0.215 -1.429 3.116  1.00 0.00 ? 5   DT  A N3     4 
ATOM   941  C  C4     . DT  A 1 5 ? -1.188 -1.760 4.020  1.00 0.00 ? 5   DT  A C4     4 
ATOM   942  O  O4     . DT  A 1 5 ? -1.664 -0.857 4.711  1.00 0.00 ? 5   DT  A O4     4 
ATOM   943  C  C5     . DT  A 1 5 ? -1.546 -3.178 4.013  1.00 0.00 ? 5   DT  A C5     4 
ATOM   944  C  C7     . DT  A 1 5 ? -2.630 -3.695 4.940  1.00 0.00 ? 5   DT  A C7     4 
ATOM   945  C  C6     . DT  A 1 5 ? -0.931 -4.042 3.153  1.00 0.00 ? 5   DT  A C6     4 
ATOM   946  H  "H5'"  . DT  A 1 5 ? -1.060 -7.805 -1.037 1.00 0.00 ? 5   DT  A "H5'"  4 
ATOM   947  H  "H5''" . DT  A 1 5 ? -1.671 -7.404 0.582  1.00 0.00 ? 5   DT  A "H5''" 4 
ATOM   948  H  "H4'"  . DT  A 1 5 ? 0.123  -5.911 -1.305 1.00 0.00 ? 5   DT  A "H4'"  4 
ATOM   949  H  "H3'"  . DT  A 1 5 ? 0.837  -7.729 0.756  1.00 0.00 ? 5   DT  A "H3'"  4 
ATOM   950  H  "H2'"  . DT  A 1 5 ? 0.630  -6.211 2.506  1.00 0.00 ? 5   DT  A "H2'"  4 
ATOM   951  H  "H2''" . DT  A 1 5 ? 2.227  -5.629 1.952  1.00 0.00 ? 5   DT  A "H2''" 4 
ATOM   952  H  "H1'"  . DT  A 1 5 ? 1.339  -3.972 0.589  1.00 0.00 ? 5   DT  A "H1'"  4 
ATOM   953  H  H3     . DT  A 1 5 ? 0.002  -0.445 3.036  1.00 0.00 ? 5   DT  A H3     4 
ATOM   954  H  H71    . DT  A 1 5 ? -2.303 -3.589 5.975  1.00 0.00 ? 5   DT  A H71    4 
ATOM   955  H  H72    . DT  A 1 5 ? -3.534 -3.103 4.804  1.00 0.00 ? 5   DT  A H72    4 
ATOM   956  H  H73    . DT  A 1 5 ? -2.855 -4.742 4.740  1.00 0.00 ? 5   DT  A H73    4 
ATOM   957  H  H6     . DT  A 1 5 ? -1.207 -5.088 3.157  1.00 0.00 ? 5   DT  A H6     4 
ATOM   958  P  P      . DT  A 1 6 ? 3.610  -7.144 -0.041 1.00 0.00 ? 6   DT  A P      4 
ATOM   959  O  OP1    . DT  A 1 6 ? 4.300  -7.687 -1.230 1.00 0.00 ? 6   DT  A OP1    4 
ATOM   960  O  OP2    . DT  A 1 6 ? 3.518  -8.094 1.087  1.00 0.00 ? 6   DT  A OP2    4 
ATOM   961  O  "O5'"  . DT  A 1 6 ? 4.328  -5.794 0.439  1.00 0.00 ? 6   DT  A "O5'"  4 
ATOM   962  C  "C5'"  . DT  A 1 6 ? 5.532  -5.315 -0.142 1.00 0.00 ? 6   DT  A "C5'"  4 
ATOM   963  C  "C4'"  . DT  A 1 6 ? 5.759  -3.813 0.115  1.00 0.00 ? 6   DT  A "C4'"  4 
ATOM   964  O  "O4'"  . DT  A 1 6 ? 5.155  -3.005 -0.893 1.00 0.00 ? 6   DT  A "O4'"  4 
ATOM   965  C  "C3'"  . DT  A 1 6 ? 5.298  -3.308 1.475  1.00 0.00 ? 6   DT  A "C3'"  4 
ATOM   966  O  "O3'"  . DT  A 1 6 ? 6.192  -2.272 1.881  1.00 0.00 ? 6   DT  A "O3'"  4 
ATOM   967  C  "C2'"  . DT  A 1 6 ? 3.930  -2.811 1.035  1.00 0.00 ? 6   DT  A "C2'"  4 
ATOM   968  C  "C1'"  . DT  A 1 6 ? 4.251  -2.107 -0.269 1.00 0.00 ? 6   DT  A "C1'"  4 
ATOM   969  N  N1     . DT  A 1 6 ? 3.021  -1.892 -1.071 1.00 0.00 ? 6   DT  A N1     4 
ATOM   970  C  C2     . DT  A 1 6 ? 2.443  -0.622 -1.149 1.00 0.00 ? 6   DT  A C2     4 
ATOM   971  O  O2     . DT  A 1 6 ? 2.999  0.395  -0.749 1.00 0.00 ? 6   DT  A O2     4 
ATOM   972  N  N3     . DT  A 1 6 ? 1.192  -0.552 -1.740 1.00 0.00 ? 6   DT  A N3     4 
ATOM   973  C  C4     . DT  A 1 6 ? 0.509  -1.610 -2.305 1.00 0.00 ? 6   DT  A C4     4 
ATOM   974  O  O4     . DT  A 1 6 ? -0.608 -1.421 -2.778 1.00 0.00 ? 6   DT  A O4     4 
ATOM   975  C  C5     . DT  A 1 6 ? 1.226  -2.878 -2.283 1.00 0.00 ? 6   DT  A C5     4 
ATOM   976  C  C7     . DT  A 1 6 ? 0.625  -4.088 -2.972 1.00 0.00 ? 6   DT  A C7     4 
ATOM   977  C  C6     . DT  A 1 6 ? 2.425  -2.976 -1.650 1.00 0.00 ? 6   DT  A C6     4 
ATOM   978  H  "H5'"  . DT  A 1 6 ? 5.514  -5.471 -1.221 1.00 0.00 ? 6   DT  A "H5'"  4 
ATOM   979  H  "H5''" . DT  A 1 6 ? 6.364  -5.882 0.275  1.00 0.00 ? 6   DT  A "H5''" 4 
ATOM   980  H  "H4'"  . DT  A 1 6 ? 6.813  -3.628 0.100  1.00 0.00 ? 6   DT  A "H4'"  4 
ATOM   981  H  "H3'"  . DT  A 1 6 ? 5.237  -4.109 2.215  1.00 0.00 ? 6   DT  A "H3'"  4 
ATOM   982  H  "H2'"  . DT  A 1 6 ? 3.264  -3.645 0.871  1.00 0.00 ? 6   DT  A "H2'"  4 
ATOM   983  H  "H2''" . DT  A 1 6 ? 3.447  -2.148 1.716  1.00 0.00 ? 6   DT  A "H2''" 4 
ATOM   984  H  "H1'"  . DT  A 1 6 ? 4.729  -1.153 -0.043 1.00 0.00 ? 6   DT  A "H1'"  4 
ATOM   985  H  H3     . DT  A 1 6 ? 0.716  0.345  -1.762 1.00 0.00 ? 6   DT  A H3     4 
ATOM   986  H  H71    . DT  A 1 6 ? -0.368 -4.276 -2.562 1.00 0.00 ? 6   DT  A H71    4 
ATOM   987  H  H72    . DT  A 1 6 ? 1.269  -4.961 -2.860 1.00 0.00 ? 6   DT  A H72    4 
ATOM   988  H  H73    . DT  A 1 6 ? 0.495  -3.884 -4.032 1.00 0.00 ? 6   DT  A H73    4 
ATOM   989  H  H6     . DT  A 1 6 ? 2.970  -3.897 -1.562 1.00 0.00 ? 6   DT  A H6     4 
ATOM   990  P  P      . DT  A 1 7 ? 6.158  -1.662 3.362  1.00 0.00 ? 7   DT  A P      4 
ATOM   991  O  OP1    . DT  A 1 7 ? 7.195  -0.609 3.525  1.00 0.00 ? 7   DT  A OP1    4 
ATOM   992  O  OP2    . DT  A 1 7 ? 6.064  -2.765 4.335  1.00 0.00 ? 7   DT  A OP2    4 
ATOM   993  O  "O5'"  . DT  A 1 7 ? 4.738  -0.941 3.346  1.00 0.00 ? 7   DT  A "O5'"  4 
ATOM   994  C  "C5'"  . DT  A 1 7 ? 4.507  0.341  2.796  1.00 0.00 ? 7   DT  A "C5'"  4 
ATOM   995  C  "C4'"  . DT  A 1 7 ? 3.774  1.104  3.895  1.00 0.00 ? 7   DT  A "C4'"  4 
ATOM   996  O  "O4'"  . DT  A 1 7 ? 2.552  0.449  4.210  1.00 0.00 ? 7   DT  A "O4'"  4 
ATOM   997  C  "C3'"  . DT  A 1 7 ? 4.591  1.201  5.191  1.00 0.00 ? 7   DT  A "C3'"  4 
ATOM   998  O  "O3'"  . DT  A 1 7 ? 4.629  2.536  5.648  1.00 0.00 ? 7   DT  A "O3'"  4 
ATOM   999  C  "C2'"  . DT  A 1 7 ? 3.858  0.328  6.192  1.00 0.00 ? 7   DT  A "C2'"  4 
ATOM   1000 C  "C1'"  . DT  A 1 7 ? 2.453  0.231  5.606  1.00 0.00 ? 7   DT  A "C1'"  4 
ATOM   1001 N  N1     . DT  A 1 7 ? 1.844  -1.094 5.885  1.00 0.00 ? 7   DT  A N1     4 
ATOM   1002 C  C2     . DT  A 1 7 ? 0.770  -1.150 6.778  1.00 0.00 ? 7   DT  A C2     4 
ATOM   1003 O  O2     . DT  A 1 7 ? 0.300  -0.163 7.338  1.00 0.00 ? 7   DT  A O2     4 
ATOM   1004 N  N3     . DT  A 1 7 ? 0.248  -2.399 7.036  1.00 0.00 ? 7   DT  A N3     4 
ATOM   1005 C  C4     . DT  A 1 7 ? 0.703  -3.593 6.507  1.00 0.00 ? 7   DT  A C4     4 
ATOM   1006 O  O4     . DT  A 1 7 ? 0.117  -4.627 6.808  1.00 0.00 ? 7   DT  A O4     4 
ATOM   1007 C  C5     . DT  A 1 7 ? 1.859  -3.467 5.622  1.00 0.00 ? 7   DT  A C5     4 
ATOM   1008 C  C7     . DT  A 1 7 ? 2.491  -4.701 5.001  1.00 0.00 ? 7   DT  A C7     4 
ATOM   1009 C  C6     . DT  A 1 7 ? 2.382  -2.244 5.346  1.00 0.00 ? 7   DT  A C6     4 
ATOM   1010 H  "H5'"  . DT  A 1 7 ? 3.897  0.303  1.881  1.00 0.00 ? 7   DT  A "H5'"  4 
ATOM   1011 H  "H5''" . DT  A 1 7 ? 5.442  0.854  2.567  1.00 0.00 ? 7   DT  A "H5''" 4 
ATOM   1012 H  "H4'"  . DT  A 1 7 ? 3.581  2.104  3.528  1.00 0.00 ? 7   DT  A "H4'"  4 
ATOM   1013 H  "H3'"  . DT  A 1 7 ? 5.599  0.813  5.057  1.00 0.00 ? 7   DT  A "H3'"  4 
ATOM   1014 H  "H2'"  . DT  A 1 7 ? 4.340  -0.651 6.228  1.00 0.00 ? 7   DT  A "H2'"  4 
ATOM   1015 H  "H2''" . DT  A 1 7 ? 3.845  0.772  7.187  1.00 0.00 ? 7   DT  A "H2''" 4 
ATOM   1016 H  "H1'"  . DT  A 1 7 ? 1.837  1.024  6.034  1.00 0.00 ? 7   DT  A "H1'"  4 
ATOM   1017 H  H3     . DT  A 1 7 ? -0.531 -2.444 7.666  1.00 0.00 ? 7   DT  A H3     4 
ATOM   1018 H  H71    . DT  A 1 7 ? 1.724  -5.282 4.490  1.00 0.00 ? 7   DT  A H71    4 
ATOM   1019 H  H72    . DT  A 1 7 ? 2.920  -5.320 5.788  1.00 0.00 ? 7   DT  A H72    4 
ATOM   1020 H  H73    . DT  A 1 7 ? 3.275  -4.428 4.290  1.00 0.00 ? 7   DT  A H73    4 
ATOM   1021 H  H6     . DT  A 1 7 ? 3.250  -2.162 4.704  1.00 0.00 ? 7   DT  A H6     4 
ATOM   1022 P  P      . DA  A 1 8 ? 5.803  3.519  5.180  1.00 0.00 ? 8   DA  A P      4 
ATOM   1023 O  OP1    . DA  A 1 8 ? 7.108  2.903  5.505  1.00 0.00 ? 8   DA  A OP1    4 
ATOM   1024 O  OP2    . DA  A 1 8 ? 5.371  4.830  5.713  1.00 0.00 ? 8   DA  A OP2    4 
ATOM   1025 O  "O5'"  . DA  A 1 8 ? 5.652  3.537  3.595  1.00 0.00 ? 8   DA  A "O5'"  4 
ATOM   1026 C  "C5'"  . DA  A 1 8 ? 6.075  4.646  2.825  1.00 0.00 ? 8   DA  A "C5'"  4 
ATOM   1027 C  "C4'"  . DA  A 1 8 ? 5.866  4.381  1.324  1.00 0.00 ? 8   DA  A "C4'"  4 
ATOM   1028 O  "O4'"  . DA  A 1 8 ? 4.713  3.598  1.042  1.00 0.00 ? 8   DA  A "O4'"  4 
ATOM   1029 C  "C3'"  . DA  A 1 8 ? 5.613  5.676  0.556  1.00 0.00 ? 8   DA  A "C3'"  4 
ATOM   1030 O  "O3'"  . DA  A 1 8 ? 5.914  5.491  -0.813 1.00 0.00 ? 8   DA  A "O3'"  4 
ATOM   1031 C  "C2'"  . DA  A 1 8 ? 4.110  5.872  0.741  1.00 0.00 ? 8   DA  A "C2'"  4 
ATOM   1032 C  "C1'"  . DA  A 1 8 ? 3.575  4.437  0.913  1.00 0.00 ? 8   DA  A "C1'"  4 
ATOM   1033 N  N9     . DA  A 1 8 ? 2.678  4.199  2.078  1.00 0.00 ? 8   DA  A N9     4 
ATOM   1034 C  C8     . DA  A 1 8 ? 2.685  4.745  3.337  1.00 0.00 ? 8   DA  A C8     4 
ATOM   1035 N  N7     . DA  A 1 8 ? 1.831  4.215  4.183  1.00 0.00 ? 8   DA  A N7     4 
ATOM   1036 C  C5     . DA  A 1 8 ? 1.195  3.233  3.401  1.00 0.00 ? 8   DA  A C5     4 
ATOM   1037 C  C6     . DA  A 1 8 ? 0.228  2.212  3.624  1.00 0.00 ? 8   DA  A C6     4 
ATOM   1038 N  N6     . DA  A 1 8 ? -0.426 1.934  4.745  1.00 0.00 ? 8   DA  A N6     4 
ATOM   1039 N  N1     . DA  A 1 8 ? -0.013 1.302  2.684  1.00 0.00 ? 8   DA  A N1     4 
ATOM   1040 C  C2     . DA  A 1 8 ? 0.639  1.375  1.534  1.00 0.00 ? 8   DA  A C2     4 
ATOM   1041 N  N3     . DA  A 1 8 ? 1.486  2.314  1.150  1.00 0.00 ? 8   DA  A N3     4 
ATOM   1042 C  C4     . DA  A 1 8 ? 1.735  3.208  2.136  1.00 0.00 ? 8   DA  A C4     4 
ATOM   1043 H  "H5'"  . DA  A 1 8 ? 7.135  4.834  3.007  1.00 0.00 ? 8   DA  A "H5'"  4 
ATOM   1044 H  "H5''" . DA  A 1 8 ? 5.522  5.532  3.134  1.00 0.00 ? 8   DA  A "H5''" 4 
ATOM   1045 H  "H4'"  . DA  A 1 8 ? 6.753  3.878  0.937  1.00 0.00 ? 8   DA  A "H4'"  4 
ATOM   1046 H  "H3'"  . DA  A 1 8 ? 6.183  6.514  0.962  1.00 0.00 ? 8   DA  A "H3'"  4 
ATOM   1047 H  "HO3'" . DA  A 1 8 ? 5.504  4.665  -1.095 1.00 0.00 ? 8   DA  A "HO3'" 4 
ATOM   1048 H  "H2'"  . DA  A 1 8 ? 3.917  6.481  1.621  1.00 0.00 ? 8   DA  A "H2'"  4 
ATOM   1049 H  "H2''" . DA  A 1 8 ? 3.682  6.362  -0.131 1.00 0.00 ? 8   DA  A "H2''" 4 
ATOM   1050 H  "H1'"  . DA  A 1 8 ? 3.037  4.137  0.008  1.00 0.00 ? 8   DA  A "H1'"  4 
ATOM   1051 H  H8     . DA  A 1 8 ? 3.396  5.501  3.613  1.00 0.00 ? 8   DA  A H8     4 
ATOM   1052 H  H61    . DA  A 1 8 ? -0.330 2.513  5.559  1.00 0.00 ? 8   DA  A H61    4 
ATOM   1053 H  H62    . DA  A 1 8 ? -0.978 1.080  4.751  1.00 0.00 ? 8   DA  A H62    4 
ATOM   1054 H  H2     . DA  A 1 8 ? 0.455  0.575  0.835  1.00 0.00 ? 8   DA  A H2     4 
HETATM 1055 NA NA     . NA  B 2 . ? 7.990  1.154  4.510  1.00 0.00 ? 101 NA  A NA     4 
HETATM 1056 NA NA     . NA  C 2 . ? -8.007 -0.904 -4.827 1.00 0.00 ? 102 NA  A NA     4 
HETATM 1057 NA NA     . NA  D 2 . ? -4.638 -8.968 -3.086 1.00 0.00 ? 103 NA  A NA     4 
HETATM 1058 NA NA     . NA  E 2 . ? 3.242  4.374  6.185  1.00 0.00 ? 104 NA  A NA     4 
HETATM 1059 NA NA     . NA  F 2 . ? 1.028  1.097  -7.999 1.00 0.00 ? 105 NA  A NA     4 
HETATM 1060 NA NA     . NA  G 2 . ? 4.602  -9.651 -0.142 1.00 0.00 ? 106 NA  A NA     4 
ATOM   1061 O  "O5'"  . DT  A 1 1 ? 2.406  7.661  -2.661 1.00 0.00 ? 1   DT  A "O5'"  5 
ATOM   1062 C  "C5'"  . DT  A 1 1 ? 3.265  6.678  -3.218 1.00 0.00 ? 1   DT  A "C5'"  5 
ATOM   1063 C  "C4'"  . DT  A 1 1 ? 2.532  5.367  -3.510 1.00 0.00 ? 1   DT  A "C4'"  5 
ATOM   1064 O  "O4'"  . DT  A 1 1 ? 2.004  4.803  -2.317 1.00 0.00 ? 1   DT  A "O4'"  5 
ATOM   1065 C  "C3'"  . DT  A 1 1 ? 1.377  5.548  -4.504 1.00 0.00 ? 1   DT  A "C3'"  5 
ATOM   1066 O  "O3'"  . DT  A 1 1 ? 1.640  4.749  -5.647 1.00 0.00 ? 1   DT  A "O3'"  5 
ATOM   1067 C  "C2'"  . DT  A 1 1 ? 0.161  5.080  -3.710 1.00 0.00 ? 1   DT  A "C2'"  5 
ATOM   1068 C  "C1'"  . DT  A 1 1 ? 0.796  4.163  -2.671 1.00 0.00 ? 1   DT  A "C1'"  5 
ATOM   1069 N  N1     . DT  A 1 1 ? -0.089 3.941  -1.503 1.00 0.00 ? 1   DT  A N1     5 
ATOM   1070 C  C2     . DT  A 1 1 ? -0.655 2.672  -1.340 1.00 0.00 ? 1   DT  A C2     5 
ATOM   1071 O  O2     . DT  A 1 1 ? -0.362 1.709  -2.042 1.00 0.00 ? 1   DT  A O2     5 
ATOM   1072 N  N3     . DT  A 1 1 ? -1.579 2.527  -0.325 1.00 0.00 ? 1   DT  A N3     5 
ATOM   1073 C  C4     . DT  A 1 1 ? -1.895 3.506  0.597  1.00 0.00 ? 1   DT  A C4     5 
ATOM   1074 O  O4     . DT  A 1 1 ? -2.667 3.234  1.504  1.00 0.00 ? 1   DT  A O4     5 
ATOM   1075 C  C5     . DT  A 1 1 ? -1.246 4.796  0.390  1.00 0.00 ? 1   DT  A C5     5 
ATOM   1076 C  C7     . DT  A 1 1 ? -1.527 5.946  1.342  1.00 0.00 ? 1   DT  A C7     5 
ATOM   1077 C  C6     . DT  A 1 1 ? -0.387 4.978  -0.644 1.00 0.00 ? 1   DT  A C6     5 
ATOM   1078 H  "H5'"  . DT  A 1 1 ? 4.075  6.454  -2.530 1.00 0.00 ? 1   DT  A "H5'"  5 
ATOM   1079 H  "H5''" . DT  A 1 1 ? 3.694  7.050  -4.151 1.00 0.00 ? 1   DT  A "H5''" 5 
ATOM   1080 H  "H4'"  . DT  A 1 1 ? 3.247  4.664  -3.943 1.00 0.00 ? 1   DT  A "H4'"  5 
ATOM   1081 H  "H3'"  . DT  A 1 1 ? 1.261  6.596  -4.790 1.00 0.00 ? 1   DT  A "H3'"  5 
ATOM   1082 H  "H2'"  . DT  A 1 1 ? -0.304 5.942  -3.232 1.00 0.00 ? 1   DT  A "H2'"  5 
ATOM   1083 H  "H2''" . DT  A 1 1 ? -0.567 4.549  -4.323 1.00 0.00 ? 1   DT  A "H2''" 5 
ATOM   1084 H  "H1'"  . DT  A 1 1 ? 1.037  3.212  -3.141 1.00 0.00 ? 1   DT  A "H1'"  5 
ATOM   1085 H  H3     . DT  A 1 1 ? -2.006 1.619  -0.209 1.00 0.00 ? 1   DT  A H3     5 
ATOM   1086 H  H71    . DT  A 1 1 ? -2.590 6.186  1.315  1.00 0.00 ? 1   DT  A H71    5 
ATOM   1087 H  H72    . DT  A 1 1 ? -1.271 5.643  2.359  1.00 0.00 ? 1   DT  A H72    5 
ATOM   1088 H  H73    . DT  A 1 1 ? -0.952 6.832  1.072  1.00 0.00 ? 1   DT  A H73    5 
ATOM   1089 H  H6     . DT  A 1 1 ? 0.086  5.938  -0.801 1.00 0.00 ? 1   DT  A H6     5 
ATOM   1090 H  "HO5'" . DT  A 1 1 ? 2.919  8.445  -2.441 1.00 0.00 ? 1   DT  A "HO5'" 5 
ATOM   1091 P  P      . DT  A 1 2 ? 0.702  4.781  -6.948 1.00 0.00 ? 2   DT  A P      5 
ATOM   1092 O  OP1    . DT  A 1 2 ? 1.538  4.576  -8.149 1.00 0.00 ? 2   DT  A OP1    5 
ATOM   1093 O  OP2    . DT  A 1 2 ? -0.069 6.043  -6.968 1.00 0.00 ? 2   DT  A OP2    5 
ATOM   1094 O  "O5'"  . DT  A 1 2 ? -0.287 3.541  -6.757 1.00 0.00 ? 2   DT  A "O5'"  5 
ATOM   1095 C  "C5'"  . DT  A 1 2 ? -1.111 3.050  -7.801 1.00 0.00 ? 2   DT  A "C5'"  5 
ATOM   1096 C  "C4'"  . DT  A 1 2 ? -1.775 1.706  -7.441 1.00 0.00 ? 2   DT  A "C4'"  5 
ATOM   1097 O  "O4'"  . DT  A 1 2 ? -0.764 0.727  -7.237 1.00 0.00 ? 2   DT  A "O4'"  5 
ATOM   1098 C  "C3'"  . DT  A 1 2 ? -2.605 1.743  -6.153 1.00 0.00 ? 2   DT  A "C3'"  5 
ATOM   1099 O  "O3'"  . DT  A 1 2 ? -3.640 0.766  -6.238 1.00 0.00 ? 2   DT  A "O3'"  5 
ATOM   1100 C  "C2'"  . DT  A 1 2 ? -1.554 1.339  -5.123 1.00 0.00 ? 2   DT  A "C2'"  5 
ATOM   1101 C  "C1'"  . DT  A 1 2 ? -0.840 0.238  -5.906 1.00 0.00 ? 2   DT  A "C1'"  5 
ATOM   1102 N  N1     . DT  A 1 2 ? 0.524  -0.162 -5.457 1.00 0.00 ? 2   DT  A N1     5 
ATOM   1103 C  C2     . DT  A 1 2 ? 0.908  -1.486 -5.710 1.00 0.00 ? 2   DT  A C2     5 
ATOM   1104 O  O2     . DT  A 1 2 ? 0.163  -2.341 -6.182 1.00 0.00 ? 2   DT  A O2     5 
ATOM   1105 N  N3     . DT  A 1 2 ? 2.209  -1.827 -5.404 1.00 0.00 ? 2   DT  A N3     5 
ATOM   1106 C  C4     . DT  A 1 2 ? 3.149  -0.995 -4.835 1.00 0.00 ? 2   DT  A C4     5 
ATOM   1107 O  O4     . DT  A 1 2 ? 4.270  -1.442 -4.621 1.00 0.00 ? 2   DT  A O4     5 
ATOM   1108 C  C5     . DT  A 1 2 ? 2.666  0.347  -4.524 1.00 0.00 ? 2   DT  A C5     5 
ATOM   1109 C  C7     . DT  A 1 2 ? 3.595  1.353  -3.866 1.00 0.00 ? 2   DT  A C7     5 
ATOM   1110 C  C6     . DT  A 1 2 ? 1.385  0.704  -4.812 1.00 0.00 ? 2   DT  A C6     5 
ATOM   1111 H  "H5'"  . DT  A 1 2 ? -0.509 2.905  -8.698 1.00 0.00 ? 2   DT  A "H5'"  5 
ATOM   1112 H  "H5''" . DT  A 1 2 ? -1.886 3.785  -8.009 1.00 0.00 ? 2   DT  A "H5''" 5 
ATOM   1113 H  "H4'"  . DT  A 1 2 ? -2.417 1.399  -8.267 1.00 0.00 ? 2   DT  A "H4'"  5 
ATOM   1114 H  "H3'"  . DT  A 1 2 ? -3.008 2.741  -5.966 1.00 0.00 ? 2   DT  A "H3'"  5 
ATOM   1115 H  "H2'"  . DT  A 1 2 ? -0.918 2.179  -4.878 1.00 0.00 ? 2   DT  A "H2'"  5 
ATOM   1116 H  "H2''" . DT  A 1 2 ? -1.971 0.957  -4.204 1.00 0.00 ? 2   DT  A "H2''" 5 
ATOM   1117 H  "H1'"  . DT  A 1 2 ? -1.500 -0.634 -5.864 1.00 0.00 ? 2   DT  A "H1'"  5 
ATOM   1118 H  H3     . DT  A 1 2 ? 2.498  -2.763 -5.617 1.00 0.00 ? 2   DT  A H3     5 
ATOM   1119 H  H71    . DT  A 1 2 ? 3.064  2.259  -3.586 1.00 0.00 ? 2   DT  A H71    5 
ATOM   1120 H  H72    . DT  A 1 2 ? 4.400  1.600  -4.558 1.00 0.00 ? 2   DT  A H72    5 
ATOM   1121 H  H73    . DT  A 1 2 ? 4.040  0.907  -2.978 1.00 0.00 ? 2   DT  A H73    5 
ATOM   1122 H  H6     . DT  A 1 2 ? 1.036  1.684  -4.537 1.00 0.00 ? 2   DT  A H6     5 
ATOM   1123 P  P      . DT  A 1 3 ? -4.986 0.891  -5.368 1.00 0.00 ? 3   DT  A P      5 
ATOM   1124 O  OP1    . DT  A 1 3 ? -5.817 -0.332 -5.533 1.00 0.00 ? 3   DT  A OP1    5 
ATOM   1125 O  OP2    . DT  A 1 3 ? -5.579 2.217  -5.608 1.00 0.00 ? 3   DT  A OP2    5 
ATOM   1126 O  "O5'"  . DT  A 1 3 ? -4.409 0.889  -3.869 1.00 0.00 ? 3   DT  A "O5'"  5 
ATOM   1127 C  "C5'"  . DT  A 1 3 ? -4.060 -0.299 -3.174 1.00 0.00 ? 3   DT  A "C5'"  5 
ATOM   1128 C  "C4'"  . DT  A 1 3 ? -4.798 -0.322 -1.840 1.00 0.00 ? 3   DT  A "C4'"  5 
ATOM   1129 O  "O4'"  . DT  A 1 3 ? -4.344 0.727  -0.996 1.00 0.00 ? 3   DT  A "O4'"  5 
ATOM   1130 C  "C3'"  . DT  A 1 3 ? -6.294 -0.150 -2.053 1.00 0.00 ? 3   DT  A "C3'"  5 
ATOM   1131 O  "O3'"  . DT  A 1 3 ? -7.043 -1.155 -1.418 1.00 0.00 ? 3   DT  A "O3'"  5 
ATOM   1132 C  "C2'"  . DT  A 1 3 ? -6.615 1.231  -1.518 1.00 0.00 ? 3   DT  A "C2'"  5 
ATOM   1133 C  "C1'"  . DT  A 1 3 ? -5.446 1.518  -0.576 1.00 0.00 ? 3   DT  A "C1'"  5 
ATOM   1134 N  N1     . DT  A 1 3 ? -5.095 2.959  -0.623 1.00 0.00 ? 3   DT  A N1     5 
ATOM   1135 C  C2     . DT  A 1 3 ? -5.518 3.776  0.432  1.00 0.00 ? 3   DT  A C2     5 
ATOM   1136 O  O2     . DT  A 1 3 ? -6.104 3.354  1.426  1.00 0.00 ? 3   DT  A O2     5 
ATOM   1137 N  N3     . DT  A 1 3 ? -5.270 5.127  0.301  1.00 0.00 ? 3   DT  A N3     5 
ATOM   1138 C  C4     . DT  A 1 3 ? -4.654 5.738  -0.775 1.00 0.00 ? 3   DT  A C4     5 
ATOM   1139 O  O4     . DT  A 1 3 ? -4.492 6.952  -0.746 1.00 0.00 ? 3   DT  A O4     5 
ATOM   1140 C  C5     . DT  A 1 3 ? -4.257 4.828  -1.850 1.00 0.00 ? 3   DT  A C5     5 
ATOM   1141 C  C7     . DT  A 1 3 ? -3.601 5.363  -3.111 1.00 0.00 ? 3   DT  A C7     5 
ATOM   1142 C  C6     . DT  A 1 3 ? -4.484 3.493  -1.740 1.00 0.00 ? 3   DT  A C6     5 
ATOM   1143 H  "H5'"  . DT  A 1 3 ? -2.991 -0.332 -2.977 1.00 0.00 ? 3   DT  A "H5'"  5 
ATOM   1144 H  "H5''" . DT  A 1 3 ? -4.331 -1.184 -3.750 1.00 0.00 ? 3   DT  A "H5''" 5 
ATOM   1145 H  "H4'"  . DT  A 1 3 ? -4.625 -1.286 -1.384 1.00 0.00 ? 3   DT  A "H4'"  5 
ATOM   1146 H  "H3'"  . DT  A 1 3 ? -6.486 -0.178 -3.114 1.00 0.00 ? 3   DT  A "H3'"  5 
ATOM   1147 H  "H2'"  . DT  A 1 3 ? -6.612 1.917  -2.368 1.00 0.00 ? 3   DT  A "H2'"  5 
ATOM   1148 H  "H2''" . DT  A 1 3 ? -7.572 1.256  -0.998 1.00 0.00 ? 3   DT  A "H2''" 5 
ATOM   1149 H  "H1'"  . DT  A 1 3 ? -5.717 1.202  0.433  1.00 0.00 ? 3   DT  A "H1'"  5 
ATOM   1150 H  H3     . DT  A 1 3 ? -5.569 5.719  1.052  1.00 0.00 ? 3   DT  A H3     5 
ATOM   1151 H  H71    . DT  A 1 3 ? -3.340 4.553  -3.795 1.00 0.00 ? 3   DT  A H71    5 
ATOM   1152 H  H72    . DT  A 1 3 ? -2.704 5.918  -2.840 1.00 0.00 ? 3   DT  A H72    5 
ATOM   1153 H  H73    . DT  A 1 3 ? -4.290 6.045  -3.610 1.00 0.00 ? 3   DT  A H73    5 
ATOM   1154 H  H6     . DT  A 1 3 ? -4.191 2.831  -2.545 1.00 0.00 ? 3   DT  A H6     5 
HETATM 1155 C  C2     . MA7 A 1 4 ? -5.384 -1.387 3.258  1.00 0.00 ? 4   MA7 A C2     5 
HETATM 1156 C  C4     . MA7 A 1 4 ? -4.023 -1.700 1.550  1.00 0.00 ? 4   MA7 A C4     5 
HETATM 1157 C  C5     . MA7 A 1 4 ? -3.269 -0.587 1.823  1.00 0.00 ? 4   MA7 A C5     5 
HETATM 1158 C  C6     . MA7 A 1 4 ? -3.676 0.155  2.969  1.00 0.00 ? 4   MA7 A C6     5 
HETATM 1159 C  C8     . MA7 A 1 4 ? -2.392 -1.554 0.150  1.00 0.00 ? 4   MA7 A C8     5 
HETATM 1160 P  P      . MA7 A 1 4 ? -7.463 -2.468 -2.231 1.00 0.00 ? 4   MA7 A P      5 
HETATM 1161 O  OP1    . MA7 A 1 4 ? -6.304 -2.931 -3.033 1.00 0.00 ? 4   MA7 A OP1    5 
HETATM 1162 O  OP2    . MA7 A 1 4 ? -8.649 -2.116 -3.035 1.00 0.00 ? 4   MA7 A OP2    5 
HETATM 1163 O  "O5'"  . MA7 A 1 4 ? -7.821 -3.526 -1.067 1.00 0.00 ? 4   MA7 A "O5'"  5 
HETATM 1164 N  N9     . MA7 A 1 4 ? -3.403 -2.345 0.524  1.00 0.00 ? 4   MA7 A N9     5 
HETATM 1165 N  N3     . MA7 A 1 4 ? -5.106 -2.148 2.224  1.00 0.00 ? 4   MA7 A N3     5 
HETATM 1166 N  N1     . MA7 A 1 4 ? -4.755 -0.285 3.682  1.00 0.00 ? 4   MA7 A N1     5 
HETATM 1167 N  N6     . MA7 A 1 4 ? -3.004 1.238  3.378  1.00 0.00 ? 4   MA7 A N6     5 
HETATM 1168 N  N7     . MA7 A 1 4 ? -2.231 -0.475 0.879  1.00 0.00 ? 4   MA7 A N7     5 
HETATM 1169 C  CN     . MA7 A 1 4 ? -5.231 0.417  4.911  1.00 0.00 ? 4   MA7 A CN     5 
HETATM 1170 C  "C2'"  . MA7 A 1 4 ? -3.745 -4.701 1.108  1.00 0.00 ? 4   MA7 A "C2'"  5 
HETATM 1171 C  "C5'"  . MA7 A 1 4 ? -6.965 -3.761 0.052  1.00 0.00 ? 4   MA7 A "C5'"  5 
HETATM 1172 C  "C4'"  . MA7 A 1 4 ? -5.724 -4.557 -0.363 1.00 0.00 ? 4   MA7 A "C4'"  5 
HETATM 1173 O  "O4'"  . MA7 A 1 4 ? -4.704 -3.736 -0.898 1.00 0.00 ? 4   MA7 A "O4'"  5 
HETATM 1174 C  "C1'"  . MA7 A 1 4 ? -3.606 -3.688 -0.006 1.00 0.00 ? 4   MA7 A "C1'"  5 
HETATM 1175 C  "C3'"  . MA7 A 1 4 ? -4.998 -5.395 0.682  1.00 0.00 ? 4   MA7 A "C3'"  5 
HETATM 1176 O  "O3'"  . MA7 A 1 4 ? -4.731 -6.737 0.268  1.00 0.00 ? 4   MA7 A "O3'"  5 
HETATM 1177 H  H2     . MA7 A 1 4 ? -6.223 -1.769 3.802  1.00 0.00 ? 4   MA7 A H2     5 
HETATM 1178 H  H8     . MA7 A 1 4 ? -1.855 -1.921 -0.701 1.00 0.00 ? 4   MA7 A H8     5 
HETATM 1179 H  H61    . MA7 A 1 4 ? -3.298 1.778  4.172  1.00 0.00 ? 4   MA7 A H61    5 
HETATM 1180 H  H62    . MA7 A 1 4 ? -2.208 1.571  2.831  1.00 0.00 ? 4   MA7 A H62    5 
HETATM 1181 H  HN1    . MA7 A 1 4 ? -5.492 1.449  4.674  1.00 0.00 ? 4   MA7 A HN1    5 
HETATM 1182 H  HN2    . MA7 A 1 4 ? -4.447 0.399  5.672  1.00 0.00 ? 4   MA7 A HN2    5 
HETATM 1183 H  HN3    . MA7 A 1 4 ? -6.115 -0.069 5.326  1.00 0.00 ? 4   MA7 A HN3    5 
HETATM 1184 H  "H2'"  . MA7 A 1 4 ? -3.897 -4.258 2.087  1.00 0.00 ? 4   MA7 A "H2'"  5 
HETATM 1185 H  "H2''" . MA7 A 1 4 ? -2.899 -5.370 1.182  1.00 0.00 ? 4   MA7 A "H2''" 5 
HETATM 1186 H  "H5'"  . MA7 A 1 4 ? -7.525 -4.338 0.790  1.00 0.00 ? 4   MA7 A "H5'"  5 
HETATM 1187 H  "H5''" . MA7 A 1 4 ? -6.683 -2.809 0.493  1.00 0.00 ? 4   MA7 A "H5''" 5 
HETATM 1188 H  "H4'"  . MA7 A 1 4 ? -6.117 -5.241 -1.094 1.00 0.00 ? 4   MA7 A "H4'"  5 
HETATM 1189 H  "H1'"  . MA7 A 1 4 ? -2.714 -3.961 -0.550 1.00 0.00 ? 4   MA7 A "H1'"  5 
HETATM 1190 H  "H3'"  . MA7 A 1 4 ? -5.556 -5.317 1.578  1.00 0.00 ? 4   MA7 A "H3'"  5 
ATOM   1191 P  P      . DT  A 1 5 ? -3.947 -7.136 -1.111 1.00 0.00 ? 5   DT  A P      5 
ATOM   1192 O  OP1    . DT  A 1 5 ? -4.634 -6.508 -2.266 1.00 0.00 ? 5   DT  A OP1    5 
ATOM   1193 O  OP2    . DT  A 1 5 ? -3.719 -8.593 -1.103 1.00 0.00 ? 5   DT  A OP2    5 
ATOM   1194 O  "O5'"  . DT  A 1 5 ? -2.514 -6.407 -1.005 1.00 0.00 ? 5   DT  A "O5'"  5 
ATOM   1195 C  "C5'"  . DT  A 1 5 ? -1.441 -6.989 -0.291 1.00 0.00 ? 5   DT  A "C5'"  5 
ATOM   1196 C  "C4'"  . DT  A 1 5 ? -0.228 -6.066 -0.273 1.00 0.00 ? 5   DT  A "C4'"  5 
ATOM   1197 O  "O4'"  . DT  A 1 5 ? -0.524 -4.813 0.331  1.00 0.00 ? 5   DT  A "O4'"  5 
ATOM   1198 C  "C3'"  . DT  A 1 5 ? 0.978  -6.670 0.452  1.00 0.00 ? 5   DT  A "C3'"  5 
ATOM   1199 O  "O3'"  . DT  A 1 5 ? 2.093  -6.593 -0.426 1.00 0.00 ? 5   DT  A "O3'"  5 
ATOM   1200 C  "C2'"  . DT  A 1 5 ? 1.113  -5.791 1.696  1.00 0.00 ? 5   DT  A "C2'"  5 
ATOM   1201 C  "C1'"  . DT  A 1 5 ? 0.530  -4.468 1.209  1.00 0.00 ? 5   DT  A "C1'"  5 
ATOM   1202 N  N1     . DT  A 1 5 ? 0.004  -3.577 2.286  1.00 0.00 ? 5   DT  A N1     5 
ATOM   1203 C  C2     . DT  A 1 5 ? 0.378  -2.234 2.245  1.00 0.00 ? 5   DT  A C2     5 
ATOM   1204 O  O2     . DT  A 1 5 ? 1.050  -1.745 1.348  1.00 0.00 ? 5   DT  A O2     5 
ATOM   1205 N  N3     . DT  A 1 5 ? -0.082 -1.430 3.257  1.00 0.00 ? 5   DT  A N3     5 
ATOM   1206 C  C4     . DT  A 1 5 ? -1.023 -1.759 4.199  1.00 0.00 ? 5   DT  A C4     5 
ATOM   1207 O  O4     . DT  A 1 5 ? -1.409 -0.877 4.967  1.00 0.00 ? 5   DT  A O4     5 
ATOM   1208 C  C5     . DT  A 1 5 ? -1.457 -3.155 4.136  1.00 0.00 ? 5   DT  A C5     5 
ATOM   1209 C  C7     . DT  A 1 5 ? -2.539 -3.657 5.074  1.00 0.00 ? 5   DT  A C7     5 
ATOM   1210 C  C6     . DT  A 1 5 ? -0.915 -4.012 3.223  1.00 0.00 ? 5   DT  A C6     5 
ATOM   1211 H  "H5'"  . DT  A 1 5 ? -1.155 -7.884 -0.823 1.00 0.00 ? 5   DT  A "H5'"  5 
ATOM   1212 H  "H5''" . DT  A 1 5 ? -1.743 -7.244 0.725  1.00 0.00 ? 5   DT  A "H5''" 5 
ATOM   1213 H  "H4'"  . DT  A 1 5 ? 0.049  -5.919 -1.309 1.00 0.00 ? 5   DT  A "H4'"  5 
ATOM   1214 H  "H3'"  . DT  A 1 5 ? 0.794  -7.709 0.735  1.00 0.00 ? 5   DT  A "H3'"  5 
ATOM   1215 H  "H2'"  . DT  A 1 5 ? 0.522  -6.219 2.503  1.00 0.00 ? 5   DT  A "H2'"  5 
ATOM   1216 H  "H2''" . DT  A 1 5 ? 2.148  -5.665 2.013  1.00 0.00 ? 5   DT  A "H2''" 5 
ATOM   1217 H  "H1'"  . DT  A 1 5 ? 1.326  -3.965 0.637  1.00 0.00 ? 5   DT  A "H1'"  5 
ATOM   1218 H  H3     . DT  A 1 5 ? 0.162  -0.449 3.196  1.00 0.00 ? 5   DT  A H3     5 
ATOM   1219 H  H71    . DT  A 1 5 ? -2.209 -3.545 6.105  1.00 0.00 ? 5   DT  A H71    5 
ATOM   1220 H  H72    . DT  A 1 5 ? -2.772 -4.705 4.880  1.00 0.00 ? 5   DT  A H72    5 
ATOM   1221 H  H73    . DT  A 1 5 ? -3.442 -3.061 4.934  1.00 0.00 ? 5   DT  A H73    5 
ATOM   1222 H  H6     . DT  A 1 5 ? -1.231 -5.046 3.209  1.00 0.00 ? 5   DT  A H6     5 
ATOM   1223 P  P      . DT  A 1 6 ? 3.531  -7.184 -0.036 1.00 0.00 ? 6   DT  A P      5 
ATOM   1224 O  OP1    . DT  A 1 6 ? 4.197  -7.695 -1.252 1.00 0.00 ? 6   DT  A OP1    5 
ATOM   1225 O  OP2    . DT  A 1 6 ? 3.370  -8.198 1.029  1.00 0.00 ? 6   DT  A OP2    5 
ATOM   1226 O  "O5'"  . DT  A 1 6 ? 4.323  -5.915 0.536  1.00 0.00 ? 6   DT  A "O5'"  5 
ATOM   1227 C  "C5'"  . DT  A 1 6 ? 5.533  -5.445 -0.038 1.00 0.00 ? 6   DT  A "C5'"  5 
ATOM   1228 C  "C4'"  . DT  A 1 6 ? 5.755  -3.940 0.186  1.00 0.00 ? 6   DT  A "C4'"  5 
ATOM   1229 O  "O4'"  . DT  A 1 6 ? 5.151  -3.153 -0.842 1.00 0.00 ? 6   DT  A "O4'"  5 
ATOM   1230 C  "C3'"  . DT  A 1 6 ? 5.288  -3.415 1.536  1.00 0.00 ? 6   DT  A "C3'"  5 
ATOM   1231 O  "O3'"  . DT  A 1 6 ? 6.192  -2.385 1.929  1.00 0.00 ? 6   DT  A "O3'"  5 
ATOM   1232 C  "C2'"  . DT  A 1 6 ? 3.932  -2.911 1.073  1.00 0.00 ? 6   DT  A "C2'"  5 
ATOM   1233 C  "C1'"  . DT  A 1 6 ? 4.275  -2.219 -0.231 1.00 0.00 ? 6   DT  A "C1'"  5 
ATOM   1234 N  N1     . DT  A 1 6 ? 3.047  -1.959 -1.022 1.00 0.00 ? 6   DT  A N1     5 
ATOM   1235 C  C2     . DT  A 1 6 ? 2.498  -0.672 -1.056 1.00 0.00 ? 6   DT  A C2     5 
ATOM   1236 O  O2     . DT  A 1 6 ? 3.074  0.316  -0.611 1.00 0.00 ? 6   DT  A O2     5 
ATOM   1237 N  N3     . DT  A 1 6 ? 1.252  -0.551 -1.649 1.00 0.00 ? 6   DT  A N3     5 
ATOM   1238 C  C4     . DT  A 1 6 ? 0.540  -1.575 -2.238 1.00 0.00 ? 6   DT  A C4     5 
ATOM   1239 O  O4     . DT  A 1 6 ? -0.579 -1.349 -2.693 1.00 0.00 ? 6   DT  A O4     5 
ATOM   1240 C  C5     . DT  A 1 6 ? 1.223  -2.863 -2.255 1.00 0.00 ? 6   DT  A C5     5 
ATOM   1241 C  C7     . DT  A 1 6 ? 0.590  -4.037 -2.974 1.00 0.00 ? 6   DT  A C7     5 
ATOM   1242 C  C6     . DT  A 1 6 ? 2.420  -3.013 -1.629 1.00 0.00 ? 6   DT  A C6     5 
ATOM   1243 H  "H5'"  . DT  A 1 6 ? 5.528  -5.618 -1.114 1.00 0.00 ? 6   DT  A "H5'"  5 
ATOM   1244 H  "H5''" . DT  A 1 6 ? 6.364  -6.002 0.397  1.00 0.00 ? 6   DT  A "H5''" 5 
ATOM   1245 H  "H4'"  . DT  A 1 6 ? 6.807  -3.749 0.172  1.00 0.00 ? 6   DT  A "H4'"  5 
ATOM   1246 H  "H3'"  . DT  A 1 6 ? 5.213  -4.206 2.287  1.00 0.00 ? 6   DT  A "H3'"  5 
ATOM   1247 H  "H2'"  . DT  A 1 6 ? 3.250  -3.732 0.909  1.00 0.00 ? 6   DT  A "H2'"  5 
ATOM   1248 H  "H2''" . DT  A 1 6 ? 3.449  -2.233 1.738  1.00 0.00 ? 6   DT  A "H2''" 5 
ATOM   1249 H  "H1'"  . DT  A 1 6 ? 4.775  -1.274 -0.006 1.00 0.00 ? 6   DT  A "H1'"  5 
ATOM   1250 H  H3     . DT  A 1 6 ? 0.817  0.366  -1.674 1.00 0.00 ? 6   DT  A H3     5 
ATOM   1251 H  H71    . DT  A 1 6 ? 0.482  -3.799 -4.031 1.00 0.00 ? 6   DT  A H71    5 
ATOM   1252 H  H72    . DT  A 1 6 ? 1.206  -4.931 -2.877 1.00 0.00 ? 6   DT  A H72    5 
ATOM   1253 H  H73    . DT  A 1 6 ? -0.407 -4.209 -2.574 1.00 0.00 ? 6   DT  A H73    5 
ATOM   1254 H  H6     . DT  A 1 6 ? 2.933  -3.955 -1.574 1.00 0.00 ? 6   DT  A H6     5 
ATOM   1255 P  P      . DT  A 1 7 ? 6.150  -1.739 3.394  1.00 0.00 ? 7   DT  A P      5 
ATOM   1256 O  OP1    . DT  A 1 7 ? 7.202  -0.699 3.533  1.00 0.00 ? 7   DT  A OP1    5 
ATOM   1257 O  OP2    . DT  A 1 7 ? 6.035  -2.815 4.393  1.00 0.00 ? 7   DT  A OP2    5 
ATOM   1258 O  "O5'"  . DT  A 1 7 ? 4.736  -1.006 3.342  1.00 0.00 ? 7   DT  A "O5'"  5 
ATOM   1259 C  "C5'"  . DT  A 1 7 ? 4.524  0.272  2.769  1.00 0.00 ? 7   DT  A "C5'"  5 
ATOM   1260 C  "C4'"  . DT  A 1 7 ? 3.869  1.097  3.872  1.00 0.00 ? 7   DT  A "C4'"  5 
ATOM   1261 O  "O4'"  . DT  A 1 7 ? 2.644  0.496  4.278  1.00 0.00 ? 7   DT  A "O4'"  5 
ATOM   1262 C  "C3'"  . DT  A 1 7 ? 4.754  1.212  5.122  1.00 0.00 ? 7   DT  A "C3'"  5 
ATOM   1263 O  "O3'"  . DT  A 1 7 ? 4.835  2.556  5.549  1.00 0.00 ? 7   DT  A "O3'"  5 
ATOM   1264 C  "C2'"  . DT  A 1 7 ? 4.072  0.354  6.171  1.00 0.00 ? 7   DT  A "C2'"  5 
ATOM   1265 C  "C1'"  . DT  A 1 7 ? 2.628  0.296  5.681  1.00 0.00 ? 7   DT  A "C1'"  5 
ATOM   1266 N  N1     . DT  A 1 7 ? 1.992  -1.005 6.014  1.00 0.00 ? 7   DT  A N1     5 
ATOM   1267 C  C2     . DT  A 1 7 ? 0.973  -1.018 6.972  1.00 0.00 ? 7   DT  A C2     5 
ATOM   1268 O  O2     . DT  A 1 7 ? 0.566  -0.008 7.542  1.00 0.00 ? 7   DT  A O2     5 
ATOM   1269 N  N3     . DT  A 1 7 ? 0.426  -2.248 7.272  1.00 0.00 ? 7   DT  A N3     5 
ATOM   1270 C  C4     . DT  A 1 7 ? 0.787  -3.456 6.706  1.00 0.00 ? 7   DT  A C4     5 
ATOM   1271 O  O4     . DT  A 1 7 ? 0.180  -4.466 7.043  1.00 0.00 ? 7   DT  A O4     5 
ATOM   1272 C  C5     . DT  A 1 7 ? 1.875  -3.373 5.732  1.00 0.00 ? 7   DT  A C5     5 
ATOM   1273 C  C7     . DT  A 1 7 ? 2.389  -4.622 5.033  1.00 0.00 ? 7   DT  A C7     5 
ATOM   1274 C  C6     . DT  A 1 7 ? 2.433  -2.172 5.433  1.00 0.00 ? 7   DT  A C6     5 
ATOM   1275 H  "H5'"  . DT  A 1 7 ? 3.870  0.223  1.888  1.00 0.00 ? 7   DT  A "H5'"  5 
ATOM   1276 H  "H5''" . DT  A 1 7 ? 5.464  0.740  2.476  1.00 0.00 ? 7   DT  A "H5''" 5 
ATOM   1277 H  "H4'"  . DT  A 1 7 ? 3.686  2.088  3.476  1.00 0.00 ? 7   DT  A "H4'"  5 
ATOM   1278 H  "H3'"  . DT  A 1 7 ? 5.750  0.814  4.940  1.00 0.00 ? 7   DT  A "H3'"  5 
ATOM   1279 H  "H2'"  . DT  A 1 7 ? 4.528  -0.637 6.173  1.00 0.00 ? 7   DT  A "H2'"  5 
ATOM   1280 H  "H2''" . DT  A 1 7 ? 4.138  0.799  7.165  1.00 0.00 ? 7   DT  A "H2''" 5 
ATOM   1281 H  "H1'"  . DT  A 1 7 ? 2.072  1.115  6.139  1.00 0.00 ? 7   DT  A "H1'"  5 
ATOM   1282 H  H3     . DT  A 1 7 ? -0.318 -2.262 7.942  1.00 0.00 ? 7   DT  A H3     5 
ATOM   1283 H  H71    . DT  A 1 7 ? 2.847  -5.285 5.769  1.00 0.00 ? 7   DT  A H71    5 
ATOM   1284 H  H72    . DT  A 1 7 ? 1.555  -5.149 4.573  1.00 0.00 ? 7   DT  A H72    5 
ATOM   1285 H  H73    . DT  A 1 7 ? 3.127  -4.374 4.267  1.00 0.00 ? 7   DT  A H73    5 
ATOM   1286 H  H6     . DT  A 1 7 ? 3.247  -2.121 4.724  1.00 0.00 ? 7   DT  A H6     5 
ATOM   1287 P  P      . DA  A 1 8 ? 5.989  3.517  4.989  1.00 0.00 ? 8   DA  A P      5 
ATOM   1288 O  OP1    . DA  A 1 8 ? 7.307  2.903  5.273  1.00 0.00 ? 8   DA  A OP1    5 
ATOM   1289 O  OP2    . DA  A 1 8 ? 5.593  4.848  5.497  1.00 0.00 ? 8   DA  A OP2    5 
ATOM   1290 O  "O5'"  . DA  A 1 8 ? 5.756  3.479  3.412  1.00 0.00 ? 8   DA  A "O5'"  5 
ATOM   1291 C  "C5'"  . DA  A 1 8 ? 6.129  4.559  2.577  1.00 0.00 ? 8   DA  A "C5'"  5 
ATOM   1292 C  "C4'"  . DA  A 1 8 ? 5.805  4.248  1.105  1.00 0.00 ? 8   DA  A "C4'"  5 
ATOM   1293 O  "O4'"  . DA  A 1 8 ? 4.622  3.479  0.940  1.00 0.00 ? 8   DA  A "O4'"  5 
ATOM   1294 C  "C3'"  . DA  A 1 8 ? 5.514  5.518  0.308  1.00 0.00 ? 8   DA  A "C3'"  5 
ATOM   1295 O  "O3'"  . DA  A 1 8 ? 5.716  5.267  -1.068 1.00 0.00 ? 8   DA  A "O3'"  5 
ATOM   1296 C  "C2'"  . DA  A 1 8 ? 4.031  5.752  0.596  1.00 0.00 ? 8   DA  A "C2'"  5 
ATOM   1297 C  "C1'"  . DA  A 1 8 ? 3.494  4.334  0.849  1.00 0.00 ? 8   DA  A "C1'"  5 
ATOM   1298 N  N9     . DA  A 1 8 ? 2.666  4.151  2.068  1.00 0.00 ? 8   DA  A N9     5 
ATOM   1299 C  C8     . DA  A 1 8 ? 2.776  4.712  3.317  1.00 0.00 ? 8   DA  A C8     5 
ATOM   1300 N  N7     . DA  A 1 8 ? 1.978  4.203  4.228  1.00 0.00 ? 8   DA  A N7     5 
ATOM   1301 C  C5     . DA  A 1 8 ? 1.263  3.231  3.502  1.00 0.00 ? 8   DA  A C5     5 
ATOM   1302 C  C6     . DA  A 1 8 ? 0.298  2.228  3.803  1.00 0.00 ? 8   DA  A C6     5 
ATOM   1303 N  N6     . DA  A 1 8 ? -0.253 1.948  4.975  1.00 0.00 ? 8   DA  A N6     5 
ATOM   1304 N  N1     . DA  A 1 8 ? -0.063 1.339  2.879  1.00 0.00 ? 8   DA  A N1     5 
ATOM   1305 C  C2     . DA  A 1 8 ? 0.497  1.399  1.680  1.00 0.00 ? 8   DA  A C2     5 
ATOM   1306 N  N3     . DA  A 1 8 ? 1.345  2.310  1.231  1.00 0.00 ? 8   DA  A N3     5 
ATOM   1307 C  C4     . DA  A 1 8 ? 1.697  3.193  2.199  1.00 0.00 ? 8   DA  A C4     5 
ATOM   1308 H  "H5'"  . DA  A 1 8 ? 7.202  4.741  2.674  1.00 0.00 ? 8   DA  A "H5'"  5 
ATOM   1309 H  "H5''" . DA  A 1 8 ? 5.608  5.460  2.897  1.00 0.00 ? 8   DA  A "H5''" 5 
ATOM   1310 H  "H4'"  . DA  A 1 8 ? 6.650  3.714  0.672  1.00 0.00 ? 8   DA  A "H4'"  5 
ATOM   1311 H  "H3'"  . DA  A 1 8 ? 6.127  6.361  0.636  1.00 0.00 ? 8   DA  A "H3'"  5 
ATOM   1312 H  "HO3'" . DA  A 1 8 ? 5.247  4.456  -1.292 1.00 0.00 ? 8   DA  A "HO3'" 5 
ATOM   1313 H  "H2'"  . DA  A 1 8 ? 3.917  6.387  1.473  1.00 0.00 ? 8   DA  A "H2'"  5 
ATOM   1314 H  "H2''" . DA  A 1 8 ? 3.531  6.216  -0.254 1.00 0.00 ? 8   DA  A "H2''" 5 
ATOM   1315 H  "H1'"  . DA  A 1 8 ? 2.899  4.014  -0.012 1.00 0.00 ? 8   DA  A "H1'"  5 
ATOM   1316 H  H8     . DA  A 1 8 ? 3.517  5.462  3.533  1.00 0.00 ? 8   DA  A H8     5 
ATOM   1317 H  H61    . DA  A 1 8 ? -0.043 2.493  5.791  1.00 0.00 ? 8   DA  A H61    5 
ATOM   1318 H  H62    . DA  A 1 8 ? -0.769 1.071  5.036  1.00 0.00 ? 8   DA  A H62    5 
ATOM   1319 H  H2     . DA  A 1 8 ? 0.246  0.601  1.000  1.00 0.00 ? 8   DA  A H2     5 
HETATM 1320 NA NA     . NA  B 2 . ? -7.410 -1.673 -4.888 1.00 0.00 ? 101 NA  A NA     5 
HETATM 1321 NA NA     . NA  C 2 . ? -4.852 -4.557 -3.167 1.00 0.00 ? 102 NA  A NA     5 
HETATM 1322 NA NA     . NA  D 2 . ? 4.373  -9.735 -0.291 1.00 0.00 ? 103 NA  A NA     5 
HETATM 1323 NA NA     . NA  E 2 . ? 3.508  4.425  6.137  1.00 0.00 ? 104 NA  A NA     5 
HETATM 1324 NA NA     . NA  F 2 . ? 0.909  6.604  -8.934 1.00 0.00 ? 105 NA  A NA     5 
HETATM 1325 NA NA     . NA  G 2 . ? 8.126  1.081  4.362  1.00 0.00 ? 106 NA  A NA     5 
# 
